data_9CZ1
#
_entry.id   9CZ1
#
_cell.length_a   1.00
_cell.length_b   1.00
_cell.length_c   1.00
_cell.angle_alpha   90.00
_cell.angle_beta   90.00
_cell.angle_gamma   90.00
#
_symmetry.space_group_name_H-M   'P 1'
#
loop_
_entity.id
_entity.type
_entity.pdbx_description
1 polymer 'Modulator of FtsH protease HflK'
2 polymer 'Modulator of FtsH protease HflC'
#
loop_
_entity_poly.entity_id
_entity_poly.type
_entity_poly.pdbx_seq_one_letter_code
_entity_poly.pdbx_strand_id
1 'polypeptide(L)'
;MAWNQPGNNGQDRDPWGSSKPGGNSEGNGNKGGRDQGPPDLDDIFRKLSKKLGGLGGGKGTGSGGGSSSQGPRPQLGGRV
VTIAAAAIVIIWAASGFYTIKEAERGVVTRFGKFSHLVEPGLNWKPTFIDEVKPVNVEAVRELAASGVMLTSDENVVRVE
MNVQYRVTNPEKYLYSVTSPDDSLRQATDSALRGVIGKYTMDRILTEGRTVIRSDTQRELEETIRPYDMGITLLDVNFQA
ARPPEEVKAAFDDAIAARENEQQYIREAEAYTNEVQPRANGQAQRILEEARAYKAQTILEAQGEVARFAKLLPEYKAAPE
ITRERLYIETMEKVLGNTRKVLVNDKGGNLMVLPLDQMLKGGNAPAAKSDNGASNLLRLPPASSSTTSGASNTSSTSQGD
IMDQRRANAQRNDYQRQGE
;
XA,XC,XE,XG,XI,XK,XM,XO,XQ,XS,XU,XW
2 'polypeptide(L)'
;MRKSVIAIIIIVLVVLYMSVFVVKEGERGITLRFGKVLRDDDNKPLVYEPGLHFKIPFIETVKMLDARIQTMDNQADRFV
TKEKKDLIVDSYIKWRISDFSRYYLATGGGDISQAEVLLKRKFSDRLRSEIGRLDVKDIVTDSRGRLTLEVRDALNSGSA
GTEDEVTTPAADNAIAEAAERVTAETKGKVPVINPNSMAALGIEVVDVRIKQINLPTEVSEAIYNRMRAEREAVARRHRS
QGQEEAEKLRATADYEVTRTLAEAERQGRIMRGEGDAEAAKLFADAFSKDPDFYAFIRSLRAYENSFSGNQDVMVMSPDS
DFFRYMKTPTSATR
;
XB,XD,XF,XH,XJ,XL,XN,XP,XR,XT,XV,XX
#
# COMPACT_ATOMS: atom_id res chain seq x y z
N GLU A 246 24.21 26.25 -58.00
CA GLU A 246 24.38 26.31 -59.45
C GLU A 246 25.25 25.15 -59.93
N VAL A 247 25.60 25.18 -61.21
CA VAL A 247 26.44 24.11 -61.77
C VAL A 247 27.83 24.14 -61.17
N LYS A 248 28.33 25.33 -60.80
CA LYS A 248 29.66 25.43 -60.21
C LYS A 248 29.71 24.68 -58.88
N ALA A 249 28.74 24.93 -58.00
CA ALA A 249 28.67 24.21 -56.73
C ALA A 249 28.60 22.70 -56.94
N ALA A 250 27.90 22.28 -57.99
CA ALA A 250 27.77 20.86 -58.30
C ALA A 250 29.13 20.25 -58.63
N PHE A 251 29.89 20.91 -59.51
CA PHE A 251 31.20 20.39 -59.88
C PHE A 251 32.18 20.48 -58.71
N ASP A 252 31.99 21.46 -57.82
CA ASP A 252 32.85 21.58 -56.65
C ASP A 252 32.75 20.32 -55.78
N ASP A 253 31.52 19.91 -55.46
CA ASP A 253 31.30 18.72 -54.66
C ASP A 253 31.90 17.49 -55.34
N ALA A 254 31.80 17.41 -56.67
CA ALA A 254 32.35 16.29 -57.42
C ALA A 254 33.83 16.11 -57.14
N ILE A 255 34.62 17.18 -57.27
CA ILE A 255 36.04 17.09 -57.01
C ILE A 255 36.28 16.92 -55.50
N ALA A 256 35.40 17.49 -54.68
CA ALA A 256 35.52 17.34 -53.23
C ALA A 256 35.39 15.87 -52.83
N ALA A 257 34.56 15.11 -53.55
CA ALA A 257 34.37 13.71 -53.24
C ALA A 257 35.65 12.92 -53.52
N ARG A 258 36.30 13.19 -54.66
CA ARG A 258 37.55 12.52 -54.99
C ARG A 258 38.56 12.66 -53.87
N GLU A 259 38.70 13.88 -53.33
CA GLU A 259 39.60 14.09 -52.20
C GLU A 259 39.11 13.29 -51.00
N ASN A 260 37.81 13.33 -50.73
CA ASN A 260 37.27 12.57 -49.62
C ASN A 260 37.42 11.07 -49.86
N GLU A 261 37.38 10.64 -51.12
CA GLU A 261 37.53 9.23 -51.44
C GLU A 261 38.94 8.76 -51.11
N GLN A 262 39.95 9.45 -51.63
CA GLN A 262 41.34 9.10 -51.32
C GLN A 262 41.65 9.30 -49.85
N GLN A 263 40.96 10.24 -49.20
CA GLN A 263 41.20 10.51 -47.78
C GLN A 263 40.83 9.29 -46.94
N TYR A 264 39.62 8.75 -47.16
CA TYR A 264 39.18 7.53 -46.47
C TYR A 264 40.25 6.45 -46.56
N ILE A 265 40.74 6.19 -47.78
CA ILE A 265 41.78 5.20 -47.98
C ILE A 265 43.00 5.52 -47.14
N ARG A 266 43.51 6.76 -47.25
CA ARG A 266 44.66 7.16 -46.46
C ARG A 266 44.38 7.04 -44.97
N GLU A 267 43.18 7.47 -44.55
CA GLU A 267 42.80 7.36 -43.14
C GLU A 267 42.73 5.91 -42.71
N ALA A 268 42.11 5.06 -43.54
CA ALA A 268 41.99 3.64 -43.24
C ALA A 268 43.38 3.02 -43.04
N GLU A 269 44.32 3.33 -43.93
CA GLU A 269 45.68 2.81 -43.81
C GLU A 269 46.27 3.14 -42.45
N ALA A 270 46.13 4.40 -42.02
CA ALA A 270 46.62 4.81 -40.70
C ALA A 270 46.02 3.93 -39.60
N TYR A 271 44.69 3.79 -39.60
CA TYR A 271 44.01 2.96 -38.61
C TYR A 271 44.59 1.54 -38.57
N THR A 272 44.65 0.89 -39.73
CA THR A 272 45.21 -0.46 -39.81
C THR A 272 46.64 -0.49 -39.28
N ASN A 273 47.48 0.39 -39.80
CA ASN A 273 48.86 0.48 -39.35
C ASN A 273 48.95 0.74 -37.84
N GLU A 274 48.18 1.73 -37.36
CA GLU A 274 48.19 2.11 -35.95
C GLU A 274 47.90 0.93 -35.02
N VAL A 275 46.77 0.25 -35.23
CA VAL A 275 46.36 -0.84 -34.35
C VAL A 275 47.42 -1.94 -34.27
N GLN A 276 48.08 -2.26 -35.39
CA GLN A 276 49.07 -3.35 -35.46
C GLN A 276 50.09 -3.32 -34.32
N PRO A 277 50.92 -2.27 -34.14
CA PRO A 277 51.80 -2.31 -32.96
C PRO A 277 51.06 -2.30 -31.63
N ARG A 278 49.83 -1.76 -31.62
CA ARG A 278 49.03 -1.74 -30.40
C ARG A 278 48.78 -3.14 -29.88
N ALA A 279 48.42 -4.06 -30.77
CA ALA A 279 48.13 -5.43 -30.36
C ALA A 279 49.38 -6.13 -29.85
N ASN A 280 50.52 -5.92 -30.52
CA ASN A 280 51.77 -6.54 -30.08
C ASN A 280 52.06 -6.23 -28.62
N GLY A 281 51.92 -4.96 -28.23
CA GLY A 281 52.12 -4.61 -26.83
C GLY A 281 51.15 -5.30 -25.92
N GLN A 282 49.86 -5.28 -26.29
CA GLN A 282 48.83 -5.96 -25.52
C GLN A 282 49.10 -7.44 -25.38
N ALA A 283 49.67 -8.07 -26.43
CA ALA A 283 49.95 -9.49 -26.38
C ALA A 283 51.04 -9.81 -25.37
N GLN A 284 52.14 -9.05 -25.41
CA GLN A 284 53.23 -9.25 -24.46
C GLN A 284 52.73 -9.15 -23.02
N ARG A 285 51.86 -8.17 -22.75
CA ARG A 285 51.32 -7.99 -21.40
C ARG A 285 50.57 -9.25 -20.95
N ILE A 286 49.69 -9.76 -21.81
CA ILE A 286 48.95 -10.99 -21.54
C ILE A 286 49.91 -12.10 -21.12
N LEU A 287 50.91 -12.37 -21.97
CA LEU A 287 51.89 -13.41 -21.67
C LEU A 287 52.60 -13.15 -20.34
N GLU A 288 53.04 -11.91 -20.11
CA GLU A 288 53.71 -11.58 -18.85
C GLU A 288 52.77 -11.80 -17.68
N GLU A 289 51.50 -11.38 -17.81
CA GLU A 289 50.54 -11.57 -16.73
C GLU A 289 50.38 -13.05 -16.39
N ALA A 290 50.40 -13.92 -17.41
CA ALA A 290 50.29 -15.35 -17.16
C ALA A 290 51.46 -15.86 -16.34
N ARG A 291 52.68 -15.43 -16.71
CA ARG A 291 53.88 -15.83 -15.96
C ARG A 291 53.76 -15.42 -14.50
N ALA A 292 53.33 -14.18 -14.26
CA ALA A 292 53.14 -13.68 -12.90
C ALA A 292 52.21 -14.59 -12.11
N TYR A 293 51.05 -14.90 -12.69
CA TYR A 293 50.08 -15.80 -12.05
C TYR A 293 50.75 -17.13 -11.71
N LYS A 294 51.39 -17.77 -12.69
CA LYS A 294 52.09 -19.03 -12.47
C LYS A 294 53.09 -18.90 -11.32
N ALA A 295 54.00 -17.92 -11.41
CA ALA A 295 55.00 -17.70 -10.37
C ALA A 295 54.34 -17.42 -9.02
N GLN A 296 53.37 -16.50 -9.00
CA GLN A 296 52.69 -16.18 -7.75
C GLN A 296 51.97 -17.39 -7.17
N THR A 297 51.26 -18.14 -8.02
CA THR A 297 50.56 -19.35 -7.58
C THR A 297 51.51 -20.32 -6.89
N ILE A 298 52.64 -20.63 -7.54
CA ILE A 298 53.63 -21.56 -6.98
C ILE A 298 54.11 -21.08 -5.62
N LEU A 299 54.45 -19.79 -5.52
CA LEU A 299 54.94 -19.24 -4.26
C LEU A 299 53.86 -19.32 -3.18
N GLU A 300 52.61 -19.01 -3.54
CA GLU A 300 51.51 -19.08 -2.57
C GLU A 300 51.38 -20.48 -1.99
N ALA A 301 51.52 -21.50 -2.82
CA ALA A 301 51.42 -22.89 -2.35
C ALA A 301 52.46 -23.19 -1.27
N GLN A 302 53.72 -22.87 -1.55
CA GLN A 302 54.81 -23.07 -0.59
C GLN A 302 54.46 -22.52 0.79
N GLY A 303 54.10 -21.24 0.84
CA GLY A 303 53.72 -20.62 2.11
C GLY A 303 52.60 -21.37 2.81
N GLU A 304 51.49 -21.57 2.11
CA GLU A 304 50.34 -22.28 2.67
C GLU A 304 50.73 -23.69 3.11
N VAL A 305 51.49 -24.41 2.27
CA VAL A 305 51.93 -25.76 2.61
C VAL A 305 52.74 -25.75 3.89
N ALA A 306 53.74 -24.87 3.96
CA ALA A 306 54.57 -24.74 5.16
C ALA A 306 53.72 -24.54 6.41
N ARG A 307 52.75 -23.63 6.33
CA ARG A 307 51.84 -23.37 7.45
C ARG A 307 51.14 -24.66 7.88
N PHE A 308 50.56 -25.37 6.92
CA PHE A 308 49.87 -26.62 7.20
C PHE A 308 50.81 -27.61 7.89
N ALA A 309 52.02 -27.77 7.36
CA ALA A 309 52.99 -28.70 7.94
C ALA A 309 53.26 -28.39 9.41
N LYS A 310 53.57 -27.13 9.72
CA LYS A 310 53.82 -26.72 11.10
C LYS A 310 52.64 -27.04 12.01
N LEU A 311 51.42 -26.75 11.56
CA LEU A 311 50.22 -26.97 12.36
C LEU A 311 49.91 -28.45 12.54
N LEU A 312 50.26 -29.31 11.58
CA LEU A 312 49.92 -30.73 11.64
C LEU A 312 50.37 -31.44 12.91
N PRO A 313 51.63 -31.38 13.35
CA PRO A 313 52.00 -32.07 14.60
C PRO A 313 51.21 -31.60 15.81
N GLU A 314 50.87 -30.31 15.87
CA GLU A 314 50.10 -29.80 17.01
C GLU A 314 48.73 -30.47 17.06
N TYR A 315 48.08 -30.65 15.90
CA TYR A 315 46.78 -31.30 15.87
C TYR A 315 46.88 -32.76 16.32
N LYS A 316 47.99 -33.43 15.99
CA LYS A 316 48.18 -34.82 16.39
C LYS A 316 48.22 -34.97 17.90
N ALA A 317 48.85 -34.02 18.58
CA ALA A 317 48.96 -34.09 20.04
C ALA A 317 47.60 -33.91 20.71
N ALA A 318 46.85 -32.87 20.32
CA ALA A 318 45.53 -32.58 20.88
C ALA A 318 44.55 -32.36 19.74
N PRO A 319 44.03 -33.43 19.13
CA PRO A 319 43.06 -33.25 18.05
C PRO A 319 41.71 -32.74 18.52
N GLU A 320 41.22 -33.25 19.65
CA GLU A 320 39.92 -32.83 20.15
C GLU A 320 39.91 -31.37 20.55
N ILE A 321 40.88 -30.95 21.35
CA ILE A 321 40.94 -29.56 21.80
C ILE A 321 41.18 -28.63 20.62
N THR A 322 42.09 -29.01 19.72
CA THR A 322 42.38 -28.18 18.56
C THR A 322 41.16 -28.04 17.66
N ARG A 323 40.46 -29.15 17.41
CA ARG A 323 39.27 -29.12 16.56
C ARG A 323 38.20 -28.21 17.15
N GLU A 324 37.95 -28.34 18.46
CA GLU A 324 36.93 -27.52 19.11
C GLU A 324 37.30 -26.04 19.03
N ARG A 325 38.56 -25.70 19.35
CA ARG A 325 39.03 -24.33 19.31
C ARG A 325 38.75 -23.68 17.95
N LEU A 326 39.25 -24.29 16.89
CA LEU A 326 39.05 -23.75 15.54
C LEU A 326 37.57 -23.63 15.19
N TYR A 327 36.81 -24.69 15.48
CA TYR A 327 35.36 -24.70 15.20
C TYR A 327 34.68 -23.47 15.78
N ILE A 328 34.84 -23.24 17.09
CA ILE A 328 34.23 -22.09 17.74
C ILE A 328 34.66 -20.79 17.07
N GLU A 329 35.97 -20.66 16.82
CA GLU A 329 36.51 -19.46 16.17
C GLU A 329 35.84 -19.21 14.83
N THR A 330 35.83 -20.22 13.96
CA THR A 330 35.22 -20.07 12.64
C THR A 330 33.74 -19.73 12.75
N MET A 331 32.99 -20.52 13.54
CA MET A 331 31.57 -20.30 13.69
C MET A 331 31.26 -18.86 14.14
N GLU A 332 32.10 -18.32 15.04
CA GLU A 332 31.91 -16.95 15.51
C GLU A 332 31.88 -15.95 14.35
N LYS A 333 32.85 -16.05 13.44
CA LYS A 333 32.93 -15.10 12.33
C LYS A 333 31.72 -15.19 11.40
N VAL A 334 31.37 -16.41 10.97
CA VAL A 334 30.21 -16.58 10.09
C VAL A 334 28.93 -16.10 10.78
N LEU A 335 28.74 -16.52 12.04
CA LEU A 335 27.57 -16.09 12.80
C LEU A 335 27.58 -14.60 13.12
N GLY A 336 28.72 -13.93 12.93
CA GLY A 336 28.88 -12.51 13.17
C GLY A 336 28.51 -11.62 12.01
N ASN A 337 28.14 -12.21 10.86
CA ASN A 337 27.80 -11.44 9.66
C ASN A 337 26.53 -11.96 9.00
N THR A 338 25.66 -12.64 9.75
CA THR A 338 24.39 -13.15 9.23
C THR A 338 23.29 -12.83 10.22
N ARG A 339 22.04 -12.99 9.77
CA ARG A 339 20.85 -12.70 10.57
C ARG A 339 20.29 -13.99 11.17
N LYS A 340 20.74 -14.33 12.37
CA LYS A 340 20.25 -15.51 13.07
C LYS A 340 18.82 -15.27 13.55
N VAL A 341 18.02 -16.33 13.58
CA VAL A 341 16.62 -16.23 14.01
C VAL A 341 16.29 -17.16 15.17
N LEU A 342 17.02 -18.26 15.38
CA LEU A 342 16.83 -19.15 16.53
C LEU A 342 15.37 -19.55 16.75
N VAL A 343 14.79 -20.24 15.76
CA VAL A 343 13.39 -20.65 15.81
C VAL A 343 13.28 -22.17 15.73
N ASN A 344 12.26 -22.67 16.42
CA ASN A 344 11.96 -24.09 16.49
C ASN A 344 11.86 -24.73 15.11
N ASP A 345 12.41 -25.94 15.01
CA ASP A 345 12.45 -26.70 13.76
C ASP A 345 11.22 -27.59 13.56
N LYS A 346 10.58 -28.02 14.65
CA LYS A 346 9.40 -28.87 14.61
C LYS A 346 8.42 -28.47 13.51
N GLY A 347 8.12 -27.17 13.41
CA GLY A 347 7.24 -26.64 12.38
C GLY A 347 8.02 -25.74 11.44
N GLY A 348 8.16 -26.17 10.19
CA GLY A 348 8.89 -25.43 9.18
C GLY A 348 8.02 -24.74 8.15
N ASN A 349 7.91 -23.41 8.22
CA ASN A 349 7.12 -22.67 7.25
C ASN A 349 7.63 -21.23 7.24
N LEU A 350 8.24 -20.83 6.13
CA LEU A 350 8.77 -19.49 5.96
C LEU A 350 8.74 -19.12 4.49
N MET A 351 9.05 -17.86 4.20
CA MET A 351 9.13 -17.34 2.84
C MET A 351 10.52 -16.74 2.64
N VAL A 352 10.92 -16.58 1.38
CA VAL A 352 12.25 -16.02 1.08
C VAL A 352 12.20 -14.51 0.93
N LEU A 353 11.24 -13.96 0.16
CA LEU A 353 11.08 -12.53 -0.06
C LEU A 353 12.41 -11.92 -0.53
N PRO A 354 12.88 -12.24 -1.73
CA PRO A 354 14.15 -11.73 -2.20
C PRO A 354 14.02 -10.31 -2.75
N LEU A 355 15.15 -9.79 -3.25
CA LEU A 355 15.21 -8.45 -3.82
C LEU A 355 16.13 -8.45 -5.03
N THR B 217 12.18 31.76 -67.38
CA THR B 217 13.38 31.50 -66.58
C THR B 217 13.20 30.26 -65.70
N GLU B 218 11.95 29.92 -65.38
CA GLU B 218 11.68 28.75 -64.55
C GLU B 218 12.18 27.48 -65.24
N VAL B 219 12.01 27.39 -66.56
CA VAL B 219 12.49 26.22 -67.29
C VAL B 219 14.01 26.14 -67.21
N SER B 220 14.69 27.28 -67.16
CA SER B 220 16.14 27.27 -67.05
C SER B 220 16.57 26.72 -65.70
N GLU B 221 15.92 27.17 -64.62
CA GLU B 221 16.20 26.69 -63.27
C GLU B 221 16.14 25.17 -63.21
N ALA B 222 15.12 24.58 -63.85
CA ALA B 222 14.98 23.13 -63.89
C ALA B 222 16.22 22.48 -64.49
N ILE B 223 16.61 22.91 -65.69
CA ILE B 223 17.80 22.40 -66.37
C ILE B 223 19.00 22.43 -65.43
N TYR B 224 19.19 23.57 -64.74
CA TYR B 224 20.31 23.68 -63.80
C TYR B 224 20.18 22.67 -62.68
N ASN B 225 19.00 22.61 -62.04
CA ASN B 225 18.77 21.63 -60.98
C ASN B 225 19.03 20.20 -61.44
N ARG B 226 18.75 19.90 -62.71
CA ARG B 226 19.01 18.56 -63.24
C ARG B 226 20.51 18.28 -63.20
N MET B 227 21.29 19.11 -63.89
CA MET B 227 22.75 18.96 -63.87
C MET B 227 23.28 18.96 -62.44
N ARG B 228 22.75 19.85 -61.61
CA ARG B 228 23.14 19.94 -60.20
C ARG B 228 22.96 18.60 -59.51
N ALA B 229 21.75 18.06 -59.54
CA ALA B 229 21.46 16.78 -58.88
C ALA B 229 22.20 15.62 -59.55
N GLU B 230 22.41 15.71 -60.86
CA GLU B 230 23.09 14.63 -61.58
C GLU B 230 24.52 14.46 -61.08
N ARG B 231 25.25 15.56 -60.89
CA ARG B 231 26.63 15.47 -60.44
C ARG B 231 26.73 14.98 -59.01
N GLU B 232 25.70 15.23 -58.18
CA GLU B 232 25.74 14.76 -56.80
C GLU B 232 25.81 13.24 -56.74
N ALA B 233 25.08 12.56 -57.61
CA ALA B 233 25.13 11.10 -57.66
C ALA B 233 26.55 10.61 -57.90
N VAL B 234 27.24 11.21 -58.87
CA VAL B 234 28.63 10.88 -59.15
C VAL B 234 29.48 10.99 -57.89
N ALA B 235 29.30 12.09 -57.15
CA ALA B 235 30.06 12.29 -55.92
C ALA B 235 29.70 11.23 -54.87
N ARG B 236 28.41 10.94 -54.73
CA ARG B 236 27.96 9.91 -53.80
C ARG B 236 28.68 8.59 -54.05
N ARG B 237 28.69 8.14 -55.31
CA ARG B 237 29.36 6.89 -55.66
C ARG B 237 30.85 6.95 -55.30
N HIS B 238 31.51 8.05 -55.66
CA HIS B 238 32.93 8.22 -55.33
C HIS B 238 33.16 8.06 -53.83
N ARG B 239 32.39 8.78 -53.01
CA ARG B 239 32.52 8.67 -51.58
C ARG B 239 32.16 7.27 -51.11
N SER B 240 31.12 6.67 -51.70
CA SER B 240 30.73 5.32 -51.34
C SER B 240 31.84 4.32 -51.62
N GLN B 241 32.49 4.43 -52.79
CA GLN B 241 33.58 3.54 -53.14
C GLN B 241 34.72 3.67 -52.13
N GLY B 242 35.08 4.90 -51.78
CA GLY B 242 36.13 5.11 -50.79
C GLY B 242 35.82 4.44 -49.48
N GLN B 243 34.57 4.57 -49.01
CA GLN B 243 34.16 3.96 -47.75
C GLN B 243 34.30 2.44 -47.82
N GLU B 244 33.93 1.84 -48.96
CA GLU B 244 34.05 0.39 -49.13
C GLU B 244 35.48 -0.07 -48.89
N GLU B 245 36.44 0.54 -49.60
CA GLU B 245 37.84 0.19 -49.43
C GLU B 245 38.27 0.34 -47.97
N ALA B 246 37.93 1.49 -47.36
CA ALA B 246 38.28 1.74 -45.96
C ALA B 246 37.74 0.64 -45.05
N GLU B 247 36.45 0.31 -45.17
CA GLU B 247 35.84 -0.73 -44.34
C GLU B 247 36.57 -2.05 -44.50
N LYS B 248 36.85 -2.46 -45.74
CA LYS B 248 37.54 -3.71 -46.00
C LYS B 248 38.89 -3.74 -45.29
N LEU B 249 39.70 -2.68 -45.49
CA LEU B 249 41.00 -2.57 -44.85
C LEU B 249 40.90 -2.74 -43.34
N ARG B 250 39.99 -1.99 -42.71
CA ARG B 250 39.79 -2.08 -41.27
C ARG B 250 39.44 -3.50 -40.85
N ALA B 251 38.51 -4.13 -41.57
CA ALA B 251 38.08 -5.49 -41.24
C ALA B 251 39.25 -6.48 -41.23
N THR B 252 40.05 -6.50 -42.30
CA THR B 252 41.19 -7.41 -42.33
C THR B 252 42.19 -7.08 -41.23
N ALA B 253 42.37 -5.80 -40.94
CA ALA B 253 43.28 -5.39 -39.88
C ALA B 253 42.83 -5.95 -38.53
N ASP B 254 41.53 -5.86 -38.24
CA ASP B 254 41.02 -6.37 -36.97
C ASP B 254 41.23 -7.88 -36.86
N TYR B 255 41.06 -8.61 -37.96
CA TYR B 255 41.29 -10.04 -37.97
C TYR B 255 42.71 -10.37 -37.48
N GLU B 256 43.71 -9.70 -38.06
CA GLU B 256 45.09 -9.91 -37.64
C GLU B 256 45.26 -9.59 -36.16
N VAL B 257 44.66 -8.49 -35.70
CA VAL B 257 44.73 -8.12 -34.30
C VAL B 257 44.16 -9.23 -33.43
N THR B 258 42.97 -9.72 -33.79
CA THR B 258 42.35 -10.83 -33.07
C THR B 258 43.28 -12.03 -33.02
N ARG B 259 43.84 -12.41 -34.17
CA ARG B 259 44.79 -13.51 -34.25
C ARG B 259 45.93 -13.36 -33.25
N THR B 260 46.61 -12.21 -33.31
CA THR B 260 47.71 -11.94 -32.37
C THR B 260 47.23 -12.00 -30.94
N LEU B 261 46.09 -11.37 -30.64
CA LEU B 261 45.55 -11.41 -29.29
C LEU B 261 45.15 -12.83 -28.90
N ALA B 262 44.66 -13.62 -29.86
CA ALA B 262 44.29 -14.99 -29.55
C ALA B 262 45.53 -15.85 -29.31
N GLU B 263 46.60 -15.59 -30.05
CA GLU B 263 47.84 -16.35 -29.87
C GLU B 263 48.38 -16.15 -28.46
N ALA B 264 48.38 -14.90 -27.98
CA ALA B 264 48.85 -14.61 -26.63
C ALA B 264 48.07 -15.40 -25.60
N GLU B 265 46.75 -15.50 -25.76
CA GLU B 265 45.92 -16.25 -24.83
C GLU B 265 46.37 -17.71 -24.76
N ARG B 266 46.58 -18.33 -25.93
CA ARG B 266 47.05 -19.72 -25.95
C ARG B 266 48.36 -19.86 -25.19
N GLN B 267 49.31 -18.97 -25.45
CA GLN B 267 50.58 -19.01 -24.73
C GLN B 267 50.35 -18.74 -23.25
N GLY B 268 49.50 -17.76 -22.94
CA GLY B 268 49.20 -17.46 -21.54
C GLY B 268 48.55 -18.63 -20.83
N ARG B 269 47.62 -19.31 -21.50
CA ARG B 269 46.93 -20.45 -20.90
C ARG B 269 47.91 -21.55 -20.53
N ILE B 270 48.86 -21.84 -21.43
CA ILE B 270 49.89 -22.86 -21.16
C ILE B 270 50.62 -22.54 -19.86
N MET B 271 51.09 -21.30 -19.71
CA MET B 271 51.78 -20.88 -18.50
C MET B 271 50.92 -21.09 -17.26
N ARG B 272 49.65 -20.68 -17.34
CA ARG B 272 48.74 -20.83 -16.19
C ARG B 272 48.61 -22.30 -15.80
N GLY B 273 48.45 -23.20 -16.77
CA GLY B 273 48.33 -24.61 -16.46
C GLY B 273 49.54 -25.14 -15.71
N GLU B 274 50.74 -24.85 -16.22
CA GLU B 274 51.98 -25.27 -15.58
C GLU B 274 52.01 -24.87 -14.11
N GLY B 275 51.77 -23.59 -13.83
CA GLY B 275 51.75 -23.12 -12.45
C GLY B 275 50.75 -23.86 -11.59
N ASP B 276 49.53 -24.03 -12.10
CA ASP B 276 48.50 -24.72 -11.33
C ASP B 276 48.87 -26.17 -11.07
N ALA B 277 49.48 -26.83 -12.06
CA ALA B 277 49.91 -28.21 -11.88
C ALA B 277 50.93 -28.33 -10.75
N GLU B 278 51.96 -27.47 -10.77
CA GLU B 278 52.97 -27.47 -9.73
C GLU B 278 52.34 -27.28 -8.36
N ALA B 279 51.43 -26.32 -8.23
CA ALA B 279 50.76 -26.07 -6.96
C ALA B 279 49.98 -27.28 -6.49
N ALA B 280 49.30 -27.97 -7.41
CA ALA B 280 48.52 -29.16 -7.04
C ALA B 280 49.43 -30.23 -6.45
N LYS B 281 50.59 -30.46 -7.06
CA LYS B 281 51.55 -31.44 -6.56
C LYS B 281 51.86 -31.20 -5.08
N LEU B 282 52.34 -30.00 -4.77
CA LEU B 282 52.65 -29.61 -3.40
C LEU B 282 51.49 -29.90 -2.45
N PHE B 283 50.29 -29.44 -2.83
CA PHE B 283 49.10 -29.66 -2.00
C PHE B 283 48.84 -31.15 -1.80
N ALA B 284 48.73 -31.89 -2.89
CA ALA B 284 48.48 -33.33 -2.79
C ALA B 284 49.58 -34.03 -2.02
N ASP B 285 50.83 -33.57 -2.18
CA ASP B 285 51.95 -34.18 -1.46
C ASP B 285 51.89 -33.85 0.03
N ALA B 286 51.71 -32.57 0.36
CA ALA B 286 51.70 -32.14 1.75
C ALA B 286 50.43 -32.55 2.49
N PHE B 287 49.28 -32.57 1.80
CA PHE B 287 48.01 -32.90 2.44
C PHE B 287 47.67 -34.39 2.41
N SER B 288 48.44 -35.21 1.69
CA SER B 288 48.16 -36.64 1.68
C SER B 288 48.47 -37.29 3.03
N LYS B 289 49.20 -36.60 3.90
CA LYS B 289 49.55 -37.15 5.21
C LYS B 289 48.33 -37.21 6.12
N ASP B 290 47.44 -36.22 6.04
CA ASP B 290 46.26 -36.15 6.90
C ASP B 290 45.11 -35.56 6.06
N PRO B 291 44.37 -36.41 5.34
CA PRO B 291 43.29 -35.87 4.48
C PRO B 291 42.13 -35.25 5.24
N ASP B 292 41.64 -35.90 6.30
CA ASP B 292 40.49 -35.37 7.03
C ASP B 292 40.81 -34.01 7.66
N PHE B 293 41.98 -33.89 8.29
CA PHE B 293 42.37 -32.63 8.91
C PHE B 293 42.36 -31.48 7.89
N TYR B 294 43.00 -31.70 6.73
CA TYR B 294 43.05 -30.67 5.70
C TYR B 294 41.65 -30.27 5.26
N ALA B 295 40.79 -31.25 4.99
CA ALA B 295 39.42 -30.95 4.57
C ALA B 295 38.70 -30.12 5.62
N PHE B 296 38.76 -30.54 6.88
CA PHE B 296 38.14 -29.79 7.96
C PHE B 296 38.70 -28.38 8.04
N ILE B 297 40.02 -28.23 7.87
CA ILE B 297 40.65 -26.92 7.91
C ILE B 297 40.17 -26.07 6.75
N ARG B 298 40.34 -26.57 5.52
CA ARG B 298 39.94 -25.81 4.33
C ARG B 298 38.44 -25.54 4.30
N SER B 299 37.64 -26.47 4.83
CA SER B 299 36.19 -26.26 4.84
C SER B 299 35.82 -25.04 5.68
N LEU B 300 36.44 -24.90 6.85
CA LEU B 300 36.16 -23.76 7.71
C LEU B 300 36.56 -22.46 7.03
N ARG B 301 37.76 -22.44 6.45
CA ARG B 301 38.27 -21.25 5.75
C ARG B 301 37.29 -20.81 4.66
N ALA B 302 36.74 -21.75 3.90
CA ALA B 302 35.85 -21.41 2.80
C ALA B 302 34.55 -20.77 3.31
N TYR B 303 33.98 -21.32 4.38
CA TYR B 303 32.75 -20.78 4.96
C TYR B 303 32.86 -19.28 5.22
N GLU B 304 33.88 -18.87 5.97
CA GLU B 304 34.11 -17.45 6.28
C GLU B 304 34.14 -16.60 5.01
N ASN B 305 34.99 -16.98 4.05
CA ASN B 305 35.12 -16.25 2.80
C ASN B 305 33.78 -16.14 2.08
N SER B 306 32.98 -17.20 2.13
CA SER B 306 31.68 -17.21 1.45
C SER B 306 30.65 -16.39 2.21
N PHE B 307 30.45 -16.68 3.49
CA PHE B 307 29.46 -15.99 4.31
C PHE B 307 29.91 -14.61 4.79
N SER B 308 31.12 -14.17 4.40
CA SER B 308 31.60 -12.84 4.78
C SER B 308 30.55 -11.77 4.48
N GLY B 309 30.04 -11.76 3.26
CA GLY B 309 28.98 -10.87 2.82
C GLY B 309 27.84 -10.80 3.82
N ASN B 310 27.37 -9.59 4.14
CA ASN B 310 26.30 -9.47 5.12
C ASN B 310 24.92 -9.64 4.53
N GLN B 311 24.80 -9.98 3.24
CA GLN B 311 23.50 -10.23 2.62
C GLN B 311 23.13 -11.71 2.72
N ASP B 312 23.14 -12.22 3.94
CA ASP B 312 22.81 -13.63 4.21
C ASP B 312 21.97 -13.70 5.47
N VAL B 313 20.90 -14.50 5.41
CA VAL B 313 19.99 -14.69 6.53
C VAL B 313 20.02 -16.18 6.88
N MET B 314 20.61 -16.51 8.02
CA MET B 314 20.71 -17.90 8.47
C MET B 314 19.64 -18.16 9.52
N VAL B 315 18.87 -19.23 9.33
CA VAL B 315 17.82 -19.59 10.28
C VAL B 315 18.21 -20.87 11.00
N MET B 316 18.82 -20.75 12.16
CA MET B 316 19.19 -21.90 12.98
C MET B 316 18.05 -22.25 13.93
N SER B 317 18.22 -23.38 14.62
CA SER B 317 17.26 -23.89 15.59
C SER B 317 17.87 -23.89 16.99
N PRO B 318 17.06 -23.81 18.05
CA PRO B 318 17.65 -23.86 19.40
C PRO B 318 18.17 -25.25 19.77
N ASP B 319 17.74 -26.29 19.06
CA ASP B 319 18.20 -27.65 19.32
C ASP B 319 19.57 -27.92 18.72
N SER B 320 20.06 -27.04 17.83
CA SER B 320 21.36 -27.18 17.19
C SER B 320 22.47 -27.56 18.17
N ASP B 321 23.34 -28.46 17.71
CA ASP B 321 24.46 -28.92 18.54
C ASP B 321 25.30 -27.74 19.03
N PHE B 322 25.52 -26.74 18.16
CA PHE B 322 26.29 -25.58 18.57
C PHE B 322 25.58 -24.83 19.69
N PHE B 323 24.26 -24.67 19.58
CA PHE B 323 23.45 -24.01 20.61
C PHE B 323 23.12 -25.01 21.70
N ARG B 324 24.17 -25.46 22.39
CA ARG B 324 24.08 -26.41 23.50
C ARG B 324 24.39 -25.78 24.84
N TYR B 325 25.31 -24.82 24.87
CA TYR B 325 25.67 -24.11 26.08
C TYR B 325 24.82 -22.85 26.28
N MET B 326 23.71 -22.74 25.55
CA MET B 326 22.79 -21.61 25.66
C MET B 326 21.48 -22.03 26.33
N LYS B 327 21.50 -23.13 27.08
CA LYS B 327 20.36 -23.67 27.81
C LYS B 327 20.70 -23.63 29.30
N THR B 328 19.77 -24.06 30.13
CA THR B 328 20.01 -24.03 31.57
C THR B 328 21.05 -25.10 31.93
N PRO B 329 22.13 -24.74 32.65
CA PRO B 329 23.09 -25.80 32.97
C PRO B 329 22.57 -26.76 34.03
N GLU C 246 -1.92 32.81 -64.53
CA GLU C 246 -3.10 32.35 -65.23
C GLU C 246 -2.76 31.05 -66.00
N VAL C 247 -3.39 30.82 -67.16
CA VAL C 247 -3.13 29.59 -67.91
C VAL C 247 -1.69 29.57 -68.42
N LYS C 248 -1.10 30.73 -68.67
CA LYS C 248 0.29 30.77 -69.13
C LYS C 248 1.22 30.22 -68.06
N ALA C 249 1.04 30.68 -66.82
CA ALA C 249 1.83 30.19 -65.70
C ALA C 249 1.71 28.69 -65.56
N ALA C 250 0.47 28.16 -65.67
CA ALA C 250 0.22 26.73 -65.55
C ALA C 250 1.07 25.92 -66.51
N PHE C 251 1.16 26.36 -67.77
CA PHE C 251 1.96 25.64 -68.76
C PHE C 251 3.41 25.53 -68.31
N ASP C 252 3.95 26.59 -67.73
CA ASP C 252 5.33 26.58 -67.23
C ASP C 252 5.51 25.48 -66.19
N ASP C 253 4.57 25.37 -65.26
CA ASP C 253 4.67 24.35 -64.21
C ASP C 253 4.69 22.94 -64.80
N ALA C 254 3.97 22.71 -65.90
CA ALA C 254 3.97 21.38 -66.52
C ALA C 254 5.36 21.02 -66.99
N ILE C 255 5.97 21.87 -67.83
CA ILE C 255 7.33 21.62 -68.29
C ILE C 255 8.29 21.49 -67.12
N ALA C 256 8.04 22.22 -66.04
CA ALA C 256 8.87 22.14 -64.85
C ALA C 256 8.84 20.73 -64.27
N ALA C 257 7.63 20.20 -64.04
CA ALA C 257 7.51 18.86 -63.49
C ALA C 257 8.05 17.82 -64.46
N ARG C 258 7.84 18.03 -65.76
CA ARG C 258 8.37 17.14 -66.79
C ARG C 258 9.87 16.94 -66.61
N GLU C 259 10.60 18.04 -66.42
CA GLU C 259 12.05 17.95 -66.20
C GLU C 259 12.34 17.30 -64.85
N ASN C 260 11.63 17.72 -63.81
CA ASN C 260 11.78 17.15 -62.46
C ASN C 260 11.70 15.62 -62.47
N GLU C 261 10.96 15.05 -63.42
CA GLU C 261 10.85 13.60 -63.51
C GLU C 261 12.23 12.97 -63.70
N GLN C 262 13.03 13.52 -64.61
CA GLN C 262 14.38 13.05 -64.83
C GLN C 262 15.20 13.11 -63.55
N GLN C 263 15.02 14.19 -62.76
CA GLN C 263 15.76 14.34 -61.51
C GLN C 263 15.46 13.20 -60.55
N TYR C 264 14.18 12.82 -60.44
CA TYR C 264 13.82 11.72 -59.53
C TYR C 264 14.52 10.43 -59.96
N ILE C 265 14.56 10.15 -61.26
CA ILE C 265 15.25 8.96 -61.78
C ILE C 265 16.71 8.98 -61.33
N ARG C 266 17.39 10.10 -61.53
CA ARG C 266 18.79 10.22 -61.14
C ARG C 266 18.98 9.96 -59.65
N GLU C 267 18.06 10.47 -58.82
CA GLU C 267 18.16 10.23 -57.38
C GLU C 267 18.09 8.74 -57.06
N ALA C 268 17.17 8.02 -57.68
CA ALA C 268 17.08 6.58 -57.46
C ALA C 268 18.34 5.88 -57.91
N GLU C 269 18.93 6.35 -59.03
CA GLU C 269 20.16 5.76 -59.52
C GLU C 269 21.28 5.91 -58.50
N ALA C 270 21.40 7.10 -57.91
CA ALA C 270 22.40 7.35 -56.88
C ALA C 270 22.29 6.34 -55.74
N TYR C 271 21.05 6.10 -55.27
CA TYR C 271 20.82 5.18 -54.16
C TYR C 271 21.42 3.80 -54.42
N THR C 272 21.03 3.17 -55.54
CA THR C 272 21.58 1.86 -55.87
C THR C 272 23.10 1.91 -55.98
N ASN C 273 23.62 2.90 -56.73
CA ASN C 273 25.07 3.09 -56.84
C ASN C 273 25.72 3.20 -55.47
N GLU C 274 25.24 4.14 -54.66
CA GLU C 274 25.78 4.38 -53.32
C GLU C 274 25.73 3.13 -52.44
N VAL C 275 24.53 2.56 -52.27
CA VAL C 275 24.34 1.43 -51.36
C VAL C 275 25.17 0.21 -51.78
N GLN C 276 25.33 -0.02 -53.10
CA GLN C 276 26.04 -1.20 -53.62
C GLN C 276 27.40 -1.43 -52.97
N PRO C 277 28.38 -0.51 -53.00
CA PRO C 277 29.64 -0.79 -52.29
C PRO C 277 29.47 -0.96 -50.79
N ARG C 278 28.48 -0.30 -50.20
CA ARG C 278 28.23 -0.42 -48.76
C ARG C 278 28.02 -1.87 -48.36
N ALA C 279 27.17 -2.57 -49.12
CA ALA C 279 26.91 -3.98 -48.82
C ALA C 279 28.19 -4.80 -48.97
N ASN C 280 28.91 -4.60 -50.08
CA ASN C 280 30.18 -5.29 -50.30
C ASN C 280 31.12 -5.12 -49.10
N GLY C 281 31.31 -3.88 -48.65
CA GLY C 281 32.13 -3.64 -47.48
C GLY C 281 31.59 -4.36 -46.26
N GLN C 282 30.29 -4.20 -46.01
CA GLN C 282 29.65 -4.87 -44.89
C GLN C 282 29.83 -6.38 -44.97
N ALA C 283 29.74 -6.94 -46.18
CA ALA C 283 29.92 -8.38 -46.36
C ALA C 283 31.32 -8.81 -45.96
N GLN C 284 32.33 -8.10 -46.46
CA GLN C 284 33.72 -8.39 -46.09
C GLN C 284 33.90 -8.38 -44.57
N ARG C 285 33.35 -7.36 -43.91
CA ARG C 285 33.48 -7.22 -42.46
C ARG C 285 32.97 -8.46 -41.73
N ILE C 286 31.73 -8.86 -41.98
CA ILE C 286 31.19 -10.06 -41.34
C ILE C 286 32.02 -11.29 -41.68
N LEU C 287 32.49 -11.37 -42.93
CA LEU C 287 33.30 -12.51 -43.35
C LEU C 287 34.61 -12.55 -42.56
N GLU C 288 35.27 -11.40 -42.42
CA GLU C 288 36.51 -11.32 -41.66
C GLU C 288 36.30 -11.80 -40.22
N GLU C 289 35.21 -11.36 -39.59
CA GLU C 289 34.91 -11.78 -38.22
C GLU C 289 34.82 -13.29 -38.11
N ALA C 290 34.22 -13.95 -39.10
CA ALA C 290 34.11 -15.40 -39.09
C ALA C 290 35.49 -16.04 -39.07
N ARG C 291 36.39 -15.57 -39.94
CA ARG C 291 37.75 -16.09 -39.98
C ARG C 291 38.43 -15.90 -38.64
N ALA C 292 38.29 -14.71 -38.04
CA ALA C 292 38.87 -14.44 -36.73
C ALA C 292 38.34 -15.41 -35.69
N TYR C 293 37.01 -15.61 -35.68
CA TYR C 293 36.39 -16.56 -34.74
C TYR C 293 37.00 -17.95 -34.91
N LYS C 294 37.07 -18.42 -36.15
CA LYS C 294 37.67 -19.72 -36.46
C LYS C 294 39.05 -19.86 -35.82
N ALA C 295 39.95 -18.93 -36.15
CA ALA C 295 41.30 -18.94 -35.60
C ALA C 295 41.27 -18.86 -34.08
N GLN C 296 40.48 -17.94 -33.54
CA GLN C 296 40.37 -17.79 -32.08
C GLN C 296 39.89 -19.08 -31.43
N THR C 297 38.82 -19.66 -31.99
CA THR C 297 38.27 -20.92 -31.48
C THR C 297 39.35 -21.99 -31.38
N ILE C 298 40.02 -22.27 -32.50
CA ILE C 298 41.09 -23.27 -32.54
C ILE C 298 42.14 -22.97 -31.46
N LEU C 299 42.65 -21.73 -31.44
CA LEU C 299 43.65 -21.35 -30.45
C LEU C 299 43.15 -21.54 -29.03
N GLU C 300 41.94 -21.04 -28.75
CA GLU C 300 41.35 -21.20 -27.41
C GLU C 300 41.27 -22.67 -27.03
N ALA C 301 40.81 -23.52 -27.95
CA ALA C 301 40.72 -24.95 -27.69
C ALA C 301 42.08 -25.53 -27.29
N GLN C 302 43.11 -25.28 -28.11
CA GLN C 302 44.46 -25.74 -27.84
C GLN C 302 44.89 -25.41 -26.41
N GLY C 303 44.73 -24.15 -26.00
CA GLY C 303 45.10 -23.75 -24.64
C GLY C 303 44.44 -24.59 -23.58
N GLU C 304 43.12 -24.75 -23.66
CA GLU C 304 42.40 -25.57 -22.70
C GLU C 304 42.89 -27.01 -22.74
N VAL C 305 43.10 -27.55 -23.94
CA VAL C 305 43.60 -28.92 -24.09
C VAL C 305 44.94 -29.05 -23.40
N ALA C 306 45.85 -28.10 -23.65
CA ALA C 306 47.17 -28.10 -23.02
C ALA C 306 47.07 -28.21 -21.51
N ARG C 307 46.27 -27.33 -20.90
CA ARG C 307 46.08 -27.36 -19.45
C ARG C 307 45.56 -28.72 -18.99
N PHE C 308 44.54 -29.24 -19.68
CA PHE C 308 43.97 -30.54 -19.32
C PHE C 308 45.01 -31.64 -19.38
N ALA C 309 45.77 -31.70 -20.49
CA ALA C 309 46.84 -32.69 -20.67
C ALA C 309 47.71 -32.82 -19.42
N LYS C 310 48.34 -31.71 -19.03
CA LYS C 310 49.18 -31.67 -17.82
C LYS C 310 48.46 -32.19 -16.58
N LEU C 311 47.33 -31.54 -16.25
CA LEU C 311 46.54 -31.81 -15.04
C LEU C 311 46.27 -33.29 -14.78
N LEU C 312 45.63 -33.99 -15.73
CA LEU C 312 45.17 -35.37 -15.56
C LEU C 312 46.19 -36.34 -14.98
N PRO C 313 47.38 -36.60 -15.62
CA PRO C 313 48.40 -37.47 -15.02
C PRO C 313 48.60 -37.25 -13.52
N GLU C 314 48.77 -35.98 -13.14
CA GLU C 314 48.93 -35.63 -11.74
C GLU C 314 47.70 -36.06 -10.94
N TYR C 315 46.50 -35.81 -11.48
CA TYR C 315 45.28 -36.20 -10.78
C TYR C 315 45.19 -37.72 -10.60
N LYS C 316 45.84 -38.49 -11.49
CA LYS C 316 45.83 -39.94 -11.36
C LYS C 316 46.72 -40.44 -10.22
N ALA C 317 47.43 -39.54 -9.52
CA ALA C 317 48.30 -39.91 -8.41
C ALA C 317 47.56 -39.79 -7.09
N ALA C 318 46.90 -38.66 -6.86
CA ALA C 318 46.12 -38.40 -5.64
C ALA C 318 44.80 -37.78 -6.09
N PRO C 319 43.84 -38.60 -6.54
CA PRO C 319 42.56 -38.05 -6.98
C PRO C 319 41.74 -37.47 -5.84
N GLU C 320 41.67 -38.18 -4.71
CA GLU C 320 40.85 -37.73 -3.59
C GLU C 320 41.27 -36.36 -3.07
N ILE C 321 42.57 -36.16 -2.85
CA ILE C 321 43.04 -34.89 -2.29
C ILE C 321 42.80 -33.73 -3.26
N THR C 322 43.17 -33.91 -4.54
CA THR C 322 42.98 -32.83 -5.49
C THR C 322 41.50 -32.58 -5.78
N ARG C 323 40.70 -33.65 -5.85
CA ARG C 323 39.27 -33.50 -6.09
C ARG C 323 38.60 -32.70 -4.97
N GLU C 324 38.94 -33.01 -3.72
CA GLU C 324 38.37 -32.30 -2.59
C GLU C 324 38.76 -30.83 -2.60
N ARG C 325 40.03 -30.54 -2.92
CA ARG C 325 40.50 -29.16 -2.95
C ARG C 325 39.76 -28.36 -4.00
N LEU C 326 39.61 -28.92 -5.20
CA LEU C 326 38.91 -28.22 -6.27
C LEU C 326 37.46 -27.96 -5.91
N TYR C 327 36.79 -28.95 -5.32
CA TYR C 327 35.39 -28.79 -4.93
C TYR C 327 35.22 -27.66 -3.92
N ILE C 328 36.10 -27.63 -2.90
CA ILE C 328 36.03 -26.56 -1.90
C ILE C 328 36.30 -25.21 -2.54
N GLU C 329 37.21 -25.17 -3.52
CA GLU C 329 37.55 -23.91 -4.19
C GLU C 329 36.35 -23.37 -4.96
N THR C 330 35.75 -24.19 -5.82
CA THR C 330 34.63 -23.74 -6.63
C THR C 330 33.44 -23.35 -5.75
N MET C 331 33.00 -24.26 -4.87
CA MET C 331 31.88 -23.98 -3.97
C MET C 331 32.04 -22.65 -3.24
N GLU C 332 33.27 -22.36 -2.80
CA GLU C 332 33.56 -21.10 -2.11
C GLU C 332 33.15 -19.89 -2.96
N LYS C 333 33.63 -19.84 -4.21
CA LYS C 333 33.36 -18.70 -5.08
C LYS C 333 31.86 -18.52 -5.34
N VAL C 334 31.18 -19.58 -5.80
CA VAL C 334 29.76 -19.49 -6.10
C VAL C 334 28.96 -19.05 -4.87
N LEU C 335 29.13 -19.76 -3.75
CA LEU C 335 28.43 -19.40 -2.52
C LEU C 335 28.71 -17.96 -2.12
N GLY C 336 29.94 -17.50 -2.30
CA GLY C 336 30.28 -16.14 -1.93
C GLY C 336 29.60 -15.09 -2.79
N ASN C 337 29.36 -15.40 -4.06
CA ASN C 337 28.72 -14.46 -4.97
C ASN C 337 27.21 -14.63 -5.06
N THR C 338 26.61 -15.51 -4.26
CA THR C 338 25.17 -15.71 -4.24
C THR C 338 24.67 -15.59 -2.81
N ARG C 339 23.37 -15.32 -2.67
CA ARG C 339 22.78 -15.21 -1.35
C ARG C 339 22.47 -16.60 -0.80
N LYS C 340 22.36 -16.68 0.53
CA LYS C 340 22.07 -17.93 1.22
C LYS C 340 20.95 -17.73 2.22
N VAL C 341 20.26 -18.83 2.55
CA VAL C 341 19.19 -18.80 3.54
C VAL C 341 19.39 -19.76 4.70
N LEU C 342 20.18 -20.84 4.53
CA LEU C 342 20.54 -21.81 5.57
C LEU C 342 19.37 -22.17 6.50
N VAL C 343 18.28 -22.67 5.91
CA VAL C 343 17.09 -23.04 6.66
C VAL C 343 16.87 -24.55 6.57
N ASN C 344 16.18 -25.07 7.58
CA ASN C 344 15.85 -26.50 7.66
C ASN C 344 15.09 -26.94 6.42
N ASP C 345 15.31 -28.20 6.04
CA ASP C 345 14.69 -28.79 4.85
C ASP C 345 13.72 -29.92 5.19
N LYS C 346 13.20 -29.95 6.43
CA LYS C 346 12.22 -30.98 6.78
C LYS C 346 10.80 -30.53 6.41
N GLY C 347 10.51 -29.24 6.58
CA GLY C 347 9.23 -28.66 6.22
C GLY C 347 9.44 -27.55 5.22
N GLY C 348 8.94 -27.73 3.99
CA GLY C 348 9.11 -26.74 2.95
C GLY C 348 7.85 -26.03 2.52
N ASN C 349 7.75 -24.74 2.83
CA ASN C 349 6.62 -23.91 2.43
C ASN C 349 7.12 -22.57 1.91
N LEU C 350 8.21 -22.60 1.16
CA LEU C 350 8.79 -21.37 0.62
C LEU C 350 8.06 -20.94 -0.65
N MET C 351 8.12 -19.65 -0.92
CA MET C 351 7.52 -19.05 -2.11
C MET C 351 8.63 -18.35 -2.90
N VAL C 352 8.72 -18.69 -4.19
CA VAL C 352 9.76 -18.16 -5.09
C VAL C 352 9.87 -16.63 -5.02
N LEU C 353 8.73 -15.92 -5.11
CA LEU C 353 8.65 -14.45 -5.13
C LEU C 353 9.70 -13.80 -6.03
N PRO C 354 9.61 -13.97 -7.35
CA PRO C 354 10.57 -13.35 -8.26
C PRO C 354 10.36 -11.85 -8.34
N LEU C 355 11.40 -11.08 -7.99
CA LEU C 355 11.36 -9.62 -8.04
C LEU C 355 10.88 -9.12 -9.41
N THR D 217 -18.94 37.57 -67.99
CA THR D 217 -17.50 37.42 -67.94
C THR D 217 -17.10 36.12 -67.27
N GLU D 218 -17.94 35.64 -66.35
CA GLU D 218 -17.68 34.38 -65.64
C GLU D 218 -17.37 33.24 -66.61
N VAL D 219 -18.18 33.12 -67.68
CA VAL D 219 -17.98 32.08 -68.69
C VAL D 219 -16.53 32.05 -69.17
N SER D 220 -16.01 33.21 -69.59
CA SER D 220 -14.62 33.27 -70.06
C SER D 220 -13.66 32.93 -68.93
N GLU D 221 -13.88 33.49 -67.74
CA GLU D 221 -13.03 33.22 -66.60
C GLU D 221 -13.00 31.74 -66.27
N ALA D 222 -14.15 31.06 -66.41
CA ALA D 222 -14.21 29.64 -66.10
C ALA D 222 -13.61 28.78 -67.21
N ILE D 223 -13.60 29.27 -68.45
CA ILE D 223 -13.02 28.50 -69.54
C ILE D 223 -11.52 28.36 -69.34
N TYR D 224 -10.87 29.41 -68.83
CA TYR D 224 -9.44 29.36 -68.60
C TYR D 224 -9.12 28.39 -67.47
N ASN D 225 -9.99 28.33 -66.45
CA ASN D 225 -9.75 27.42 -65.34
C ASN D 225 -9.81 25.96 -65.79
N ARG D 226 -10.65 25.64 -66.78
CA ARG D 226 -10.72 24.28 -67.27
C ARG D 226 -9.42 23.88 -67.96
N MET D 227 -8.86 24.79 -68.75
CA MET D 227 -7.58 24.53 -69.40
C MET D 227 -6.49 24.30 -68.36
N ARG D 228 -6.51 25.10 -67.29
CA ARG D 228 -5.52 24.97 -66.23
C ARG D 228 -5.57 23.59 -65.57
N ALA D 229 -6.79 23.05 -65.39
CA ALA D 229 -6.90 21.73 -64.78
C ALA D 229 -6.28 20.66 -65.66
N GLU D 230 -6.53 20.74 -66.98
CA GLU D 230 -5.93 19.79 -67.91
C GLU D 230 -4.42 19.80 -67.79
N ARG D 231 -3.83 21.01 -67.76
CA ARG D 231 -2.39 21.16 -67.61
C ARG D 231 -1.90 20.55 -66.31
N GLU D 232 -2.65 20.74 -65.23
CA GLU D 232 -2.28 20.20 -63.92
C GLU D 232 -2.24 18.68 -63.95
N ALA D 233 -3.22 18.06 -64.62
CA ALA D 233 -3.29 16.61 -64.69
C ALA D 233 -2.04 16.03 -65.37
N VAL D 234 -1.60 16.64 -66.48
CA VAL D 234 -0.41 16.17 -67.18
C VAL D 234 0.79 16.17 -66.24
N ALA D 235 0.98 17.27 -65.50
CA ALA D 235 2.08 17.37 -64.55
C ALA D 235 2.07 16.22 -63.56
N ARG D 236 0.90 15.92 -63.00
CA ARG D 236 0.75 14.81 -62.05
C ARG D 236 1.29 13.51 -62.65
N ARG D 237 0.72 13.11 -63.80
CA ARG D 237 1.13 11.89 -64.51
C ARG D 237 2.65 11.77 -64.61
N HIS D 238 3.30 12.76 -65.21
CA HIS D 238 4.75 12.76 -65.33
C HIS D 238 5.42 12.57 -63.97
N ARG D 239 5.13 13.48 -63.04
CA ARG D 239 5.67 13.41 -61.68
C ARG D 239 5.46 12.02 -61.06
N SER D 240 4.23 11.50 -61.16
CA SER D 240 3.93 10.18 -60.62
C SER D 240 4.74 9.10 -61.33
N GLN D 241 4.65 9.06 -62.66
CA GLN D 241 5.39 8.10 -63.48
C GLN D 241 6.85 8.01 -63.07
N GLY D 242 7.50 9.17 -62.89
CA GLY D 242 8.89 9.17 -62.48
C GLY D 242 9.08 8.55 -61.12
N GLN D 243 8.24 8.93 -60.16
CA GLN D 243 8.32 8.37 -58.81
C GLN D 243 8.16 6.85 -58.84
N GLU D 244 7.25 6.35 -59.69
CA GLU D 244 7.05 4.91 -59.81
C GLU D 244 8.35 4.22 -60.21
N GLU D 245 8.99 4.72 -61.29
CA GLU D 245 10.26 4.17 -61.75
C GLU D 245 11.30 4.22 -60.63
N ALA D 246 11.36 5.34 -59.91
CA ALA D 246 12.33 5.49 -58.83
C ALA D 246 12.13 4.44 -57.75
N GLU D 247 10.87 4.21 -57.34
CA GLU D 247 10.62 3.22 -56.30
C GLU D 247 11.02 1.83 -56.75
N LYS D 248 10.71 1.47 -57.99
CA LYS D 248 11.10 0.15 -58.52
C LYS D 248 12.60 -0.04 -58.45
N LEU D 249 13.36 0.98 -58.89
CA LEU D 249 14.83 0.91 -58.85
C LEU D 249 15.32 0.68 -57.43
N ARG D 250 14.82 1.46 -56.47
CA ARG D 250 15.22 1.29 -55.08
C ARG D 250 14.92 -0.10 -54.57
N ALA D 251 13.74 -0.64 -54.90
CA ALA D 251 13.34 -1.96 -54.44
C ALA D 251 14.33 -3.04 -54.90
N THR D 252 14.66 -3.05 -56.19
CA THR D 252 15.61 -4.05 -56.69
C THR D 252 16.97 -3.87 -56.04
N ALA D 253 17.37 -2.62 -55.79
CA ALA D 253 18.65 -2.35 -55.15
C ALA D 253 18.73 -3.01 -53.79
N ASP D 254 17.67 -2.85 -52.98
CA ASP D 254 17.64 -3.46 -51.66
C ASP D 254 17.77 -4.98 -51.76
N TYR D 255 17.08 -5.58 -52.72
CA TYR D 255 17.17 -7.03 -52.92
C TYR D 255 18.62 -7.46 -53.13
N GLU D 256 19.32 -6.78 -54.05
CA GLU D 256 20.73 -7.08 -54.30
C GLU D 256 21.54 -6.99 -53.02
N VAL D 257 21.34 -5.92 -52.25
CA VAL D 257 22.05 -5.77 -50.98
C VAL D 257 21.82 -6.98 -50.09
N THR D 258 20.55 -7.30 -49.84
CA THR D 258 20.21 -8.47 -49.03
C THR D 258 20.85 -9.73 -49.59
N ARG D 259 20.74 -9.93 -50.91
CA ARG D 259 21.33 -11.09 -51.56
C ARG D 259 22.83 -11.18 -51.29
N THR D 260 23.55 -10.07 -51.49
CA THR D 260 24.98 -10.07 -51.22
C THR D 260 25.27 -10.33 -49.76
N LEU D 261 24.55 -9.63 -48.86
CA LEU D 261 24.74 -9.85 -47.43
C LEU D 261 24.45 -11.29 -47.05
N ALA D 262 23.41 -11.89 -47.64
CA ALA D 262 23.07 -13.28 -47.33
C ALA D 262 24.16 -14.22 -47.84
N GLU D 263 24.67 -13.98 -49.06
CA GLU D 263 25.73 -14.81 -49.61
C GLU D 263 26.96 -14.78 -48.70
N ALA D 264 27.34 -13.58 -48.24
CA ALA D 264 28.47 -13.45 -47.35
C ALA D 264 28.22 -14.17 -46.03
N GLU D 265 26.98 -14.11 -45.53
CA GLU D 265 26.64 -14.79 -44.29
C GLU D 265 26.81 -16.29 -44.44
N ARG D 266 26.37 -16.85 -45.57
CA ARG D 266 26.52 -18.28 -45.81
C ARG D 266 27.99 -18.68 -45.74
N GLN D 267 28.87 -17.92 -46.39
CA GLN D 267 30.30 -18.20 -46.32
C GLN D 267 30.80 -18.10 -44.89
N GLY D 268 30.36 -17.07 -44.17
CA GLY D 268 30.78 -16.89 -42.78
C GLY D 268 30.44 -18.08 -41.89
N ARG D 269 29.21 -18.60 -42.03
CA ARG D 269 28.79 -19.73 -41.21
C ARG D 269 29.65 -20.96 -41.49
N ILE D 270 30.05 -21.16 -42.74
CA ILE D 270 30.91 -22.28 -43.10
C ILE D 270 32.20 -22.21 -42.28
N MET D 271 32.85 -21.04 -42.29
CA MET D 271 34.07 -20.83 -41.51
C MET D 271 33.85 -21.17 -40.05
N ARG D 272 32.77 -20.65 -39.46
CA ARG D 272 32.46 -20.92 -38.06
C ARG D 272 32.27 -22.42 -37.83
N GLY D 273 31.56 -23.09 -38.74
CA GLY D 273 31.35 -24.52 -38.59
C GLY D 273 32.65 -25.30 -38.64
N GLU D 274 33.53 -24.96 -39.58
CA GLU D 274 34.82 -25.63 -39.69
C GLU D 274 35.62 -25.47 -38.40
N GLY D 275 35.68 -24.24 -37.88
CA GLY D 275 36.38 -24.00 -36.62
C GLY D 275 35.91 -24.91 -35.51
N ASP D 276 34.59 -25.01 -35.32
CA ASP D 276 34.04 -25.86 -34.28
C ASP D 276 34.40 -27.32 -34.51
N ALA D 277 34.27 -27.79 -35.75
CA ALA D 277 34.60 -29.17 -36.09
C ALA D 277 36.03 -29.51 -35.65
N GLU D 278 36.99 -28.68 -36.03
CA GLU D 278 38.37 -28.90 -35.61
C GLU D 278 38.48 -28.85 -34.08
N ALA D 279 37.86 -27.83 -33.48
CA ALA D 279 37.86 -27.69 -32.02
C ALA D 279 37.34 -28.95 -31.35
N ALA D 280 36.25 -29.53 -31.90
CA ALA D 280 35.66 -30.73 -31.31
C ALA D 280 36.66 -31.88 -31.28
N LYS D 281 37.26 -32.19 -32.45
CA LYS D 281 38.29 -33.21 -32.58
C LYS D 281 39.31 -33.13 -31.44
N LEU D 282 39.94 -31.95 -31.31
CA LEU D 282 40.90 -31.69 -30.23
C LEU D 282 40.34 -32.10 -28.87
N PHE D 283 39.21 -31.50 -28.50
CA PHE D 283 38.56 -31.78 -27.23
C PHE D 283 38.32 -33.28 -27.04
N ALA D 284 37.75 -33.94 -28.06
CA ALA D 284 37.44 -35.36 -27.96
C ALA D 284 38.66 -36.20 -27.62
N ASP D 285 39.73 -36.08 -28.42
CA ASP D 285 40.94 -36.85 -28.13
C ASP D 285 41.53 -36.45 -26.79
N ALA D 286 41.71 -35.15 -26.55
CA ALA D 286 42.26 -34.65 -25.29
C ALA D 286 41.46 -35.14 -24.08
N PHE D 287 40.13 -35.18 -24.20
CA PHE D 287 39.27 -35.60 -23.09
C PHE D 287 38.91 -37.08 -23.13
N SER D 288 39.19 -37.79 -24.22
CA SER D 288 38.90 -39.23 -24.27
C SER D 288 39.73 -40.06 -23.28
N LYS D 289 40.68 -39.44 -22.58
CA LYS D 289 41.51 -40.15 -21.61
C LYS D 289 40.74 -40.40 -20.31
N ASP D 290 39.97 -39.42 -19.86
CA ASP D 290 39.21 -39.52 -18.61
C ASP D 290 37.97 -38.63 -18.72
N PRO D 291 36.80 -39.19 -19.04
CA PRO D 291 35.60 -38.35 -19.14
C PRO D 291 35.12 -37.85 -17.79
N ASP D 292 35.18 -38.70 -16.76
CA ASP D 292 34.71 -38.31 -15.44
C ASP D 292 35.47 -37.10 -14.90
N PHE D 293 36.79 -37.08 -15.05
CA PHE D 293 37.57 -35.95 -14.55
C PHE D 293 37.24 -34.68 -15.35
N TYR D 294 37.14 -34.81 -16.68
CA TYR D 294 36.78 -33.65 -17.51
C TYR D 294 35.45 -33.07 -17.08
N ALA D 295 34.45 -33.94 -16.84
CA ALA D 295 33.14 -33.49 -16.39
C ALA D 295 33.24 -32.68 -15.10
N PHE D 296 34.05 -33.16 -14.16
CA PHE D 296 34.23 -32.46 -12.88
C PHE D 296 34.76 -31.05 -13.10
N ILE D 297 35.91 -30.93 -13.76
CA ILE D 297 36.51 -29.62 -14.04
C ILE D 297 35.52 -28.73 -14.78
N ARG D 298 35.05 -29.19 -15.95
CA ARG D 298 34.11 -28.44 -16.77
C ARG D 298 32.88 -28.01 -15.98
N SER D 299 32.20 -28.96 -15.33
CA SER D 299 31.00 -28.65 -14.56
C SER D 299 31.26 -27.57 -13.52
N LEU D 300 32.31 -27.73 -12.72
CA LEU D 300 32.65 -26.73 -11.70
C LEU D 300 32.85 -25.35 -12.33
N ARG D 301 33.53 -25.31 -13.48
CA ARG D 301 33.74 -24.04 -14.18
C ARG D 301 32.41 -23.40 -14.55
N ALA D 302 31.50 -24.19 -15.14
CA ALA D 302 30.20 -23.69 -15.56
C ALA D 302 29.43 -23.08 -14.39
N TYR D 303 29.47 -23.72 -13.22
CA TYR D 303 28.78 -23.22 -12.04
C TYR D 303 29.20 -21.79 -11.73
N GLU D 304 30.51 -21.57 -11.54
CA GLU D 304 31.05 -20.23 -11.26
C GLU D 304 30.55 -19.20 -12.26
N ASN D 305 30.70 -19.49 -13.55
CA ASN D 305 30.28 -18.54 -14.58
C ASN D 305 28.77 -18.32 -14.57
N SER D 306 28.00 -19.38 -14.35
CA SER D 306 26.54 -19.26 -14.34
C SER D 306 26.06 -18.45 -13.14
N PHE D 307 26.57 -18.76 -11.96
CA PHE D 307 26.19 -18.07 -10.72
C PHE D 307 27.04 -16.83 -10.46
N SER D 308 27.77 -16.35 -11.47
CA SER D 308 28.61 -15.16 -11.35
C SER D 308 27.89 -13.99 -10.69
N GLY D 309 26.68 -13.69 -11.13
CA GLY D 309 25.95 -12.57 -10.57
C GLY D 309 25.30 -12.90 -9.23
N ASN D 310 24.89 -11.83 -8.54
CA ASN D 310 24.29 -11.93 -7.21
C ASN D 310 22.78 -11.72 -7.23
N GLN D 311 22.11 -12.17 -8.29
CA GLN D 311 20.65 -12.05 -8.42
C GLN D 311 19.95 -13.39 -8.21
N ASP D 312 20.62 -14.34 -7.56
CA ASP D 312 20.08 -15.67 -7.29
C ASP D 312 20.37 -16.06 -5.86
N VAL D 313 19.35 -16.53 -5.15
CA VAL D 313 19.49 -16.96 -3.75
C VAL D 313 19.47 -18.47 -3.73
N MET D 314 20.18 -19.05 -2.75
CA MET D 314 20.30 -20.50 -2.59
C MET D 314 19.87 -20.88 -1.18
N VAL D 315 18.76 -21.60 -1.06
CA VAL D 315 18.25 -22.01 0.25
C VAL D 315 18.89 -23.35 0.57
N MET D 316 20.08 -23.29 1.16
CA MET D 316 20.77 -24.51 1.56
C MET D 316 20.14 -25.06 2.84
N SER D 317 20.60 -26.24 3.25
CA SER D 317 20.15 -26.92 4.45
C SER D 317 21.34 -27.20 5.36
N PRO D 318 21.12 -27.37 6.67
CA PRO D 318 22.26 -27.69 7.55
C PRO D 318 22.68 -29.15 7.45
N ASP D 319 21.82 -30.02 6.94
CA ASP D 319 22.14 -31.44 6.78
C ASP D 319 22.99 -31.70 5.54
N SER D 320 23.01 -30.76 4.59
CA SER D 320 23.79 -30.89 3.36
C SER D 320 25.20 -31.39 3.63
N ASP D 321 25.65 -32.31 2.77
CA ASP D 321 26.98 -32.90 2.89
C ASP D 321 28.06 -31.83 2.96
N PHE D 322 28.03 -30.87 2.04
CA PHE D 322 29.01 -29.78 2.06
C PHE D 322 29.07 -29.12 3.43
N PHE D 323 27.91 -28.90 4.05
CA PHE D 323 27.83 -28.30 5.37
C PHE D 323 27.88 -29.39 6.45
N ARG D 324 29.00 -30.11 6.45
CA ARG D 324 29.27 -31.19 7.41
C ARG D 324 30.25 -30.79 8.48
N TYR D 325 30.93 -29.66 8.32
CA TYR D 325 31.90 -29.16 9.30
C TYR D 325 31.37 -27.94 10.04
N MET D 326 30.05 -27.72 10.00
CA MET D 326 29.38 -26.66 10.73
C MET D 326 28.68 -27.20 11.97
N LYS D 327 29.01 -28.43 12.37
CA LYS D 327 28.46 -29.11 13.54
C LYS D 327 29.56 -29.24 14.58
N THR D 328 29.17 -29.69 15.77
CA THR D 328 30.16 -29.81 16.83
C THR D 328 31.07 -31.01 16.54
N PRO D 329 32.41 -30.86 16.65
CA PRO D 329 33.25 -32.04 16.37
C PRO D 329 33.04 -33.17 17.37
N GLU E 246 -26.92 42.59 -52.34
CA GLU E 246 -27.82 41.67 -51.66
C GLU E 246 -28.22 40.53 -52.59
N VAL E 247 -29.07 40.83 -53.58
CA VAL E 247 -29.49 39.80 -54.52
C VAL E 247 -28.36 39.46 -55.47
N LYS E 248 -27.47 40.42 -55.75
CA LYS E 248 -26.34 40.15 -56.63
C LYS E 248 -25.36 39.20 -55.98
N ALA E 249 -25.16 39.32 -54.66
CA ALA E 249 -24.25 38.44 -53.95
C ALA E 249 -24.75 37.00 -53.99
N ALA E 250 -26.07 36.82 -53.91
CA ALA E 250 -26.65 35.47 -53.96
C ALA E 250 -26.34 34.81 -55.31
N PHE E 251 -26.43 35.58 -56.39
CA PHE E 251 -26.13 35.04 -57.72
C PHE E 251 -24.65 34.68 -57.84
N ASP E 252 -23.78 35.42 -57.16
CA ASP E 252 -22.35 35.13 -57.21
C ASP E 252 -22.06 33.76 -56.63
N ASP E 253 -22.64 33.44 -55.47
CA ASP E 253 -22.44 32.12 -54.86
C ASP E 253 -22.87 31.00 -55.79
N ALA E 254 -23.94 31.23 -56.56
CA ALA E 254 -24.41 30.22 -57.51
C ALA E 254 -23.31 29.88 -58.51
N ILE E 255 -22.77 30.89 -59.19
CA ILE E 255 -21.70 30.68 -60.15
C ILE E 255 -20.50 30.06 -59.46
N ALA E 256 -20.21 30.52 -58.23
CA ALA E 256 -19.07 29.98 -57.48
C ALA E 256 -19.23 28.49 -57.24
N ALA E 257 -20.44 28.06 -56.85
CA ALA E 257 -20.67 26.64 -56.61
C ALA E 257 -20.48 25.83 -57.89
N ARG E 258 -20.96 26.36 -59.02
CA ARG E 258 -20.78 25.69 -60.30
C ARG E 258 -19.30 25.47 -60.60
N GLU E 259 -18.52 26.55 -60.45
CA GLU E 259 -17.07 26.45 -60.66
C GLU E 259 -16.44 25.44 -59.71
N ASN E 260 -16.97 25.33 -58.50
CA ASN E 260 -16.43 24.39 -57.51
C ASN E 260 -16.67 22.95 -57.94
N GLU E 261 -17.91 22.64 -58.35
CA GLU E 261 -18.29 21.32 -58.86
C GLU E 261 -17.22 20.73 -59.77
N GLN E 262 -16.79 21.51 -60.77
CA GLN E 262 -15.74 21.05 -61.67
C GLN E 262 -14.41 20.92 -60.94
N GLN E 263 -14.16 21.77 -59.94
CA GLN E 263 -12.90 21.70 -59.20
C GLN E 263 -12.78 20.37 -58.46
N TYR E 264 -13.80 20.01 -57.68
CA TYR E 264 -13.79 18.74 -56.95
C TYR E 264 -13.62 17.57 -57.91
N ILE E 265 -14.38 17.56 -59.00
CA ILE E 265 -14.27 16.52 -60.02
C ILE E 265 -12.82 16.39 -60.48
N ARG E 266 -12.26 17.51 -60.97
CA ARG E 266 -10.87 17.50 -61.43
C ARG E 266 -9.93 17.12 -60.30
N GLU E 267 -10.19 17.62 -59.09
CA GLU E 267 -9.36 17.29 -57.93
C GLU E 267 -9.34 15.79 -57.68
N ALA E 268 -10.52 15.16 -57.70
CA ALA E 268 -10.59 13.72 -57.47
C ALA E 268 -9.92 12.95 -58.60
N GLU E 269 -10.10 13.41 -59.84
CA GLU E 269 -9.46 12.76 -60.99
C GLU E 269 -7.95 12.73 -60.82
N ALA E 270 -7.36 13.87 -60.47
CA ALA E 270 -5.91 13.93 -60.25
C ALA E 270 -5.49 12.94 -59.17
N TYR E 271 -6.23 12.90 -58.06
CA TYR E 271 -5.95 11.97 -56.97
C TYR E 271 -5.90 10.54 -57.49
N THR E 272 -7.02 10.08 -58.08
CA THR E 272 -7.10 8.76 -58.68
C THR E 272 -5.89 8.45 -59.55
N ASN E 273 -5.67 9.28 -60.56
CA ASN E 273 -4.53 9.14 -61.47
C ASN E 273 -3.22 9.00 -60.70
N GLU E 274 -2.89 10.01 -59.89
CA GLU E 274 -1.66 10.02 -59.10
C GLU E 274 -1.50 8.76 -58.25
N VAL E 275 -2.55 8.38 -57.53
CA VAL E 275 -2.52 7.22 -56.63
C VAL E 275 -2.04 5.96 -57.35
N GLN E 276 -2.66 5.63 -58.50
CA GLN E 276 -2.39 4.41 -59.27
C GLN E 276 -0.91 4.06 -59.44
N PRO E 277 -0.05 4.91 -60.02
CA PRO E 277 1.37 4.53 -60.10
C PRO E 277 2.00 4.29 -58.74
N ARG E 278 1.59 5.04 -57.71
CA ARG E 278 2.12 4.82 -56.37
C ARG E 278 1.88 3.38 -55.92
N ALA E 279 0.68 2.85 -56.18
CA ALA E 279 0.38 1.48 -55.81
C ALA E 279 1.29 0.50 -56.55
N ASN E 280 1.46 0.72 -57.86
CA ASN E 280 2.35 -0.12 -58.67
C ASN E 280 3.73 -0.24 -58.02
N GLY E 281 4.28 0.91 -57.59
CA GLY E 281 5.57 0.89 -56.91
C GLY E 281 5.56 -0.03 -55.70
N GLN E 282 4.56 0.13 -54.84
CA GLN E 282 4.43 -0.72 -53.65
C GLN E 282 4.36 -2.19 -54.03
N ALA E 283 3.63 -2.51 -55.10
CA ALA E 283 3.55 -3.90 -55.57
C ALA E 283 4.95 -4.45 -55.87
N GLN E 284 5.70 -3.73 -56.71
CA GLN E 284 7.07 -4.13 -57.02
C GLN E 284 7.92 -4.20 -55.76
N ARG E 285 7.75 -3.22 -54.86
CA ARG E 285 8.51 -3.18 -53.61
C ARG E 285 8.39 -4.48 -52.82
N ILE E 286 7.16 -4.92 -52.56
CA ILE E 286 6.99 -6.15 -51.79
C ILE E 286 7.45 -7.36 -52.61
N LEU E 287 7.30 -7.30 -53.94
CA LEU E 287 7.76 -8.40 -54.78
C LEU E 287 9.26 -8.60 -54.60
N GLU E 288 10.04 -7.53 -54.73
CA GLU E 288 11.48 -7.62 -54.54
C GLU E 288 11.81 -8.11 -53.13
N GLU E 289 11.05 -7.66 -52.14
CA GLU E 289 11.27 -8.10 -50.76
C GLU E 289 11.10 -9.61 -50.64
N ALA E 290 10.06 -10.16 -51.25
CA ALA E 290 9.85 -11.61 -51.19
C ALA E 290 11.00 -12.34 -51.86
N ARG E 291 11.47 -11.83 -53.00
CA ARG E 291 12.61 -12.45 -53.68
C ARG E 291 13.80 -12.55 -52.73
N ALA E 292 14.10 -11.46 -52.02
CA ALA E 292 15.21 -11.46 -51.07
C ALA E 292 14.99 -12.53 -50.00
N TYR E 293 13.77 -12.57 -49.44
CA TYR E 293 13.42 -13.58 -48.44
C TYR E 293 13.75 -14.98 -48.93
N LYS E 294 13.23 -15.34 -50.10
CA LYS E 294 13.49 -16.64 -50.72
C LYS E 294 14.99 -16.91 -50.81
N ALA E 295 15.73 -15.99 -51.44
CA ALA E 295 17.17 -16.13 -51.57
C ALA E 295 17.83 -16.24 -50.19
N GLN E 296 17.47 -15.34 -49.27
CA GLN E 296 18.09 -15.32 -47.95
C GLN E 296 17.91 -16.63 -47.19
N THR E 297 16.66 -17.12 -47.09
CA THR E 297 16.42 -18.37 -46.37
C THR E 297 17.19 -19.53 -46.99
N ILE E 298 17.21 -19.63 -48.32
CA ILE E 298 17.94 -20.70 -48.99
C ILE E 298 19.42 -20.63 -48.65
N LEU E 299 20.00 -19.43 -48.75
CA LEU E 299 21.41 -19.25 -48.43
C LEU E 299 21.72 -19.65 -47.00
N GLU E 300 20.87 -19.23 -46.05
CA GLU E 300 21.08 -19.60 -44.65
C GLU E 300 20.99 -21.11 -44.47
N ALA E 301 19.97 -21.73 -45.09
CA ALA E 301 19.80 -23.18 -45.03
C ALA E 301 21.08 -23.90 -45.42
N GLN E 302 21.62 -23.58 -46.60
CA GLN E 302 22.87 -24.18 -47.08
C GLN E 302 23.97 -24.07 -46.04
N GLY E 303 24.21 -22.86 -45.53
CA GLY E 303 25.23 -22.66 -44.51
C GLY E 303 25.04 -23.55 -43.31
N GLU E 304 23.83 -23.60 -42.76
CA GLU E 304 23.55 -24.44 -41.60
C GLU E 304 23.85 -25.91 -41.90
N VAL E 305 23.41 -26.39 -43.07
CA VAL E 305 23.67 -27.77 -43.49
C VAL E 305 25.18 -28.06 -43.42
N ALA E 306 25.98 -27.19 -44.02
CA ALA E 306 27.44 -27.33 -44.01
C ALA E 306 27.97 -27.54 -42.60
N ARG E 307 27.57 -26.67 -41.66
CA ARG E 307 28.01 -26.79 -40.27
C ARG E 307 27.64 -28.16 -39.71
N PHE E 308 26.38 -28.57 -39.88
CA PHE E 308 25.94 -29.87 -39.39
C PHE E 308 26.75 -31.00 -40.01
N ALA E 309 26.94 -30.95 -41.34
CA ALA E 309 27.73 -31.97 -42.05
C ALA E 309 29.10 -32.15 -41.41
N LYS E 310 29.85 -31.05 -41.27
CA LYS E 310 31.15 -31.07 -40.63
C LYS E 310 31.09 -31.70 -39.23
N LEU E 311 30.23 -31.14 -38.38
CA LEU E 311 30.07 -31.61 -37.00
C LEU E 311 29.74 -33.10 -36.92
N LEU E 312 28.95 -33.62 -37.87
CA LEU E 312 28.51 -35.02 -37.83
C LEU E 312 29.62 -36.05 -37.63
N PRO E 313 30.69 -36.10 -38.43
CA PRO E 313 31.76 -37.07 -38.13
C PRO E 313 32.38 -36.88 -36.76
N GLU E 314 32.61 -35.63 -36.35
CA GLU E 314 33.15 -35.35 -35.02
C GLU E 314 32.32 -36.01 -33.93
N TYR E 315 31.00 -36.03 -34.10
CA TYR E 315 30.12 -36.64 -33.12
C TYR E 315 30.07 -38.15 -33.30
N LYS E 316 30.23 -38.64 -34.53
CA LYS E 316 30.23 -40.08 -34.78
C LYS E 316 31.49 -40.77 -34.26
N ALA E 317 32.48 -40.01 -33.80
CA ALA E 317 33.72 -40.54 -33.26
C ALA E 317 33.69 -40.63 -31.74
N ALA E 318 33.27 -39.55 -31.07
CA ALA E 318 33.15 -39.49 -29.62
C ALA E 318 31.78 -38.89 -29.31
N PRO E 319 30.71 -39.71 -29.32
CA PRO E 319 29.38 -39.17 -29.04
C PRO E 319 29.21 -38.66 -27.62
N GLU E 320 29.63 -39.49 -26.65
CA GLU E 320 29.48 -39.13 -25.25
C GLU E 320 30.26 -37.88 -24.88
N ILE E 321 31.52 -37.78 -25.34
CA ILE E 321 32.32 -36.61 -25.00
C ILE E 321 31.74 -35.36 -25.62
N THR E 322 31.35 -35.43 -26.90
CA THR E 322 30.75 -34.26 -27.56
C THR E 322 29.44 -33.86 -26.90
N ARG E 323 28.59 -34.85 -26.57
CA ARG E 323 27.30 -34.58 -25.93
C ARG E 323 27.50 -33.83 -24.62
N GLU E 324 28.40 -34.31 -23.76
CA GLU E 324 28.63 -33.68 -22.47
C GLU E 324 29.16 -32.26 -22.63
N ARG E 325 30.13 -32.07 -23.53
CA ARG E 325 30.70 -30.75 -23.76
C ARG E 325 29.63 -29.73 -24.15
N LEU E 326 28.95 -29.99 -25.27
CA LEU E 326 27.89 -29.08 -25.73
C LEU E 326 26.83 -28.87 -24.66
N TYR E 327 26.45 -29.93 -23.95
CA TYR E 327 25.46 -29.84 -22.88
C TYR E 327 25.88 -28.81 -21.84
N ILE E 328 27.09 -28.96 -21.30
CA ILE E 328 27.60 -28.02 -20.29
C ILE E 328 27.71 -26.62 -20.88
N GLU E 329 28.27 -26.52 -22.08
CA GLU E 329 28.44 -25.22 -22.74
C GLU E 329 27.11 -24.51 -22.93
N THR E 330 26.07 -25.25 -23.32
CA THR E 330 24.76 -24.65 -23.53
C THR E 330 24.09 -24.31 -22.20
N MET E 331 24.03 -25.27 -21.28
CA MET E 331 23.42 -25.05 -19.98
C MET E 331 24.06 -23.86 -19.27
N GLU E 332 25.38 -23.70 -19.43
CA GLU E 332 26.10 -22.59 -18.82
C GLU E 332 25.51 -21.23 -19.20
N LYS E 333 25.31 -20.98 -20.50
CA LYS E 333 24.83 -19.68 -20.94
C LYS E 333 23.39 -19.41 -20.52
N VAL E 334 22.51 -20.39 -20.70
CA VAL E 334 21.11 -20.20 -20.30
C VAL E 334 21.02 -19.95 -18.79
N LEU E 335 21.65 -20.81 -18.00
CA LEU E 335 21.64 -20.65 -16.55
C LEU E 335 22.34 -19.37 -16.13
N GLY E 336 23.32 -18.92 -16.91
CA GLY E 336 24.06 -17.71 -16.60
C GLY E 336 23.31 -16.42 -16.84
N ASN E 337 22.22 -16.46 -17.61
CA ASN E 337 21.43 -15.28 -17.93
C ASN E 337 20.00 -15.35 -17.38
N THR E 338 19.77 -16.18 -16.36
CA THR E 338 18.47 -16.33 -15.73
C THR E 338 18.63 -16.27 -14.22
N ARG E 339 17.59 -15.76 -13.54
CA ARG E 339 17.59 -15.58 -12.09
C ARG E 339 17.11 -16.88 -11.44
N LYS E 340 18.04 -17.81 -11.27
CA LYS E 340 17.73 -19.11 -10.68
C LYS E 340 17.58 -19.03 -9.17
N VAL E 341 17.04 -20.12 -8.61
CA VAL E 341 16.83 -20.30 -7.18
C VAL E 341 17.59 -21.50 -6.65
N LEU E 342 17.44 -22.66 -7.30
CA LEU E 342 18.17 -23.89 -6.95
C LEU E 342 17.88 -24.35 -5.52
N VAL E 343 16.60 -24.62 -5.24
CA VAL E 343 16.17 -25.11 -3.93
C VAL E 343 15.49 -26.46 -4.08
N ASN E 344 15.63 -27.29 -3.05
CA ASN E 344 15.04 -28.61 -3.05
C ASN E 344 13.52 -28.50 -3.05
N ASP E 345 12.88 -29.02 -4.09
CA ASP E 345 11.42 -28.97 -4.15
C ASP E 345 10.81 -29.78 -3.02
N LYS E 346 10.16 -29.09 -2.09
CA LYS E 346 9.47 -29.72 -0.96
C LYS E 346 7.97 -29.48 -1.03
N GLY E 347 7.57 -28.22 -1.20
CA GLY E 347 6.17 -27.83 -1.33
C GLY E 347 6.01 -27.03 -2.60
N GLY E 348 5.08 -27.43 -3.45
CA GLY E 348 4.85 -26.73 -4.71
C GLY E 348 3.97 -25.51 -4.55
N ASN E 349 4.47 -24.50 -3.84
CA ASN E 349 3.76 -23.26 -3.59
C ASN E 349 4.61 -22.12 -4.11
N LEU E 350 4.09 -21.41 -5.10
CA LEU E 350 4.82 -20.32 -5.75
C LEU E 350 3.91 -19.12 -5.97
N MET E 351 4.54 -17.96 -6.12
CA MET E 351 3.86 -16.70 -6.42
C MET E 351 4.51 -16.11 -7.67
N VAL E 352 3.69 -15.75 -8.66
CA VAL E 352 4.25 -15.25 -9.92
C VAL E 352 4.90 -13.87 -9.79
N LEU E 353 4.38 -12.99 -8.89
CA LEU E 353 4.88 -11.62 -8.68
C LEU E 353 5.26 -10.92 -9.99
N PRO E 354 4.30 -10.65 -10.87
CA PRO E 354 4.64 -10.03 -12.16
C PRO E 354 4.84 -8.52 -12.02
N LEU E 355 5.34 -7.93 -13.11
CA LEU E 355 5.61 -6.51 -13.18
C LEU E 355 4.64 -5.80 -14.12
N THR F 217 -39.91 48.99 -44.33
CA THR F 217 -38.54 48.60 -44.65
C THR F 217 -38.30 47.12 -44.30
N GLU F 218 -38.96 46.66 -43.24
CA GLU F 218 -38.82 45.26 -42.82
C GLU F 218 -39.24 44.31 -43.93
N VAL F 219 -40.28 44.67 -44.69
CA VAL F 219 -40.76 43.84 -45.79
C VAL F 219 -39.64 43.61 -46.81
N SER F 220 -38.92 44.67 -47.16
CA SER F 220 -37.83 44.55 -48.13
C SER F 220 -36.77 43.57 -47.64
N GLU F 221 -36.36 43.69 -46.38
CA GLU F 221 -35.37 42.80 -45.81
C GLU F 221 -35.81 41.34 -45.90
N ALA F 222 -37.05 41.06 -45.49
CA ALA F 222 -37.57 39.69 -45.55
C ALA F 222 -37.56 39.16 -46.99
N ILE F 223 -38.05 39.97 -47.93
CA ILE F 223 -38.07 39.53 -49.33
C ILE F 223 -36.65 39.28 -49.82
N TYR F 224 -35.73 40.20 -49.50
CA TYR F 224 -34.34 40.04 -49.90
C TYR F 224 -33.74 38.77 -49.31
N ASN F 225 -33.94 38.56 -48.01
CA ASN F 225 -33.45 37.35 -47.35
C ASN F 225 -34.06 36.11 -47.99
N ARG F 226 -35.36 36.14 -48.26
CA ARG F 226 -36.04 35.01 -48.89
C ARG F 226 -35.37 34.65 -50.21
N MET F 227 -35.26 35.63 -51.12
CA MET F 227 -34.62 35.39 -52.41
C MET F 227 -33.18 34.94 -52.22
N ARG F 228 -32.46 35.56 -51.27
CA ARG F 228 -31.08 35.18 -51.00
C ARG F 228 -30.98 33.73 -50.56
N ALA F 229 -31.78 33.34 -49.56
CA ALA F 229 -31.76 31.96 -49.08
C ALA F 229 -32.15 30.99 -50.18
N GLU F 230 -33.15 31.36 -51.01
CA GLU F 230 -33.58 30.50 -52.11
C GLU F 230 -32.42 30.17 -53.04
N ARG F 231 -31.72 31.20 -53.52
CA ARG F 231 -30.59 30.96 -54.42
C ARG F 231 -29.43 30.31 -53.68
N GLU F 232 -29.30 30.57 -52.38
CA GLU F 232 -28.21 29.97 -51.60
C GLU F 232 -28.35 28.46 -51.55
N ALA F 233 -29.59 27.97 -51.45
CA ALA F 233 -29.81 26.53 -51.40
C ALA F 233 -29.38 25.87 -52.71
N VAL F 234 -29.66 26.54 -53.84
CA VAL F 234 -29.25 26.04 -55.14
C VAL F 234 -27.75 25.83 -55.18
N ALA F 235 -26.99 26.80 -54.67
CA ALA F 235 -25.54 26.70 -54.62
C ALA F 235 -25.11 25.50 -53.79
N ARG F 236 -25.78 25.26 -52.66
CA ARG F 236 -25.44 24.12 -51.82
C ARG F 236 -25.66 22.81 -52.55
N ARG F 237 -26.77 22.71 -53.27
CA ARG F 237 -27.07 21.52 -54.07
C ARG F 237 -25.90 21.19 -55.01
N HIS F 238 -25.48 22.19 -55.79
CA HIS F 238 -24.35 22.03 -56.71
C HIS F 238 -23.12 21.51 -55.98
N ARG F 239 -22.73 22.19 -54.90
CA ARG F 239 -21.55 21.78 -54.13
C ARG F 239 -21.71 20.36 -53.59
N SER F 240 -22.93 20.00 -53.18
CA SER F 240 -23.14 18.65 -52.66
C SER F 240 -22.97 17.61 -53.76
N GLN F 241 -23.51 17.90 -54.95
CA GLN F 241 -23.36 17.00 -56.09
C GLN F 241 -21.89 16.71 -56.38
N GLY F 242 -21.08 17.77 -56.44
CA GLY F 242 -19.65 17.61 -56.66
C GLY F 242 -19.00 16.69 -55.66
N GLN F 243 -19.30 16.89 -54.38
CA GLN F 243 -18.73 16.05 -53.33
C GLN F 243 -19.16 14.60 -53.51
N GLU F 244 -20.40 14.38 -53.93
CA GLU F 244 -20.89 13.02 -54.15
C GLU F 244 -20.08 12.35 -55.26
N GLU F 245 -19.92 13.03 -56.39
CA GLU F 245 -19.12 12.50 -57.49
C GLU F 245 -17.69 12.23 -57.05
N ALA F 246 -17.09 13.17 -56.32
CA ALA F 246 -15.72 13.02 -55.85
C ALA F 246 -15.57 11.78 -54.99
N GLU F 247 -16.50 11.58 -54.04
CA GLU F 247 -16.42 10.42 -53.15
C GLU F 247 -16.49 9.12 -53.96
N LYS F 248 -17.48 9.01 -54.86
CA LYS F 248 -17.60 7.83 -55.72
C LYS F 248 -16.30 7.54 -56.45
N LEU F 249 -15.74 8.56 -57.11
CA LEU F 249 -14.48 8.41 -57.83
C LEU F 249 -13.36 7.98 -56.89
N ARG F 250 -13.17 8.70 -55.79
CA ARG F 250 -12.13 8.35 -54.84
C ARG F 250 -12.31 6.93 -54.30
N ALA F 251 -13.55 6.54 -54.01
CA ALA F 251 -13.79 5.21 -53.45
C ALA F 251 -13.37 4.10 -54.40
N THR F 252 -13.74 4.21 -55.68
CA THR F 252 -13.35 3.17 -56.64
C THR F 252 -11.84 3.12 -56.79
N ALA F 253 -11.18 4.28 -56.73
CA ALA F 253 -9.72 4.33 -56.82
C ALA F 253 -9.07 3.48 -55.73
N ASP F 254 -9.54 3.62 -54.49
CA ASP F 254 -8.98 2.85 -53.39
C ASP F 254 -9.15 1.35 -53.61
N TYR F 255 -10.27 0.93 -54.20
CA TYR F 255 -10.49 -0.48 -54.49
C TYR F 255 -9.40 -1.02 -55.40
N GLU F 256 -9.11 -0.30 -56.49
CA GLU F 256 -8.06 -0.70 -57.41
C GLU F 256 -6.73 -0.87 -56.70
N VAL F 257 -6.40 0.05 -55.78
CA VAL F 257 -5.16 -0.03 -55.02
C VAL F 257 -5.10 -1.35 -54.27
N THR F 258 -6.13 -1.64 -53.47
CA THR F 258 -6.20 -2.90 -52.73
C THR F 258 -6.04 -4.10 -53.66
N ARG F 259 -6.81 -4.13 -54.75
CA ARG F 259 -6.70 -5.21 -55.73
C ARG F 259 -5.28 -5.37 -56.23
N THR F 260 -4.68 -4.27 -56.72
CA THR F 260 -3.30 -4.32 -57.20
C THR F 260 -2.36 -4.77 -56.09
N LEU F 261 -2.50 -4.18 -54.89
CA LEU F 261 -1.65 -4.56 -53.78
C LEU F 261 -1.86 -6.02 -53.39
N ALA F 262 -3.12 -6.48 -53.44
CA ALA F 262 -3.38 -7.87 -53.07
C ALA F 262 -2.81 -8.83 -54.11
N GLU F 263 -2.83 -8.44 -55.39
CA GLU F 263 -2.26 -9.27 -56.43
C GLU F 263 -0.77 -9.47 -56.18
N ALA F 264 -0.06 -8.40 -55.84
CA ALA F 264 1.36 -8.48 -55.53
C ALA F 264 1.62 -9.42 -54.37
N GLU F 265 0.82 -9.31 -53.31
CA GLU F 265 0.98 -10.17 -52.14
C GLU F 265 0.85 -11.63 -52.52
N ARG F 266 -0.13 -11.97 -53.37
CA ARG F 266 -0.31 -13.34 -53.82
C ARG F 266 0.95 -13.85 -54.51
N GLN F 267 1.47 -13.05 -55.45
CA GLN F 267 2.70 -13.42 -56.15
C GLN F 267 3.86 -13.60 -55.16
N GLY F 268 3.99 -12.66 -54.23
CA GLY F 268 5.07 -12.74 -53.24
C GLY F 268 4.97 -13.99 -52.38
N ARG F 269 3.75 -14.32 -51.93
CA ARG F 269 3.58 -15.51 -51.10
C ARG F 269 4.00 -16.77 -51.84
N ILE F 270 3.60 -16.90 -53.11
CA ILE F 270 4.00 -18.04 -53.92
C ILE F 270 5.52 -18.16 -53.95
N MET F 271 6.21 -17.04 -54.18
CA MET F 271 7.67 -17.05 -54.20
C MET F 271 8.24 -17.49 -52.86
N ARG F 272 7.66 -16.99 -51.76
CA ARG F 272 8.12 -17.36 -50.43
C ARG F 272 8.00 -18.86 -50.19
N GLY F 273 6.95 -19.48 -50.74
CA GLY F 273 6.77 -20.91 -50.56
C GLY F 273 7.90 -21.72 -51.16
N GLU F 274 8.36 -21.31 -52.36
CA GLU F 274 9.47 -21.98 -53.02
C GLU F 274 10.69 -22.08 -52.11
N GLY F 275 11.05 -20.96 -51.48
CA GLY F 275 12.19 -20.96 -50.56
C GLY F 275 12.02 -21.96 -49.43
N ASP F 276 10.86 -21.94 -48.78
CA ASP F 276 10.59 -22.87 -47.69
C ASP F 276 10.74 -24.32 -48.15
N ALA F 277 10.16 -24.66 -49.30
CA ALA F 277 10.29 -26.01 -49.83
C ALA F 277 11.74 -26.37 -50.06
N GLU F 278 12.48 -25.48 -50.74
CA GLU F 278 13.91 -25.69 -50.98
C GLU F 278 14.65 -25.91 -49.67
N ALA F 279 14.47 -24.99 -48.71
CA ALA F 279 15.12 -25.11 -47.41
C ALA F 279 14.75 -26.42 -46.74
N ALA F 280 13.47 -26.78 -46.77
CA ALA F 280 13.01 -28.03 -46.15
C ALA F 280 13.74 -29.23 -46.73
N LYS F 281 13.68 -29.38 -48.06
CA LYS F 281 14.39 -30.46 -48.76
C LYS F 281 15.82 -30.60 -48.25
N LEU F 282 16.60 -29.52 -48.36
CA LEU F 282 17.98 -29.49 -47.88
C LEU F 282 18.09 -30.02 -46.45
N PHE F 283 17.38 -29.37 -45.52
CA PHE F 283 17.38 -29.79 -44.12
C PHE F 283 17.04 -31.26 -43.98
N ALA F 284 15.91 -31.69 -44.56
CA ALA F 284 15.47 -33.08 -44.47
C ALA F 284 16.57 -34.03 -44.93
N ASP F 285 17.09 -33.84 -46.14
CA ASP F 285 18.16 -34.69 -46.64
C ASP F 285 19.38 -34.61 -45.75
N ALA F 286 19.86 -33.40 -45.48
CA ALA F 286 21.03 -33.19 -44.64
C ALA F 286 20.86 -33.80 -43.25
N PHE F 287 19.68 -33.66 -42.67
CA PHE F 287 19.42 -34.17 -41.32
C PHE F 287 18.84 -35.58 -41.29
N SER F 288 18.45 -36.16 -42.44
CA SER F 288 17.94 -37.53 -42.45
C SER F 288 18.99 -38.58 -42.06
N LYS F 289 20.24 -38.18 -41.82
CA LYS F 289 21.29 -39.12 -41.42
C LYS F 289 21.18 -39.45 -39.93
N ASP F 290 21.21 -38.43 -39.08
CA ASP F 290 21.15 -38.59 -37.63
C ASP F 290 20.15 -37.57 -37.07
N PRO F 291 18.84 -37.84 -37.20
CA PRO F 291 17.84 -36.91 -36.65
C PRO F 291 17.98 -36.70 -35.15
N ASP F 292 18.38 -37.74 -34.42
CA ASP F 292 18.55 -37.62 -32.97
C ASP F 292 19.57 -36.53 -32.63
N PHE F 293 20.73 -36.57 -33.27
CA PHE F 293 21.76 -35.56 -33.01
C PHE F 293 21.27 -34.17 -33.39
N TYR F 294 20.57 -34.06 -34.52
CA TYR F 294 20.02 -32.77 -34.92
C TYR F 294 19.10 -32.20 -33.85
N ALA F 295 18.14 -33.03 -33.38
CA ALA F 295 17.24 -32.62 -32.31
C ALA F 295 18.00 -32.11 -31.09
N PHE F 296 19.12 -32.75 -30.77
CA PHE F 296 19.93 -32.34 -29.63
C PHE F 296 20.53 -30.95 -29.86
N ILE F 297 21.31 -30.81 -30.94
CA ILE F 297 21.92 -29.53 -31.30
C ILE F 297 20.87 -28.43 -31.41
N ARG F 298 19.86 -28.66 -32.25
CA ARG F 298 18.82 -27.65 -32.50
C ARG F 298 18.09 -27.27 -31.21
N SER F 299 17.59 -28.25 -30.46
CA SER F 299 16.88 -27.96 -29.21
C SER F 299 17.73 -27.13 -28.27
N LEU F 300 19.02 -27.48 -28.15
CA LEU F 300 19.93 -26.74 -27.28
C LEU F 300 20.00 -25.28 -27.72
N ARG F 301 20.20 -25.05 -29.02
CA ARG F 301 20.25 -23.69 -29.57
C ARG F 301 19.00 -22.90 -29.20
N ALA F 302 17.83 -23.49 -29.45
CA ALA F 302 16.55 -22.84 -29.15
C ALA F 302 16.48 -22.40 -27.69
N TYR F 303 16.94 -23.24 -26.76
CA TYR F 303 16.94 -22.89 -25.35
C TYR F 303 17.68 -21.58 -25.10
N GLU F 304 18.90 -21.45 -25.63
CA GLU F 304 19.67 -20.23 -25.47
C GLU F 304 18.92 -19.02 -26.03
N ASN F 305 18.48 -19.11 -27.28
CA ASN F 305 17.77 -18.01 -27.93
C ASN F 305 16.42 -17.73 -27.28
N SER F 306 15.83 -18.70 -26.58
CA SER F 306 14.53 -18.51 -25.94
C SER F 306 14.65 -18.04 -24.50
N PHE F 307 15.78 -18.27 -23.84
CA PHE F 307 16.02 -17.85 -22.46
C PHE F 307 17.05 -16.73 -22.37
N SER F 308 17.27 -16.01 -23.48
CA SER F 308 18.27 -14.95 -23.50
C SER F 308 17.91 -13.83 -22.52
N GLY F 309 16.64 -13.41 -22.53
CA GLY F 309 16.23 -12.33 -21.66
C GLY F 309 16.37 -12.69 -20.18
N ASN F 310 16.26 -11.65 -19.35
CA ASN F 310 16.37 -11.77 -17.91
C ASN F 310 15.03 -11.70 -17.20
N GLN F 311 13.93 -12.02 -17.90
CA GLN F 311 12.59 -11.99 -17.34
C GLN F 311 12.09 -13.38 -16.96
N ASP F 312 12.99 -14.34 -16.75
CA ASP F 312 12.64 -15.70 -16.38
C ASP F 312 13.40 -16.11 -15.13
N VAL F 313 12.76 -16.95 -14.32
CA VAL F 313 13.33 -17.48 -13.08
C VAL F 313 13.20 -18.99 -13.15
N MET F 314 14.30 -19.69 -12.87
CA MET F 314 14.38 -21.16 -12.94
C MET F 314 14.62 -21.72 -11.54
N VAL F 315 13.57 -22.19 -10.88
CA VAL F 315 13.69 -22.77 -9.54
C VAL F 315 13.98 -24.25 -9.72
N MET F 316 15.26 -24.56 -9.85
CA MET F 316 15.74 -25.93 -9.98
C MET F 316 15.97 -26.48 -8.58
N SER F 317 16.54 -27.67 -8.47
CA SER F 317 16.83 -28.32 -7.20
C SER F 317 18.30 -28.72 -7.14
N PRO F 318 18.84 -28.96 -5.93
CA PRO F 318 20.25 -29.38 -5.84
C PRO F 318 20.49 -30.80 -6.30
N ASP F 319 19.44 -31.64 -6.36
CA ASP F 319 19.59 -33.02 -6.78
C ASP F 319 19.61 -33.18 -8.30
N SER F 320 19.26 -32.12 -9.05
CA SER F 320 19.31 -32.10 -10.50
C SER F 320 20.59 -32.74 -11.03
N ASP F 321 20.44 -33.59 -12.04
CA ASP F 321 21.59 -34.29 -12.61
C ASP F 321 22.70 -33.34 -13.04
N PHE F 322 22.33 -32.21 -13.65
CA PHE F 322 23.36 -31.25 -14.08
C PHE F 322 24.14 -30.72 -12.88
N PHE F 323 23.52 -30.65 -11.71
CA PHE F 323 24.15 -30.18 -10.49
C PHE F 323 24.66 -31.34 -9.64
N ARG F 324 25.01 -32.46 -10.28
CA ARG F 324 25.50 -33.63 -9.56
C ARG F 324 26.87 -33.39 -8.94
N TYR F 325 27.63 -32.41 -9.43
CA TYR F 325 28.96 -32.13 -8.90
C TYR F 325 28.95 -31.01 -7.86
N MET F 326 27.78 -30.70 -7.30
CA MET F 326 27.64 -29.74 -6.21
C MET F 326 27.49 -30.45 -4.88
N LYS F 327 27.96 -31.70 -4.80
CA LYS F 327 27.87 -32.56 -3.64
C LYS F 327 29.26 -33.07 -3.31
N THR F 328 29.52 -33.28 -2.02
CA THR F 328 30.80 -33.76 -1.48
C THR F 328 31.39 -34.90 -2.32
N PRO F 329 32.66 -34.82 -2.74
CA PRO F 329 33.17 -35.96 -3.53
C PRO F 329 33.20 -37.27 -2.76
N VAL G 247 -45.13 50.89 -27.76
CA VAL G 247 -45.84 49.88 -28.54
C VAL G 247 -45.29 49.79 -29.95
N LYS G 248 -44.74 50.90 -30.45
CA LYS G 248 -44.17 50.90 -31.79
C LYS G 248 -42.99 49.95 -31.90
N ALA G 249 -42.10 49.97 -30.90
CA ALA G 249 -40.94 49.07 -30.90
C ALA G 249 -41.37 47.61 -30.84
N ALA G 250 -42.48 47.33 -30.15
CA ALA G 250 -42.95 45.95 -30.03
C ALA G 250 -43.37 45.38 -31.39
N PHE G 251 -44.07 46.17 -32.21
CA PHE G 251 -44.60 45.66 -33.48
C PHE G 251 -43.50 45.24 -34.45
N ASP G 252 -42.37 45.96 -34.48
CA ASP G 252 -41.30 45.59 -35.42
C ASP G 252 -40.80 44.18 -35.14
N ASP G 253 -40.56 43.86 -33.87
CA ASP G 253 -40.06 42.54 -33.50
C ASP G 253 -41.06 41.44 -33.87
N ALA G 254 -42.35 41.76 -33.89
CA ALA G 254 -43.35 40.76 -34.26
C ALA G 254 -43.13 40.32 -35.71
N ILE G 255 -43.04 41.30 -36.62
CA ILE G 255 -42.78 40.99 -38.03
C ILE G 255 -41.41 40.34 -38.17
N ALA G 256 -40.48 40.69 -37.29
CA ALA G 256 -39.13 40.12 -37.35
C ALA G 256 -39.17 38.62 -37.07
N ALA G 257 -39.99 38.20 -36.10
CA ALA G 257 -40.08 36.78 -35.79
C ALA G 257 -40.69 36.00 -36.95
N ARG G 258 -41.67 36.60 -37.64
CA ARG G 258 -42.26 35.96 -38.81
C ARG G 258 -41.18 35.62 -39.83
N GLU G 259 -40.30 36.59 -40.13
CA GLU G 259 -39.20 36.34 -41.05
C GLU G 259 -38.29 35.25 -40.52
N ASN G 260 -38.02 35.27 -39.21
CA ASN G 260 -37.17 34.24 -38.60
C ASN G 260 -37.81 32.87 -38.71
N GLU G 261 -39.15 32.81 -38.61
CA GLU G 261 -39.84 31.53 -38.73
C GLU G 261 -39.62 30.93 -40.11
N GLN G 262 -39.82 31.73 -41.15
CA GLN G 262 -39.59 31.27 -42.52
C GLN G 262 -38.13 30.90 -42.76
N GLN G 263 -37.20 31.47 -41.99
CA GLN G 263 -35.78 31.18 -42.17
C GLN G 263 -35.47 29.75 -41.76
N TYR G 264 -35.94 29.34 -40.58
CA TYR G 264 -35.72 27.98 -40.09
C TYR G 264 -36.17 26.94 -41.13
N ILE G 265 -37.37 27.14 -41.70
CA ILE G 265 -37.89 26.24 -42.72
C ILE G 265 -36.89 26.13 -43.87
N ARG G 266 -36.50 27.27 -44.45
CA ARG G 266 -35.52 27.28 -45.53
C ARG G 266 -34.22 26.65 -45.08
N GLU G 267 -33.79 26.95 -43.85
CA GLU G 267 -32.55 26.38 -43.34
C GLU G 267 -32.65 24.86 -43.24
N ALA G 268 -33.78 24.36 -42.72
CA ALA G 268 -33.95 22.91 -42.62
C ALA G 268 -34.00 22.27 -44.00
N GLU G 269 -34.64 22.93 -44.97
CA GLU G 269 -34.69 22.40 -46.33
C GLU G 269 -33.28 22.23 -46.88
N ALA G 270 -32.43 23.24 -46.69
CA ALA G 270 -31.04 23.16 -47.13
C ALA G 270 -30.34 21.94 -46.54
N TYR G 271 -30.53 21.72 -45.23
CA TYR G 271 -29.92 20.58 -44.55
C TYR G 271 -30.26 19.27 -45.23
N THR G 272 -31.57 19.00 -45.40
CA THR G 272 -32.03 17.80 -46.09
C THR G 272 -31.32 17.62 -47.43
N ASN G 273 -31.45 18.62 -48.31
CA ASN G 273 -30.80 18.60 -49.61
C ASN G 273 -29.32 18.26 -49.51
N GLU G 274 -28.56 19.07 -48.76
CA GLU G 274 -27.13 18.87 -48.58
C GLU G 274 -26.78 17.46 -48.11
N VAL G 275 -27.37 17.05 -46.99
CA VAL G 275 -27.08 15.75 -46.36
C VAL G 275 -27.21 14.59 -47.33
N GLN G 276 -28.33 14.51 -48.06
CA GLN G 276 -28.66 13.38 -48.94
C GLN G 276 -27.52 12.92 -49.85
N PRO G 277 -26.97 13.74 -50.77
CA PRO G 277 -25.82 13.25 -51.57
C PRO G 277 -24.66 12.74 -50.72
N ARG G 278 -24.42 13.33 -49.55
CA ARG G 278 -23.35 12.87 -48.68
C ARG G 278 -23.51 11.38 -48.35
N ALA G 279 -24.74 11.00 -47.97
CA ALA G 279 -25.00 9.59 -47.66
C ALA G 279 -24.73 8.70 -48.86
N ASN G 280 -25.17 9.14 -50.05
CA ASN G 280 -24.93 8.39 -51.28
C ASN G 280 -23.45 8.07 -51.45
N GLY G 281 -22.57 9.06 -51.21
CA GLY G 281 -21.16 8.81 -51.33
C GLY G 281 -20.66 7.84 -50.27
N GLN G 282 -21.18 7.96 -49.05
CA GLN G 282 -20.80 7.03 -47.98
C GLN G 282 -21.17 5.60 -48.36
N ALA G 283 -22.32 5.43 -49.03
CA ALA G 283 -22.75 4.11 -49.46
C ALA G 283 -21.77 3.50 -50.44
N GLN G 284 -21.50 4.21 -51.55
CA GLN G 284 -20.52 3.76 -52.54
C GLN G 284 -19.20 3.35 -51.90
N ARG G 285 -18.69 4.18 -50.99
CA ARG G 285 -17.45 3.86 -50.30
C ARG G 285 -17.60 2.57 -49.51
N ILE G 286 -18.65 2.47 -48.68
CA ILE G 286 -18.91 1.25 -47.93
C ILE G 286 -19.08 0.06 -48.87
N LEU G 287 -19.51 0.31 -50.12
CA LEU G 287 -19.68 -0.77 -51.09
C LEU G 287 -18.35 -1.15 -51.72
N GLU G 288 -17.52 -0.16 -52.04
CA GLU G 288 -16.21 -0.44 -52.63
C GLU G 288 -15.33 -1.20 -51.65
N GLU G 289 -15.40 -0.84 -50.36
CA GLU G 289 -14.61 -1.53 -49.34
C GLU G 289 -14.98 -3.00 -49.28
N ALA G 290 -16.28 -3.32 -49.38
CA ALA G 290 -16.71 -4.71 -49.36
C ALA G 290 -16.14 -5.47 -50.55
N ARG G 291 -16.16 -4.85 -51.73
CA ARG G 291 -15.60 -5.50 -52.92
C ARG G 291 -14.11 -5.73 -52.74
N ALA G 292 -13.40 -4.75 -52.17
CA ALA G 292 -11.97 -4.90 -51.92
C ALA G 292 -11.70 -6.08 -51.01
N TYR G 293 -12.53 -6.26 -49.97
CA TYR G 293 -12.36 -7.38 -49.06
C TYR G 293 -12.55 -8.69 -49.79
N LYS G 294 -13.56 -8.77 -50.67
CA LYS G 294 -13.81 -9.98 -51.44
C LYS G 294 -12.60 -10.32 -52.31
N ALA G 295 -12.11 -9.35 -53.08
CA ALA G 295 -10.96 -9.59 -53.93
C ALA G 295 -9.71 -9.89 -53.09
N GLN G 296 -9.49 -9.11 -52.04
CA GLN G 296 -8.32 -9.33 -51.18
C GLN G 296 -8.40 -10.69 -50.51
N THR G 297 -9.58 -11.09 -50.05
CA THR G 297 -9.75 -12.38 -49.41
C THR G 297 -9.48 -13.52 -50.39
N ILE G 298 -10.02 -13.42 -51.60
CA ILE G 298 -9.84 -14.47 -52.60
C ILE G 298 -8.36 -14.59 -52.99
N LEU G 299 -7.71 -13.46 -53.22
CA LEU G 299 -6.30 -13.49 -53.62
C LEU G 299 -5.42 -14.05 -52.51
N GLU G 300 -5.70 -13.67 -51.26
CA GLU G 300 -4.93 -14.19 -50.13
C GLU G 300 -5.04 -15.70 -50.03
N ALA G 301 -6.23 -16.24 -50.28
CA ALA G 301 -6.45 -17.69 -50.22
C ALA G 301 -5.56 -18.41 -51.24
N GLN G 302 -5.47 -17.87 -52.45
CA GLN G 302 -4.65 -18.50 -53.49
C GLN G 302 -3.19 -18.56 -53.07
N GLY G 303 -2.67 -17.50 -52.48
CA GLY G 303 -1.28 -17.49 -52.04
C GLY G 303 -1.02 -18.55 -50.98
N GLU G 304 -1.89 -18.61 -49.97
CA GLU G 304 -1.73 -19.60 -48.92
C GLU G 304 -1.88 -21.01 -49.46
N VAL G 305 -2.87 -21.23 -50.34
CA VAL G 305 -3.09 -22.55 -50.92
C VAL G 305 -1.87 -22.96 -51.75
N ALA G 306 -1.34 -22.05 -52.57
CA ALA G 306 -0.17 -22.37 -53.37
C ALA G 306 1.03 -22.69 -52.48
N ARG G 307 1.23 -21.89 -51.43
CA ARG G 307 2.33 -22.14 -50.50
C ARG G 307 2.20 -23.50 -49.84
N PHE G 308 0.99 -23.86 -49.43
CA PHE G 308 0.76 -25.16 -48.80
C PHE G 308 1.06 -26.31 -49.75
N ALA G 309 0.65 -26.17 -51.01
CA ALA G 309 0.87 -27.23 -51.99
C ALA G 309 2.34 -27.49 -52.25
N LYS G 310 3.18 -26.44 -52.23
CA LYS G 310 4.61 -26.63 -52.45
C LYS G 310 5.27 -27.33 -51.27
N LEU G 311 4.85 -26.99 -50.05
CA LEU G 311 5.44 -27.56 -48.84
C LEU G 311 5.03 -29.00 -48.60
N LEU G 312 3.81 -29.38 -49.01
CA LEU G 312 3.31 -30.73 -48.74
C LEU G 312 4.21 -31.84 -49.28
N PRO G 313 4.69 -31.81 -50.53
CA PRO G 313 5.57 -32.91 -50.99
C PRO G 313 6.82 -33.07 -50.15
N GLU G 314 7.39 -31.97 -49.65
CA GLU G 314 8.57 -32.06 -48.82
C GLU G 314 8.27 -32.83 -47.53
N TYR G 315 7.10 -32.57 -46.93
CA TYR G 315 6.72 -33.26 -45.71
C TYR G 315 6.53 -34.75 -45.96
N LYS G 316 6.02 -35.11 -47.14
CA LYS G 316 5.81 -36.51 -47.48
C LYS G 316 7.13 -37.29 -47.47
N ALA G 317 8.20 -36.67 -47.96
CA ALA G 317 9.49 -37.35 -48.01
C ALA G 317 10.05 -37.59 -46.63
N ALA G 318 10.08 -36.55 -45.79
CA ALA G 318 10.61 -36.62 -44.42
C ALA G 318 9.59 -36.01 -43.47
N PRO G 319 8.59 -36.78 -43.02
CA PRO G 319 7.62 -36.21 -42.08
C PRO G 319 8.18 -35.97 -40.70
N GLU G 320 8.98 -36.91 -40.19
CA GLU G 320 9.54 -36.78 -38.84
C GLU G 320 10.48 -35.59 -38.74
N ILE G 321 11.45 -35.49 -39.66
CA ILE G 321 12.41 -34.40 -39.61
C ILE G 321 11.72 -33.06 -39.85
N THR G 322 10.79 -33.02 -40.82
CA THR G 322 10.08 -31.78 -41.11
C THR G 322 9.25 -31.34 -39.92
N ARG G 323 8.52 -32.27 -39.31
CA ARG G 323 7.70 -31.95 -38.15
C ARG G 323 8.54 -31.42 -37.00
N GLU G 324 9.68 -32.08 -36.72
CA GLU G 324 10.54 -31.67 -35.61
C GLU G 324 11.09 -30.26 -35.82
N ARG G 325 11.60 -29.98 -37.03
CA ARG G 325 12.15 -28.67 -37.33
C ARG G 325 11.12 -27.57 -37.11
N LEU G 326 9.99 -27.65 -37.82
CA LEU G 326 8.89 -26.69 -37.68
C LEU G 326 8.49 -26.53 -36.22
N TYR G 327 8.40 -27.63 -35.48
CA TYR G 327 8.01 -27.60 -34.08
C TYR G 327 8.99 -26.76 -33.25
N ILE G 328 10.25 -27.18 -33.22
CA ILE G 328 11.29 -26.46 -32.47
C ILE G 328 11.29 -24.98 -32.84
N GLU G 329 11.30 -24.68 -34.14
CA GLU G 329 11.28 -23.30 -34.62
C GLU G 329 10.15 -22.50 -34.00
N THR G 330 8.93 -23.02 -34.07
CA THR G 330 7.77 -22.33 -33.51
C THR G 330 7.94 -22.07 -32.02
N MET G 331 8.20 -23.13 -31.25
CA MET G 331 8.41 -22.99 -29.80
C MET G 331 9.42 -21.91 -29.46
N GLU G 332 10.55 -21.90 -30.18
CA GLU G 332 11.59 -20.90 -29.97
C GLU G 332 11.05 -19.48 -29.99
N LYS G 333 10.12 -19.19 -30.90
CA LYS G 333 9.59 -17.84 -31.02
C LYS G 333 8.65 -17.50 -29.86
N VAL G 334 7.63 -18.32 -29.62
CA VAL G 334 6.70 -18.05 -28.53
C VAL G 334 7.42 -18.05 -27.19
N LEU G 335 8.14 -19.13 -26.88
CA LEU G 335 8.90 -19.21 -25.64
C LEU G 335 9.83 -18.03 -25.45
N GLY G 336 10.52 -17.62 -26.52
CA GLY G 336 11.44 -16.51 -26.41
C GLY G 336 10.78 -15.16 -26.22
N ASN G 337 9.50 -15.03 -26.59
CA ASN G 337 8.76 -13.79 -26.42
C ASN G 337 7.73 -13.88 -25.30
N THR G 338 7.95 -14.78 -24.34
CA THR G 338 7.03 -14.94 -23.21
C THR G 338 7.82 -15.30 -21.96
N ARG G 339 7.41 -14.74 -20.83
CA ARG G 339 8.05 -15.06 -19.56
C ARG G 339 7.88 -16.54 -19.27
N LYS G 340 8.92 -17.16 -18.68
CA LYS G 340 8.90 -18.59 -18.36
C LYS G 340 9.34 -18.81 -16.92
N VAL G 341 9.00 -20.01 -16.42
CA VAL G 341 9.31 -20.42 -15.06
C VAL G 341 10.17 -21.70 -15.07
N LEU G 342 9.69 -22.77 -15.71
CA LEU G 342 10.43 -24.03 -15.80
C LEU G 342 10.75 -24.58 -14.40
N VAL G 343 9.69 -24.89 -13.65
CA VAL G 343 9.81 -25.38 -12.28
C VAL G 343 9.07 -26.70 -12.12
N ASN G 344 9.70 -27.62 -11.38
CA ASN G 344 9.18 -28.96 -11.10
C ASN G 344 7.73 -28.92 -10.66
N ASP G 345 6.88 -29.62 -11.41
CA ASP G 345 5.44 -29.71 -11.13
C ASP G 345 5.23 -30.80 -10.09
N LYS G 346 5.27 -30.41 -8.81
CA LYS G 346 5.05 -31.33 -7.70
C LYS G 346 3.82 -30.96 -6.88
N GLY G 347 3.61 -29.67 -6.62
CA GLY G 347 2.44 -29.17 -5.93
C GLY G 347 1.73 -28.18 -6.82
N GLY G 348 0.42 -28.34 -7.01
CA GLY G 348 -0.32 -27.44 -7.87
C GLY G 348 -0.85 -26.20 -7.19
N ASN G 349 0.05 -25.28 -6.79
CA ASN G 349 -0.34 -24.03 -6.16
C ASN G 349 0.46 -22.91 -6.82
N LEU G 350 -0.25 -21.91 -7.33
CA LEU G 350 0.36 -20.75 -7.97
C LEU G 350 -0.72 -19.71 -8.20
N MET G 351 -0.36 -18.44 -8.04
CA MET G 351 -1.27 -17.32 -8.24
C MET G 351 -0.95 -16.65 -9.57
N VAL G 352 -1.92 -15.89 -10.09
CA VAL G 352 -1.75 -15.22 -11.38
C VAL G 352 -1.37 -13.74 -11.24
N LEU G 353 -1.79 -13.08 -10.15
CA LEU G 353 -1.52 -11.68 -9.87
C LEU G 353 -1.71 -10.78 -11.11
N PRO G 354 -2.91 -10.76 -11.69
CA PRO G 354 -3.12 -9.96 -12.90
C PRO G 354 -3.50 -8.52 -12.60
N LEU G 355 -3.73 -7.73 -13.64
CA LEU G 355 -4.11 -6.32 -13.51
C LEU G 355 -5.35 -6.05 -14.37
N SER H 220 -50.14 53.93 -16.49
CA SER H 220 -49.54 54.06 -17.81
C SER H 220 -48.43 53.04 -17.99
N GLU H 221 -47.56 52.93 -16.98
CA GLU H 221 -46.45 51.97 -17.04
C GLU H 221 -46.96 50.54 -17.21
N ALA H 222 -48.02 50.18 -16.48
CA ALA H 222 -48.57 48.83 -16.58
C ALA H 222 -49.03 48.51 -18.00
N ILE H 223 -49.76 49.45 -18.63
CA ILE H 223 -50.23 49.26 -20.00
C ILE H 223 -49.06 48.93 -20.92
N TYR H 224 -48.01 49.76 -20.90
CA TYR H 224 -46.85 49.51 -21.74
C TYR H 224 -46.18 48.19 -21.39
N ASN H 225 -45.92 47.95 -20.10
CA ASN H 225 -45.30 46.70 -19.68
C ASN H 225 -46.17 45.50 -20.05
N ARG H 226 -47.48 45.63 -19.86
CA ARG H 226 -48.39 44.53 -20.21
C ARG H 226 -48.35 44.26 -21.70
N MET H 227 -48.48 45.33 -22.50
CA MET H 227 -48.43 45.20 -23.95
C MET H 227 -47.13 44.57 -24.41
N ARG H 228 -46.01 44.98 -23.82
CA ARG H 228 -44.70 44.45 -24.21
C ARG H 228 -44.63 42.94 -23.99
N ALA H 229 -45.03 42.47 -22.81
CA ALA H 229 -44.98 41.05 -22.53
C ALA H 229 -45.91 40.26 -23.46
N GLU H 230 -47.07 40.83 -23.78
CA GLU H 230 -48.02 40.14 -24.66
C GLU H 230 -47.43 39.94 -26.05
N ARG H 231 -46.91 41.02 -26.66
CA ARG H 231 -46.31 40.91 -27.99
C ARG H 231 -45.14 39.94 -27.99
N GLU H 232 -44.37 39.91 -26.91
CA GLU H 232 -43.21 39.01 -26.84
C GLU H 232 -43.65 37.55 -26.94
N ALA H 233 -44.77 37.20 -26.33
CA ALA H 233 -45.25 35.82 -26.40
C ALA H 233 -45.66 35.47 -27.83
N VAL H 234 -46.26 36.42 -28.54
CA VAL H 234 -46.66 36.20 -29.93
C VAL H 234 -45.45 35.79 -30.76
N ALA H 235 -44.36 36.55 -30.63
CA ALA H 235 -43.14 36.25 -31.39
C ALA H 235 -42.60 34.87 -31.05
N ARG H 236 -42.64 34.49 -29.77
CA ARG H 236 -42.16 33.17 -29.36
C ARG H 236 -42.93 32.07 -30.08
N ARG H 237 -44.26 32.18 -30.12
CA ARG H 237 -45.10 31.22 -30.83
C ARG H 237 -44.60 31.03 -32.26
N HIS H 238 -44.49 32.13 -33.01
CA HIS H 238 -43.98 32.09 -34.38
C HIS H 238 -42.63 31.39 -34.46
N ARG H 239 -41.66 31.87 -33.68
CA ARG H 239 -40.31 31.29 -33.70
C ARG H 239 -40.34 29.83 -33.28
N SER H 240 -41.20 29.47 -32.31
CA SER H 240 -41.28 28.08 -31.88
C SER H 240 -41.91 27.21 -32.97
N GLN H 241 -42.95 27.74 -33.63
CA GLN H 241 -43.59 27.00 -34.71
C GLN H 241 -42.59 26.64 -35.79
N GLY H 242 -41.77 27.60 -36.20
CA GLY H 242 -40.75 27.35 -37.21
C GLY H 242 -39.81 26.23 -36.79
N GLN H 243 -39.34 26.27 -35.54
CA GLN H 243 -38.45 25.23 -35.04
C GLN H 243 -39.11 23.86 -35.13
N GLU H 244 -40.41 23.78 -34.80
CA GLU H 244 -41.12 22.51 -34.88
C GLU H 244 -41.08 21.96 -36.31
N GLU H 245 -41.49 22.78 -37.28
CA GLU H 245 -41.45 22.36 -38.67
C GLU H 245 -40.03 22.00 -39.10
N ALA H 246 -39.06 22.83 -38.73
CA ALA H 246 -37.66 22.57 -39.08
C ALA H 246 -37.19 21.23 -38.52
N GLU H 247 -37.49 20.97 -37.24
CA GLU H 247 -37.09 19.72 -36.61
C GLU H 247 -37.69 18.52 -37.36
N LYS H 248 -38.99 18.57 -37.64
CA LYS H 248 -39.65 17.49 -38.36
C LYS H 248 -38.97 17.21 -39.69
N LEU H 249 -38.71 18.27 -40.47
CA LEU H 249 -38.02 18.10 -41.76
C LEU H 249 -36.67 17.43 -41.57
N ARG H 250 -35.86 17.95 -40.64
CA ARG H 250 -34.56 17.34 -40.36
C ARG H 250 -34.69 15.87 -39.95
N ALA H 251 -35.77 15.54 -39.23
CA ALA H 251 -35.94 14.17 -38.76
C ALA H 251 -36.12 13.18 -39.90
N THR H 252 -36.96 13.52 -40.89
CA THR H 252 -37.16 12.60 -42.02
C THR H 252 -35.88 12.45 -42.83
N ALA H 253 -35.06 13.50 -42.91
CA ALA H 253 -33.81 13.43 -43.64
C ALA H 253 -32.90 12.33 -43.08
N ASP H 254 -32.78 12.26 -41.75
CA ASP H 254 -31.94 11.25 -41.14
C ASP H 254 -32.46 9.85 -41.42
N TYR H 255 -33.79 9.68 -41.46
CA TYR H 255 -34.37 8.38 -41.78
C TYR H 255 -33.91 7.91 -43.16
N GLU H 256 -33.97 8.80 -44.14
CA GLU H 256 -33.52 8.46 -45.49
C GLU H 256 -32.04 8.09 -45.50
N VAL H 257 -31.23 8.83 -44.72
CA VAL H 257 -29.80 8.55 -44.65
C VAL H 257 -29.57 7.13 -44.16
N THR H 258 -30.24 6.75 -43.07
CA THR H 258 -30.06 5.40 -42.55
C THR H 258 -30.64 4.36 -43.50
N ARG H 259 -31.65 4.74 -44.28
CA ARG H 259 -32.22 3.80 -45.24
C ARG H 259 -31.22 3.47 -46.34
N THR H 260 -30.45 4.48 -46.79
CA THR H 260 -29.44 4.27 -47.81
C THR H 260 -28.19 3.61 -47.23
N LEU H 261 -27.78 4.03 -46.03
CA LEU H 261 -26.61 3.44 -45.40
C LEU H 261 -26.85 1.97 -45.07
N ALA H 262 -28.05 1.64 -44.59
CA ALA H 262 -28.35 0.24 -44.28
C ALA H 262 -28.43 -0.58 -45.56
N GLU H 263 -29.05 -0.03 -46.61
CA GLU H 263 -29.13 -0.71 -47.89
C GLU H 263 -27.73 -1.05 -48.40
N ALA H 264 -26.82 -0.07 -48.35
CA ALA H 264 -25.45 -0.30 -48.77
C ALA H 264 -24.80 -1.44 -48.00
N GLU H 265 -25.01 -1.47 -46.67
CA GLU H 265 -24.44 -2.53 -45.85
C GLU H 265 -24.94 -3.90 -46.31
N ARG H 266 -26.22 -4.00 -46.66
CA ARG H 266 -26.76 -5.26 -47.15
C ARG H 266 -25.99 -5.73 -48.38
N GLN H 267 -25.83 -4.85 -49.37
CA GLN H 267 -25.06 -5.18 -50.55
C GLN H 267 -23.63 -5.54 -50.19
N GLY H 268 -23.03 -4.79 -49.27
CA GLY H 268 -21.65 -5.06 -48.88
C GLY H 268 -21.51 -6.43 -48.22
N ARG H 269 -22.44 -6.79 -47.34
CA ARG H 269 -22.39 -8.09 -46.69
C ARG H 269 -22.51 -9.20 -47.72
N ILE H 270 -23.43 -9.04 -48.68
CA ILE H 270 -23.61 -10.02 -49.75
C ILE H 270 -22.28 -10.24 -50.47
N MET H 271 -21.60 -9.13 -50.81
CA MET H 271 -20.31 -9.22 -51.48
C MET H 271 -19.28 -9.93 -50.62
N ARG H 272 -19.22 -9.58 -49.32
CA ARG H 272 -18.27 -10.21 -48.43
C ARG H 272 -18.54 -11.70 -48.27
N GLY H 273 -19.81 -12.10 -48.33
CA GLY H 273 -20.13 -13.52 -48.21
C GLY H 273 -19.54 -14.31 -49.36
N GLU H 274 -19.79 -13.86 -50.60
CA GLU H 274 -19.23 -14.49 -51.79
C GLU H 274 -17.73 -14.71 -51.65
N GLY H 275 -17.00 -13.65 -51.30
CA GLY H 275 -15.55 -13.76 -51.13
C GLY H 275 -15.15 -14.81 -50.12
N ASP H 276 -15.78 -14.79 -48.95
CA ASP H 276 -15.43 -15.76 -47.92
C ASP H 276 -15.82 -17.18 -48.33
N ALA H 277 -16.88 -17.32 -49.13
CA ALA H 277 -17.27 -18.66 -49.58
C ALA H 277 -16.24 -19.21 -50.56
N GLU H 278 -15.84 -18.38 -51.54
CA GLU H 278 -14.83 -18.76 -52.52
C GLU H 278 -13.56 -19.25 -51.84
N ALA H 279 -13.07 -18.49 -50.86
CA ALA H 279 -11.86 -18.87 -50.15
C ALA H 279 -12.03 -20.19 -49.41
N ALA H 280 -13.22 -20.41 -48.86
CA ALA H 280 -13.47 -21.66 -48.13
C ALA H 280 -13.35 -22.87 -49.06
N LYS H 281 -13.86 -22.75 -50.28
CA LYS H 281 -13.75 -23.85 -51.24
C LYS H 281 -12.28 -24.14 -51.56
N LEU H 282 -11.50 -23.09 -51.81
CA LEU H 282 -10.07 -23.26 -52.10
C LEU H 282 -9.36 -23.98 -50.96
N PHE H 283 -9.60 -23.53 -49.73
CA PHE H 283 -8.94 -24.14 -48.58
C PHE H 283 -9.34 -25.60 -48.42
N ALA H 284 -10.63 -25.90 -48.54
CA ALA H 284 -11.09 -27.27 -48.39
C ALA H 284 -10.50 -28.17 -49.47
N ASP H 285 -10.51 -27.71 -50.72
CA ASP H 285 -9.94 -28.49 -51.81
C ASP H 285 -8.44 -28.68 -51.62
N ALA H 286 -7.75 -27.63 -51.17
CA ALA H 286 -6.30 -27.69 -51.00
C ALA H 286 -5.90 -28.53 -49.79
N PHE H 287 -6.58 -28.35 -48.65
CA PHE H 287 -6.23 -29.04 -47.43
C PHE H 287 -6.90 -30.40 -47.26
N SER H 288 -7.82 -30.78 -48.14
CA SER H 288 -8.44 -32.10 -48.02
C SER H 288 -7.46 -33.22 -48.34
N LYS H 289 -6.32 -32.90 -48.97
CA LYS H 289 -5.33 -33.91 -49.30
C LYS H 289 -4.62 -34.41 -48.05
N ASP H 290 -4.25 -33.49 -47.14
CA ASP H 290 -3.54 -33.83 -45.91
C ASP H 290 -4.08 -32.91 -44.81
N PRO H 291 -5.22 -33.29 -44.20
CA PRO H 291 -5.79 -32.41 -43.16
C PRO H 291 -4.95 -32.32 -41.90
N ASP H 292 -4.37 -33.43 -41.44
CA ASP H 292 -3.58 -33.40 -40.21
C ASP H 292 -2.38 -32.48 -40.32
N PHE H 293 -1.70 -32.51 -41.47
CA PHE H 293 -0.54 -31.62 -41.65
C PHE H 293 -0.96 -30.16 -41.63
N TYR H 294 -2.11 -29.85 -42.24
CA TYR H 294 -2.61 -28.48 -42.24
C TYR H 294 -2.87 -28.00 -40.82
N ALA H 295 -3.48 -28.87 -40.00
CA ALA H 295 -3.74 -28.53 -38.61
C ALA H 295 -2.45 -28.25 -37.86
N PHE H 296 -1.37 -28.96 -38.21
CA PHE H 296 -0.09 -28.77 -37.54
C PHE H 296 0.50 -27.41 -37.87
N ILE H 297 0.64 -27.09 -39.17
CA ILE H 297 1.19 -25.81 -39.58
C ILE H 297 0.32 -24.66 -39.07
N ARG H 298 -0.96 -24.67 -39.45
CA ARG H 298 -1.92 -23.66 -39.02
C ARG H 298 -1.87 -23.39 -37.52
N SER H 299 -1.88 -24.46 -36.71
CA SER H 299 -1.86 -24.30 -35.26
C SER H 299 -0.57 -23.65 -34.80
N LEU H 300 0.58 -24.15 -35.27
CA LEU H 300 1.86 -23.56 -34.90
C LEU H 300 1.90 -22.08 -35.22
N ARG H 301 1.38 -21.70 -36.40
CA ARG H 301 1.32 -20.29 -36.78
C ARG H 301 0.49 -19.49 -35.79
N ALA H 302 -0.72 -19.98 -35.50
CA ALA H 302 -1.63 -19.32 -34.55
C ALA H 302 -0.95 -18.99 -33.23
N TYR H 303 -0.15 -19.93 -32.71
CA TYR H 303 0.55 -19.69 -31.45
C TYR H 303 1.48 -18.48 -31.55
N GLU H 304 2.32 -18.45 -32.58
CA GLU H 304 3.25 -17.34 -32.76
C GLU H 304 2.52 -16.00 -32.83
N ASN H 305 1.39 -15.94 -33.54
CA ASN H 305 0.64 -14.69 -33.65
C ASN H 305 -0.08 -14.34 -32.35
N SER H 306 -0.63 -15.34 -31.67
CA SER H 306 -1.37 -15.08 -30.43
C SER H 306 -0.44 -14.66 -29.30
N PHE H 307 0.62 -15.43 -29.06
CA PHE H 307 1.56 -15.13 -27.98
C PHE H 307 2.61 -14.10 -28.37
N SER H 308 2.52 -13.49 -29.56
CA SER H 308 3.46 -12.47 -30.00
C SER H 308 3.69 -11.41 -28.93
N GLY H 309 2.62 -10.79 -28.46
CA GLY H 309 2.75 -9.78 -27.41
C GLY H 309 3.38 -10.37 -26.16
N ASN H 310 4.18 -9.56 -25.48
CA ASN H 310 4.84 -9.99 -24.24
C ASN H 310 3.94 -9.80 -23.02
N GLN H 311 2.72 -10.36 -23.07
CA GLN H 311 1.77 -10.29 -21.97
C GLN H 311 1.26 -11.68 -21.61
N ASP H 312 2.10 -12.71 -21.79
CA ASP H 312 1.73 -14.08 -21.50
C ASP H 312 2.88 -14.79 -20.80
N VAL H 313 2.57 -15.46 -19.70
CA VAL H 313 3.54 -16.23 -18.92
C VAL H 313 3.27 -17.70 -19.18
N MET H 314 4.33 -18.49 -19.29
CA MET H 314 4.25 -19.94 -19.54
C MET H 314 4.99 -20.66 -18.42
N VAL H 315 4.25 -21.23 -17.47
CA VAL H 315 4.86 -21.95 -16.34
C VAL H 315 5.04 -23.40 -16.80
N MET H 316 6.16 -23.65 -17.46
CA MET H 316 6.51 -24.99 -17.92
C MET H 316 7.16 -25.76 -16.78
N SER H 317 7.58 -26.98 -17.07
CA SER H 317 8.26 -27.85 -16.12
C SER H 317 9.49 -28.46 -16.78
N PRO H 318 10.50 -28.85 -16.00
CA PRO H 318 11.69 -29.45 -16.62
C PRO H 318 11.45 -30.85 -17.12
N ASP H 319 10.44 -31.54 -16.61
CA ASP H 319 10.10 -32.89 -17.05
C ASP H 319 9.28 -32.90 -18.34
N SER H 320 9.01 -31.73 -18.94
CA SER H 320 8.22 -31.66 -20.15
C SER H 320 8.96 -32.31 -21.31
N ASP H 321 8.18 -32.71 -22.31
CA ASP H 321 8.74 -33.36 -23.49
C ASP H 321 9.66 -32.41 -24.27
N PHE H 322 9.29 -31.13 -24.37
CA PHE H 322 10.09 -30.18 -25.12
C PHE H 322 11.46 -29.98 -24.45
N PHE H 323 11.47 -29.95 -23.12
CA PHE H 323 12.69 -29.78 -22.35
C PHE H 323 13.36 -31.10 -22.00
N ARG H 324 13.09 -32.15 -22.77
CA ARG H 324 13.68 -33.46 -22.53
C ARG H 324 15.19 -33.48 -22.77
N TYR H 325 15.76 -32.44 -23.37
CA TYR H 325 17.19 -32.36 -23.63
C TYR H 325 17.87 -31.37 -22.68
N MET H 326 17.26 -31.14 -21.51
CA MET H 326 17.82 -30.30 -20.46
C MET H 326 18.34 -31.15 -19.30
N LYS H 327 18.63 -32.42 -19.58
CA LYS H 327 19.12 -33.38 -18.60
C LYS H 327 20.37 -34.05 -19.15
N THR H 328 21.23 -34.50 -18.23
CA THR H 328 22.49 -35.17 -18.52
C THR H 328 22.35 -36.20 -19.65
N PRO H 329 23.18 -36.13 -20.72
CA PRO H 329 22.99 -37.13 -21.77
C PRO H 329 23.46 -38.53 -21.36
N GLU I 246 -44.85 56.03 4.39
CA GLU I 246 -45.40 57.28 3.88
C GLU I 246 -46.33 57.01 2.70
N VAL I 247 -47.09 58.03 2.31
CA VAL I 247 -48.02 57.89 1.19
C VAL I 247 -47.28 57.50 -0.08
N LYS I 248 -46.07 58.04 -0.27
CA LYS I 248 -45.26 57.72 -1.45
C LYS I 248 -45.02 56.23 -1.56
N ALA I 249 -44.35 55.65 -0.55
CA ALA I 249 -44.07 54.23 -0.49
C ALA I 249 -45.30 53.38 -0.80
N ALA I 250 -46.41 53.67 -0.11
CA ALA I 250 -47.66 52.94 -0.27
C ALA I 250 -48.08 52.83 -1.73
N PHE I 251 -48.25 53.97 -2.40
CA PHE I 251 -48.66 53.99 -3.80
C PHE I 251 -47.71 53.17 -4.68
N ASP I 252 -46.40 53.33 -4.47
CA ASP I 252 -45.39 52.61 -5.26
C ASP I 252 -45.63 51.10 -5.26
N ASP I 253 -45.62 50.49 -4.06
CA ASP I 253 -45.86 49.04 -3.96
C ASP I 253 -47.17 48.64 -4.60
N ALA I 254 -48.25 49.40 -4.35
CA ALA I 254 -49.57 49.09 -4.88
C ALA I 254 -49.56 48.89 -6.40
N ILE I 255 -49.09 49.90 -7.13
CA ILE I 255 -49.06 49.79 -8.60
C ILE I 255 -48.08 48.71 -9.02
N ALA I 256 -46.94 48.61 -8.33
CA ALA I 256 -45.93 47.59 -8.65
C ALA I 256 -46.52 46.19 -8.58
N ALA I 257 -47.26 45.90 -7.50
CA ALA I 257 -47.88 44.59 -7.32
C ALA I 257 -48.74 44.20 -8.53
N ARG I 258 -49.73 45.04 -8.86
CA ARG I 258 -50.61 44.80 -10.00
C ARG I 258 -49.80 44.55 -11.28
N GLU I 259 -48.81 45.40 -11.54
CA GLU I 259 -47.98 45.27 -12.73
C GLU I 259 -47.31 43.90 -12.79
N ASN I 260 -46.72 43.46 -11.67
CA ASN I 260 -46.04 42.17 -11.63
C ASN I 260 -47.03 41.02 -11.83
N GLU I 261 -48.18 41.09 -11.13
CA GLU I 261 -49.23 40.07 -11.22
C GLU I 261 -49.55 39.71 -12.66
N GLN I 262 -49.85 40.72 -13.48
CA GLN I 262 -50.22 40.46 -14.88
C GLN I 262 -49.02 39.96 -15.68
N GLN I 263 -47.83 40.53 -15.43
CA GLN I 263 -46.64 40.12 -16.17
C GLN I 263 -46.34 38.64 -15.98
N TYR I 264 -46.31 38.18 -14.73
CA TYR I 264 -46.05 36.77 -14.43
C TYR I 264 -47.00 35.84 -15.19
N ILE I 265 -48.31 36.08 -15.08
CA ILE I 265 -49.31 35.27 -15.77
C ILE I 265 -49.00 35.17 -17.25
N ARG I 266 -48.90 36.33 -17.92
CA ARG I 266 -48.60 36.34 -19.35
C ARG I 266 -47.28 35.61 -19.64
N GLU I 267 -46.26 35.84 -18.81
CA GLU I 267 -44.98 35.16 -18.97
C GLU I 267 -45.17 33.65 -18.98
N ALA I 268 -45.98 33.12 -18.06
CA ALA I 268 -46.21 31.68 -18.00
C ALA I 268 -47.01 31.19 -19.21
N GLU I 269 -47.89 32.02 -19.76
CA GLU I 269 -48.66 31.64 -20.93
C GLU I 269 -47.74 31.32 -22.10
N ALA I 270 -46.74 32.18 -22.33
CA ALA I 270 -45.77 31.94 -23.39
C ALA I 270 -45.11 30.57 -23.23
N TYR I 271 -44.70 30.23 -22.01
CA TYR I 271 -44.00 28.95 -21.77
C TYR I 271 -44.83 27.76 -22.23
N THR I 272 -46.06 27.63 -21.71
CA THR I 272 -46.92 26.51 -22.12
C THR I 272 -47.10 26.48 -23.63
N ASN I 273 -47.38 27.63 -24.24
CA ASN I 273 -47.51 27.69 -25.69
C ASN I 273 -46.20 27.30 -26.37
N GLU I 274 -45.11 27.98 -26.01
CA GLU I 274 -43.79 27.74 -26.59
C GLU I 274 -43.35 26.27 -26.47
N VAL I 275 -43.39 25.72 -25.26
CA VAL I 275 -42.91 24.36 -25.03
C VAL I 275 -43.67 23.33 -25.88
N GLN I 276 -44.99 23.51 -26.05
CA GLN I 276 -45.84 22.58 -26.81
C GLN I 276 -45.23 22.18 -28.16
N PRO I 277 -44.97 23.08 -29.12
CA PRO I 277 -44.35 22.62 -30.37
C PRO I 277 -42.98 21.96 -30.17
N ARG I 278 -42.19 22.44 -29.20
CA ARG I 278 -40.89 21.83 -28.94
C ARG I 278 -41.01 20.34 -28.67
N ALA I 279 -42.01 19.95 -27.88
CA ALA I 279 -42.22 18.53 -27.60
C ALA I 279 -42.63 17.78 -28.86
N ASN I 280 -43.52 18.37 -29.65
CA ASN I 280 -43.96 17.77 -30.91
C ASN I 280 -42.76 17.45 -31.79
N GLY I 281 -41.83 18.41 -31.92
CA GLY I 281 -40.63 18.18 -32.71
C GLY I 281 -39.82 17.01 -32.19
N GLN I 282 -39.54 17.01 -30.88
CA GLN I 282 -38.79 15.92 -30.27
C GLN I 282 -39.53 14.59 -30.42
N ALA I 283 -40.87 14.62 -30.40
CA ALA I 283 -41.64 13.41 -30.57
C ALA I 283 -41.37 12.77 -31.93
N GLN I 284 -41.35 13.60 -32.98
CA GLN I 284 -41.07 13.13 -34.33
C GLN I 284 -39.73 12.38 -34.39
N ARG I 285 -38.72 12.91 -33.72
CA ARG I 285 -37.38 12.30 -33.71
C ARG I 285 -37.41 10.82 -33.36
N ILE I 286 -38.01 10.48 -32.22
CA ILE I 286 -38.08 9.07 -31.84
C ILE I 286 -38.96 8.30 -32.82
N LEU I 287 -40.06 8.91 -33.28
CA LEU I 287 -40.91 8.27 -34.28
C LEU I 287 -40.12 7.93 -35.53
N GLU I 288 -39.40 8.92 -36.07
CA GLU I 288 -38.57 8.70 -37.25
C GLU I 288 -37.47 7.69 -36.96
N GLU I 289 -36.80 7.84 -35.80
CA GLU I 289 -35.73 6.93 -35.44
C GLU I 289 -36.23 5.50 -35.33
N ALA I 290 -37.41 5.30 -34.74
CA ALA I 290 -37.97 3.96 -34.65
C ALA I 290 -38.19 3.37 -36.03
N ARG I 291 -38.80 4.16 -36.92
CA ARG I 291 -38.99 3.72 -38.30
C ARG I 291 -37.65 3.37 -38.95
N ALA I 292 -36.65 4.23 -38.74
CA ALA I 292 -35.31 4.00 -39.27
C ALA I 292 -34.76 2.66 -38.78
N TYR I 293 -34.89 2.40 -37.48
CA TYR I 293 -34.40 1.15 -36.91
C TYR I 293 -35.06 -0.05 -37.58
N LYS I 294 -36.40 0.01 -37.72
CA LYS I 294 -37.15 -1.04 -38.41
C LYS I 294 -36.52 -1.37 -39.76
N ALA I 295 -36.35 -0.35 -40.60
CA ALA I 295 -35.73 -0.54 -41.90
C ALA I 295 -34.34 -1.13 -41.78
N GLN I 296 -33.50 -0.52 -40.92
CA GLN I 296 -32.13 -0.99 -40.72
C GLN I 296 -32.11 -2.45 -40.28
N THR I 297 -32.89 -2.78 -39.25
CA THR I 297 -32.97 -4.15 -38.73
C THR I 297 -33.26 -5.15 -39.85
N ILE I 298 -34.38 -4.96 -40.55
CA ILE I 298 -34.76 -5.85 -41.66
C ILE I 298 -33.63 -5.96 -42.67
N LEU I 299 -33.08 -4.82 -43.09
CA LEU I 299 -31.98 -4.82 -44.06
C LEU I 299 -30.78 -5.58 -43.52
N GLU I 300 -30.39 -5.30 -42.28
CA GLU I 300 -29.24 -6.00 -41.69
C GLU I 300 -29.49 -7.49 -41.61
N ALA I 301 -30.73 -7.89 -41.28
CA ALA I 301 -31.06 -9.31 -41.21
C ALA I 301 -30.86 -9.99 -42.55
N GLN I 302 -31.39 -9.39 -43.62
CA GLN I 302 -31.25 -9.93 -44.97
C GLN I 302 -29.79 -10.22 -45.30
N GLY I 303 -28.90 -9.27 -44.99
CA GLY I 303 -27.48 -9.46 -45.26
C GLY I 303 -26.93 -10.72 -44.62
N GLU I 304 -27.15 -10.87 -43.30
CA GLU I 304 -26.68 -12.06 -42.60
C GLU I 304 -27.26 -13.33 -43.19
N VAL I 305 -28.55 -13.31 -43.51
CA VAL I 305 -29.21 -14.47 -44.13
C VAL I 305 -28.49 -14.85 -45.42
N ALA I 306 -28.29 -13.87 -46.30
CA ALA I 306 -27.60 -14.11 -47.57
C ALA I 306 -26.24 -14.77 -47.36
N ARG I 307 -25.43 -14.21 -46.45
CA ARG I 307 -24.11 -14.78 -46.19
C ARG I 307 -24.21 -16.21 -45.70
N PHE I 308 -25.17 -16.50 -44.81
CA PHE I 308 -25.35 -17.86 -44.33
C PHE I 308 -25.70 -18.80 -45.46
N ALA I 309 -26.70 -18.41 -46.27
CA ALA I 309 -27.14 -19.18 -47.44
C ALA I 309 -25.97 -19.70 -48.27
N LYS I 310 -25.12 -18.78 -48.72
CA LYS I 310 -23.95 -19.12 -49.53
C LYS I 310 -23.05 -20.16 -48.85
N LEU I 311 -22.60 -19.84 -47.63
CA LEU I 311 -21.69 -20.71 -46.88
C LEU I 311 -22.17 -22.15 -46.74
N LEU I 312 -23.47 -22.37 -46.55
CA LEU I 312 -24.01 -23.71 -46.28
C LEU I 312 -23.65 -24.79 -47.31
N PRO I 313 -24.03 -24.67 -48.60
CA PRO I 313 -23.64 -25.72 -49.59
C PRO I 313 -22.17 -26.11 -49.54
N GLU I 314 -21.27 -25.16 -49.32
CA GLU I 314 -19.85 -25.47 -49.27
C GLU I 314 -19.52 -26.29 -48.03
N TYR I 315 -19.83 -25.74 -46.84
CA TYR I 315 -19.63 -26.41 -45.56
C TYR I 315 -20.02 -27.89 -45.60
N LYS I 316 -21.19 -28.19 -46.17
CA LYS I 316 -21.65 -29.57 -46.29
C LYS I 316 -20.66 -30.45 -47.05
N ALA I 317 -19.89 -29.86 -47.98
CA ALA I 317 -18.94 -30.64 -48.75
C ALA I 317 -17.80 -31.13 -47.86
N ALA I 318 -17.18 -30.22 -47.10
CA ALA I 318 -16.07 -30.54 -46.21
C ALA I 318 -16.33 -29.84 -44.88
N PRO I 319 -17.18 -30.43 -44.02
CA PRO I 319 -17.43 -29.79 -42.72
C PRO I 319 -16.23 -29.84 -41.78
N GLU I 320 -15.54 -30.98 -41.72
CA GLU I 320 -14.41 -31.14 -40.82
C GLU I 320 -13.31 -30.14 -41.13
N ILE I 321 -12.93 -30.01 -42.41
CA ILE I 321 -11.83 -29.13 -42.78
C ILE I 321 -12.20 -27.67 -42.54
N THR I 322 -13.39 -27.25 -42.97
CA THR I 322 -13.77 -25.85 -42.78
C THR I 322 -14.01 -25.54 -41.29
N ARG I 323 -14.58 -26.49 -40.55
CA ARG I 323 -14.80 -26.28 -39.12
C ARG I 323 -13.48 -26.04 -38.39
N GLU I 324 -12.47 -26.85 -38.69
CA GLU I 324 -11.16 -26.71 -38.07
C GLU I 324 -10.54 -25.36 -38.38
N ARG I 325 -10.64 -24.92 -39.64
CA ARG I 325 -10.05 -23.65 -40.04
C ARG I 325 -10.70 -22.49 -39.30
N LEU I 326 -12.02 -22.50 -39.18
CA LEU I 326 -12.70 -21.42 -38.47
C LEU I 326 -12.35 -21.43 -36.98
N TYR I 327 -12.25 -22.63 -36.40
CA TYR I 327 -11.89 -22.77 -35.00
C TYR I 327 -10.54 -22.11 -34.70
N ILE I 328 -9.50 -22.53 -35.42
CA ILE I 328 -8.15 -21.99 -35.23
C ILE I 328 -8.15 -20.48 -35.46
N GLU I 329 -8.87 -20.02 -36.48
CA GLU I 329 -8.93 -18.59 -36.78
C GLU I 329 -9.50 -17.81 -35.61
N THR I 330 -10.73 -18.14 -35.21
CA THR I 330 -11.37 -17.47 -34.08
C THR I 330 -10.49 -17.55 -32.83
N MET I 331 -10.00 -18.75 -32.51
CA MET I 331 -9.15 -18.95 -31.34
C MET I 331 -7.94 -18.02 -31.38
N GLU I 332 -7.26 -17.97 -32.52
CA GLU I 332 -6.10 -17.09 -32.72
C GLU I 332 -6.39 -15.66 -32.28
N LYS I 333 -7.54 -15.11 -32.69
CA LYS I 333 -7.86 -13.72 -32.38
C LYS I 333 -8.12 -13.51 -30.89
N VAL I 334 -9.04 -14.30 -30.31
CA VAL I 334 -9.35 -14.15 -28.88
C VAL I 334 -8.08 -14.27 -28.03
N LEU I 335 -7.35 -15.38 -28.20
CA LEU I 335 -6.10 -15.58 -27.47
C LEU I 335 -5.16 -14.38 -27.60
N GLY I 336 -5.05 -13.83 -28.81
CA GLY I 336 -4.18 -12.69 -29.03
C GLY I 336 -4.52 -11.48 -28.18
N ASN I 337 -5.80 -11.30 -27.87
CA ASN I 337 -6.25 -10.16 -27.08
C ASN I 337 -6.33 -10.44 -25.59
N THR I 338 -6.18 -11.70 -25.16
CA THR I 338 -6.24 -12.08 -23.76
C THR I 338 -4.84 -12.42 -23.24
N ARG I 339 -4.74 -12.49 -21.91
CA ARG I 339 -3.49 -12.81 -21.21
C ARG I 339 -3.49 -14.29 -20.85
N LYS I 340 -2.85 -15.11 -21.68
CA LYS I 340 -2.80 -16.55 -21.45
C LYS I 340 -1.86 -16.89 -20.30
N VAL I 341 -2.07 -18.07 -19.71
CA VAL I 341 -1.30 -18.57 -18.58
C VAL I 341 -0.63 -19.90 -18.89
N LEU I 342 -1.39 -20.88 -19.40
CA LEU I 342 -0.85 -22.18 -19.80
C LEU I 342 -0.13 -22.92 -18.66
N VAL I 343 -0.87 -23.23 -17.60
CA VAL I 343 -0.30 -23.92 -16.45
C VAL I 343 -1.12 -25.15 -16.09
N ASN I 344 -0.41 -26.19 -15.64
CA ASN I 344 -1.01 -27.44 -15.21
C ASN I 344 -2.07 -27.20 -14.14
N ASP I 345 -3.20 -27.91 -14.28
CA ASP I 345 -4.31 -27.76 -13.34
C ASP I 345 -4.44 -28.96 -12.42
N LYS I 346 -3.30 -29.55 -12.03
CA LYS I 346 -3.33 -30.65 -11.07
C LYS I 346 -3.84 -30.16 -9.72
N GLY I 347 -3.50 -28.94 -9.36
CA GLY I 347 -3.95 -28.34 -8.12
C GLY I 347 -4.51 -26.97 -8.43
N GLY I 348 -5.64 -26.65 -7.80
CA GLY I 348 -6.34 -25.41 -8.07
C GLY I 348 -6.25 -24.34 -6.99
N ASN I 349 -5.09 -24.18 -6.37
CA ASN I 349 -4.92 -23.16 -5.34
C ASN I 349 -4.39 -21.87 -5.98
N LEU I 350 -5.24 -21.32 -6.84
CA LEU I 350 -4.96 -20.08 -7.57
C LEU I 350 -5.89 -18.99 -7.06
N MET I 351 -5.40 -17.76 -7.02
CA MET I 351 -6.17 -16.60 -6.60
C MET I 351 -6.31 -15.64 -7.77
N VAL I 352 -7.56 -15.34 -8.15
CA VAL I 352 -7.85 -14.46 -9.28
C VAL I 352 -7.17 -13.10 -9.15
N LEU I 353 -7.08 -12.55 -7.94
CA LEU I 353 -6.51 -11.24 -7.68
C LEU I 353 -7.07 -10.15 -8.62
N PRO I 354 -8.38 -9.91 -8.59
CA PRO I 354 -8.97 -8.90 -9.48
C PRO I 354 -9.03 -7.53 -8.80
N LEU I 355 -9.42 -6.54 -9.59
CA LEU I 355 -9.53 -5.17 -9.10
C LEU I 355 -10.63 -4.42 -9.86
N THR J 217 -42.98 63.58 18.99
CA THR J 217 -42.85 63.33 17.55
C THR J 217 -42.38 61.90 17.26
N GLU J 218 -41.77 61.24 18.25
CA GLU J 218 -41.30 59.88 18.03
C GLU J 218 -42.46 58.91 17.82
N VAL J 219 -43.63 59.23 18.38
CA VAL J 219 -44.80 58.36 18.21
C VAL J 219 -45.22 58.32 16.74
N SER J 220 -45.34 59.48 16.10
CA SER J 220 -45.75 59.54 14.71
C SER J 220 -44.73 58.90 13.78
N GLU J 221 -43.44 58.95 14.14
CA GLU J 221 -42.40 58.36 13.32
C GLU J 221 -42.63 56.87 13.13
N ALA J 222 -43.08 56.18 14.17
CA ALA J 222 -43.32 54.74 14.08
C ALA J 222 -44.70 54.38 13.55
N ILE J 223 -45.61 55.35 13.44
CA ILE J 223 -46.93 55.01 12.89
C ILE J 223 -46.81 54.75 11.40
N TYR J 224 -45.86 55.43 10.73
CA TYR J 224 -45.66 55.19 9.31
C TYR J 224 -45.00 53.83 9.08
N ASN J 225 -44.09 53.45 9.97
CA ASN J 225 -43.43 52.14 9.85
C ASN J 225 -44.43 51.01 9.98
N ARG J 226 -45.49 51.21 10.77
CA ARG J 226 -46.50 50.17 10.91
C ARG J 226 -47.38 50.10 9.66
N MET J 227 -47.72 51.26 9.10
CA MET J 227 -48.49 51.28 7.86
C MET J 227 -47.66 50.80 6.68
N ARG J 228 -46.33 50.95 6.78
CA ARG J 228 -45.45 50.50 5.71
C ARG J 228 -45.43 48.98 5.61
N ALA J 229 -45.52 48.30 6.75
CA ALA J 229 -45.50 46.83 6.74
C ALA J 229 -46.79 46.27 6.16
N GLU J 230 -47.89 47.02 6.25
CA GLU J 230 -49.16 46.56 5.69
C GLU J 230 -49.06 46.40 4.18
N ARG J 231 -48.25 47.23 3.52
CA ARG J 231 -48.11 47.15 2.08
C ARG J 231 -47.51 45.80 1.67
N GLU J 232 -46.44 45.37 2.36
CA GLU J 232 -45.82 44.08 2.09
C GLU J 232 -46.84 42.96 2.01
N ALA J 233 -47.69 42.85 3.03
CA ALA J 233 -48.75 41.84 3.04
C ALA J 233 -49.60 41.90 1.79
N VAL J 234 -50.15 43.08 1.49
CA VAL J 234 -50.97 43.26 0.29
C VAL J 234 -50.14 42.94 -0.95
N ALA J 235 -48.92 43.47 -1.02
CA ALA J 235 -48.04 43.20 -2.16
C ALA J 235 -47.80 41.70 -2.32
N ARG J 236 -47.44 41.03 -1.21
CA ARG J 236 -47.23 39.60 -1.22
C ARG J 236 -48.42 38.86 -1.84
N ARG J 237 -49.62 39.09 -1.27
CA ARG J 237 -50.87 38.50 -1.76
C ARG J 237 -50.98 38.57 -3.28
N HIS J 238 -50.86 39.78 -3.82
CA HIS J 238 -50.87 39.95 -5.27
C HIS J 238 -49.74 39.17 -5.92
N ARG J 239 -48.50 39.47 -5.52
CA ARG J 239 -47.33 38.80 -6.08
C ARG J 239 -47.34 37.29 -5.84
N SER J 240 -48.12 36.80 -4.86
CA SER J 240 -48.18 35.36 -4.61
C SER J 240 -49.11 34.68 -5.61
N GLN J 241 -50.31 35.27 -5.82
CA GLN J 241 -51.26 34.75 -6.79
C GLN J 241 -50.62 34.54 -8.16
N GLY J 242 -49.67 35.41 -8.52
CA GLY J 242 -48.95 35.27 -9.78
C GLY J 242 -48.23 33.95 -9.84
N GLN J 243 -47.26 33.76 -8.93
CA GLN J 243 -46.49 32.51 -8.81
C GLN J 243 -47.38 31.29 -8.92
N GLU J 244 -48.39 31.21 -8.03
CA GLU J 244 -49.38 30.12 -8.05
C GLU J 244 -49.87 29.84 -9.45
N GLU J 245 -50.47 30.85 -10.09
CA GLU J 245 -50.95 30.71 -11.46
C GLU J 245 -49.81 30.34 -12.40
N ALA J 246 -48.68 31.04 -12.29
CA ALA J 246 -47.51 30.76 -13.11
C ALA J 246 -47.06 29.32 -12.97
N GLU J 247 -46.94 28.84 -11.73
CA GLU J 247 -46.49 27.47 -11.51
C GLU J 247 -47.57 26.48 -11.92
N LYS J 248 -48.84 26.80 -11.64
CA LYS J 248 -49.94 25.94 -12.06
C LYS J 248 -49.90 25.69 -13.57
N LEU J 249 -49.80 26.78 -14.34
CA LEU J 249 -49.73 26.67 -15.80
C LEU J 249 -48.52 25.83 -16.22
N ARG J 250 -47.34 26.15 -15.68
CA ARG J 250 -46.12 25.42 -15.99
C ARG J 250 -46.27 23.93 -15.73
N ALA J 251 -46.90 23.55 -14.61
CA ALA J 251 -47.01 22.14 -14.28
C ALA J 251 -47.95 21.40 -15.23
N THR J 252 -49.12 21.97 -15.54
CA THR J 252 -50.03 21.31 -16.48
C THR J 252 -49.36 21.17 -17.85
N ALA J 253 -48.61 22.18 -18.27
CA ALA J 253 -47.91 22.11 -19.55
C ALA J 253 -46.97 20.92 -19.60
N ASP J 254 -46.17 20.73 -18.55
CA ASP J 254 -45.23 19.62 -18.48
C ASP J 254 -45.96 18.28 -18.65
N TYR J 255 -47.12 18.13 -18.00
CA TYR J 255 -47.92 16.91 -18.14
C TYR J 255 -48.22 16.64 -19.61
N GLU J 256 -48.81 17.63 -20.29
CA GLU J 256 -49.11 17.49 -21.71
C GLU J 256 -47.86 17.17 -22.51
N VAL J 257 -46.76 17.87 -22.22
CA VAL J 257 -45.49 17.62 -22.90
C VAL J 257 -45.08 16.16 -22.72
N THR J 258 -45.05 15.70 -21.46
CA THR J 258 -44.70 14.31 -21.18
C THR J 258 -45.66 13.36 -21.88
N ARG J 259 -46.97 13.68 -21.84
CA ARG J 259 -47.98 12.87 -22.51
C ARG J 259 -47.65 12.69 -23.99
N THR J 260 -47.34 13.79 -24.67
CA THR J 260 -46.99 13.73 -26.08
C THR J 260 -45.76 12.86 -26.31
N LEU J 261 -44.71 13.08 -25.51
CA LEU J 261 -43.50 12.29 -25.64
C LEU J 261 -43.77 10.81 -25.37
N ALA J 262 -44.65 10.52 -24.41
CA ALA J 262 -44.97 9.13 -24.11
C ALA J 262 -45.83 8.52 -25.21
N GLU J 263 -46.72 9.31 -25.81
CA GLU J 263 -47.55 8.81 -26.90
C GLU J 263 -46.68 8.41 -28.09
N ALA J 264 -45.69 9.25 -28.41
CA ALA J 264 -44.79 8.94 -29.51
C ALA J 264 -44.02 7.65 -29.27
N GLU J 265 -43.59 7.43 -28.03
CA GLU J 265 -42.86 6.21 -27.69
C GLU J 265 -43.68 4.97 -27.99
N ARG J 266 -44.98 5.00 -27.66
CA ARG J 266 -45.88 3.90 -27.95
C ARG J 266 -45.80 3.50 -29.42
N GLN J 267 -46.00 4.45 -30.32
CA GLN J 267 -45.91 4.18 -31.75
C GLN J 267 -44.52 3.69 -32.13
N GLY J 268 -43.48 4.31 -31.55
CA GLY J 268 -42.12 3.91 -31.86
C GLY J 268 -41.84 2.47 -31.48
N ARG J 269 -42.31 2.04 -30.30
CA ARG J 269 -42.10 0.66 -29.87
C ARG J 269 -42.79 -0.31 -30.81
N ILE J 270 -44.04 -0.01 -31.18
CA ILE J 270 -44.79 -0.85 -32.12
C ILE J 270 -43.97 -1.06 -33.39
N MET J 271 -43.44 0.02 -33.95
CA MET J 271 -42.62 -0.07 -35.16
C MET J 271 -41.42 -0.97 -34.93
N ARG J 272 -40.69 -0.75 -33.82
CA ARG J 272 -39.52 -1.58 -33.51
C ARG J 272 -39.90 -3.04 -33.38
N GLY J 273 -41.05 -3.33 -32.75
CA GLY J 273 -41.49 -4.70 -32.61
C GLY J 273 -41.71 -5.37 -33.96
N GLU J 274 -42.49 -4.71 -34.83
CA GLU J 274 -42.74 -5.21 -36.18
C GLU J 274 -41.44 -5.57 -36.89
N GLY J 275 -40.49 -4.63 -36.90
CA GLY J 275 -39.21 -4.89 -37.53
C GLY J 275 -38.51 -6.12 -36.96
N ASP J 276 -38.47 -6.22 -35.63
CA ASP J 276 -37.84 -7.37 -34.99
C ASP J 276 -38.55 -8.66 -35.35
N ALA J 277 -39.88 -8.63 -35.43
CA ALA J 277 -40.64 -9.82 -35.78
C ALA J 277 -40.26 -10.30 -37.18
N GLU J 278 -40.23 -9.38 -38.15
CA GLU J 278 -39.84 -9.72 -39.51
C GLU J 278 -38.44 -10.32 -39.53
N ALA J 279 -37.51 -9.68 -38.82
CA ALA J 279 -36.13 -10.17 -38.76
C ALA J 279 -36.08 -11.60 -38.23
N ALA J 280 -36.89 -11.91 -37.23
CA ALA J 280 -36.91 -13.26 -36.66
C ALA J 280 -37.31 -14.28 -37.71
N LYS J 281 -38.46 -14.07 -38.36
CA LYS J 281 -38.94 -14.93 -39.45
C LYS J 281 -37.83 -15.30 -40.43
N LEU J 282 -37.15 -14.29 -40.97
CA LEU J 282 -36.05 -14.49 -41.91
C LEU J 282 -35.00 -15.44 -41.33
N PHE J 283 -34.45 -15.06 -40.17
CA PHE J 283 -33.44 -15.88 -39.49
C PHE J 283 -33.89 -17.31 -39.32
N ALA J 284 -35.12 -17.52 -38.83
CA ALA J 284 -35.64 -18.85 -38.59
C ALA J 284 -35.58 -19.73 -39.83
N ASP J 285 -36.24 -19.30 -40.91
CA ASP J 285 -36.23 -20.09 -42.15
C ASP J 285 -34.82 -20.28 -42.67
N ALA J 286 -34.01 -19.21 -42.68
CA ALA J 286 -32.63 -19.32 -43.17
C ALA J 286 -31.81 -20.26 -42.33
N PHE J 287 -31.99 -20.24 -41.00
CA PHE J 287 -31.23 -21.08 -40.10
C PHE J 287 -31.87 -22.45 -39.85
N SER J 288 -33.14 -22.64 -40.23
CA SER J 288 -33.78 -23.94 -40.03
C SER J 288 -33.16 -25.05 -40.89
N LYS J 289 -32.26 -24.71 -41.82
CA LYS J 289 -31.62 -25.73 -42.64
C LYS J 289 -30.57 -26.50 -41.84
N ASP J 290 -29.81 -25.78 -41.00
CA ASP J 290 -28.76 -26.40 -40.18
C ASP J 290 -28.62 -25.56 -38.91
N PRO J 291 -29.32 -25.94 -37.83
CA PRO J 291 -29.20 -25.14 -36.60
C PRO J 291 -27.83 -25.25 -35.95
N ASP J 292 -27.25 -26.45 -35.91
CA ASP J 292 -25.96 -26.63 -35.25
C ASP J 292 -24.87 -25.78 -35.91
N PHE J 293 -24.84 -25.73 -37.24
CA PHE J 293 -23.84 -24.91 -37.92
C PHE J 293 -24.01 -23.44 -37.57
N TYR J 294 -25.26 -22.97 -37.45
CA TYR J 294 -25.51 -21.58 -37.10
C TYR J 294 -24.96 -21.27 -35.71
N ALA J 295 -25.16 -22.19 -34.76
CA ALA J 295 -24.65 -22.00 -33.42
C ALA J 295 -23.14 -21.84 -33.42
N PHE J 296 -22.44 -22.66 -34.21
CA PHE J 296 -20.99 -22.60 -34.30
C PHE J 296 -20.51 -21.23 -34.74
N ILE J 297 -21.04 -20.74 -35.87
CA ILE J 297 -20.63 -19.44 -36.38
C ILE J 297 -20.99 -18.33 -35.39
N ARG J 298 -22.28 -18.22 -35.06
CA ARG J 298 -22.77 -17.22 -34.10
C ARG J 298 -21.96 -17.22 -32.82
N SER J 299 -21.74 -18.40 -32.23
CA SER J 299 -20.99 -18.47 -30.98
C SER J 299 -19.56 -17.98 -31.16
N LEU J 300 -18.92 -18.34 -32.27
CA LEU J 300 -17.55 -17.88 -32.51
C LEU J 300 -17.50 -16.37 -32.61
N ARG J 301 -18.39 -15.78 -33.42
CA ARG J 301 -18.49 -14.33 -33.55
C ARG J 301 -18.59 -13.67 -32.17
N ALA J 302 -19.49 -14.20 -31.33
CA ALA J 302 -19.68 -13.66 -29.98
C ALA J 302 -18.38 -13.68 -29.19
N TYR J 303 -17.68 -14.82 -29.21
CA TYR J 303 -16.39 -14.94 -28.50
C TYR J 303 -15.44 -13.81 -28.85
N GLU J 304 -15.27 -13.54 -30.14
CA GLU J 304 -14.38 -12.46 -30.57
C GLU J 304 -14.85 -11.12 -30.03
N ASN J 305 -16.14 -10.79 -30.23
CA ASN J 305 -16.67 -9.53 -29.75
C ASN J 305 -16.66 -9.47 -28.23
N SER J 306 -16.96 -10.59 -27.57
CA SER J 306 -16.99 -10.62 -26.11
C SER J 306 -15.60 -10.41 -25.52
N PHE J 307 -14.60 -11.13 -26.06
CA PHE J 307 -13.23 -11.03 -25.58
C PHE J 307 -12.42 -9.95 -26.31
N SER J 308 -13.09 -9.06 -27.05
CA SER J 308 -12.40 -7.98 -27.74
C SER J 308 -11.56 -7.15 -26.77
N GLY J 309 -12.12 -6.82 -25.62
CA GLY J 309 -11.41 -6.03 -24.64
C GLY J 309 -10.14 -6.73 -24.16
N ASN J 310 -9.26 -5.92 -23.57
CA ASN J 310 -7.95 -6.35 -23.09
C ASN J 310 -7.87 -6.19 -21.57
N GLN J 311 -8.95 -6.56 -20.88
CA GLN J 311 -9.06 -6.48 -19.43
C GLN J 311 -9.57 -7.81 -18.87
N ASP J 312 -9.35 -8.90 -19.59
CA ASP J 312 -9.76 -10.24 -19.21
C ASP J 312 -8.54 -11.15 -19.31
N VAL J 313 -8.36 -12.02 -18.32
CA VAL J 313 -7.21 -12.92 -18.26
C VAL J 313 -7.73 -14.35 -18.38
N MET J 314 -7.42 -15.00 -19.50
CA MET J 314 -7.81 -16.37 -19.75
C MET J 314 -6.72 -17.30 -19.22
N VAL J 315 -7.13 -18.40 -18.59
CA VAL J 315 -6.20 -19.35 -17.99
C VAL J 315 -6.39 -20.70 -18.68
N MET J 316 -5.59 -20.95 -19.70
CA MET J 316 -5.58 -22.21 -20.42
C MET J 316 -4.66 -23.18 -19.67
N SER J 317 -4.37 -24.34 -20.29
CA SER J 317 -3.48 -25.32 -19.71
C SER J 317 -2.78 -26.05 -20.84
N PRO J 318 -1.53 -26.52 -20.63
CA PRO J 318 -0.84 -27.22 -21.72
C PRO J 318 -1.51 -28.51 -22.14
N ASP J 319 -2.14 -29.22 -21.20
CA ASP J 319 -2.83 -30.47 -21.51
C ASP J 319 -4.13 -30.26 -22.28
N SER J 320 -4.55 -29.02 -22.54
CA SER J 320 -5.79 -28.78 -23.25
C SER J 320 -5.71 -29.27 -24.68
N ASP J 321 -6.88 -29.58 -25.24
CA ASP J 321 -6.97 -30.09 -26.61
C ASP J 321 -6.43 -29.08 -27.62
N PHE J 322 -6.73 -27.80 -27.44
CA PHE J 322 -6.27 -26.79 -28.39
C PHE J 322 -4.74 -26.74 -28.46
N PHE J 323 -4.08 -26.94 -27.33
CA PHE J 323 -2.62 -26.89 -27.24
C PHE J 323 -1.98 -28.26 -27.42
N ARG J 324 -2.73 -29.24 -27.94
CA ARG J 324 -2.19 -30.58 -28.18
C ARG J 324 -1.03 -30.56 -29.16
N TYR J 325 -0.89 -29.51 -29.97
CA TYR J 325 0.20 -29.39 -30.93
C TYR J 325 1.37 -28.57 -30.37
N MET J 326 1.53 -28.59 -29.05
CA MET J 326 2.63 -27.96 -28.34
C MET J 326 3.49 -29.00 -27.64
N LYS J 327 3.26 -30.28 -27.94
CA LYS J 327 3.97 -31.42 -27.37
C LYS J 327 4.70 -32.10 -28.51
N THR J 328 5.98 -32.44 -28.30
CA THR J 328 6.87 -33.04 -29.29
C THR J 328 6.18 -34.14 -30.10
N PRO J 329 6.22 -34.09 -31.45
CA PRO J 329 5.54 -35.14 -32.20
C PRO J 329 6.19 -36.52 -32.02
N GLU K 246 -28.02 61.56 29.05
CA GLU K 246 -28.09 60.13 29.30
C GLU K 246 -29.54 59.65 29.33
N VAL K 247 -30.43 60.46 29.91
CA VAL K 247 -31.84 60.11 29.97
C VAL K 247 -32.45 60.08 28.57
N LYS K 248 -31.93 60.90 27.65
CA LYS K 248 -32.46 60.94 26.28
C LYS K 248 -32.26 59.59 25.59
N ALA K 249 -31.04 59.06 25.61
CA ALA K 249 -30.75 57.78 24.97
C ALA K 249 -31.63 56.67 25.53
N ALA K 250 -31.83 56.66 26.85
CA ALA K 250 -32.67 55.65 27.49
C ALA K 250 -34.08 55.62 26.91
N PHE K 251 -34.73 56.78 26.82
CA PHE K 251 -36.11 56.83 26.35
C PHE K 251 -36.24 56.40 24.89
N ASP K 252 -35.23 56.71 24.06
CA ASP K 252 -35.26 56.33 22.65
C ASP K 252 -35.47 54.83 22.48
N ASP K 253 -34.56 54.03 23.05
CA ASP K 253 -34.63 52.57 22.98
C ASP K 253 -36.01 52.05 23.35
N ALA K 254 -36.54 52.49 24.50
CA ALA K 254 -37.85 52.05 24.98
C ALA K 254 -38.93 52.21 23.90
N ILE K 255 -39.03 53.40 23.30
CA ILE K 255 -40.03 53.60 22.26
C ILE K 255 -39.63 52.84 21.00
N ALA K 256 -38.34 52.86 20.66
CA ALA K 256 -37.83 52.13 19.50
C ALA K 256 -38.18 50.65 19.56
N ALA K 257 -38.25 50.08 20.77
CA ALA K 257 -38.53 48.66 20.93
C ALA K 257 -39.99 48.34 20.59
N ARG K 258 -40.93 49.11 21.17
CA ARG K 258 -42.36 48.91 20.92
C ARG K 258 -42.66 48.73 19.44
N GLU K 259 -42.12 49.62 18.60
CA GLU K 259 -42.33 49.50 17.16
C GLU K 259 -41.67 48.24 16.62
N ASN K 260 -40.48 47.90 17.14
CA ASN K 260 -39.78 46.71 16.67
C ASN K 260 -40.57 45.45 16.99
N GLU K 261 -41.21 45.40 18.16
CA GLU K 261 -42.03 44.25 18.52
C GLU K 261 -43.12 44.03 17.47
N GLN K 262 -43.88 45.08 17.16
CA GLN K 262 -44.93 44.99 16.14
C GLN K 262 -44.35 44.59 14.79
N GLN K 263 -43.17 45.13 14.44
CA GLN K 263 -42.52 44.81 13.18
C GLN K 263 -42.33 43.31 13.02
N TYR K 264 -41.72 42.66 14.02
CA TYR K 264 -41.53 41.21 13.98
C TYR K 264 -42.86 40.50 13.77
N ILE K 265 -43.86 40.84 14.58
CA ILE K 265 -45.20 40.28 14.45
C ILE K 265 -45.69 40.43 13.01
N ARG K 266 -45.71 41.67 12.51
CA ARG K 266 -46.11 41.95 11.14
C ARG K 266 -45.37 41.07 10.14
N GLU K 267 -44.04 41.13 10.18
CA GLU K 267 -43.17 40.31 9.33
C GLU K 267 -43.63 38.86 9.24
N ALA K 268 -43.75 38.21 10.41
CA ALA K 268 -44.23 36.83 10.50
C ALA K 268 -45.47 36.58 9.65
N GLU K 269 -46.37 37.56 9.57
CA GLU K 269 -47.58 37.38 8.77
C GLU K 269 -47.24 37.38 7.28
N ALA K 270 -46.28 38.22 6.87
CA ALA K 270 -45.86 38.25 5.48
C ALA K 270 -45.34 36.89 5.05
N TYR K 271 -44.52 36.26 5.89
CA TYR K 271 -43.97 34.94 5.60
C TYR K 271 -45.09 33.92 5.43
N THR K 272 -46.09 33.96 6.31
CA THR K 272 -47.22 33.04 6.23
C THR K 272 -47.97 33.22 4.90
N ASN K 273 -48.37 34.45 4.59
CA ASN K 273 -49.09 34.72 3.37
C ASN K 273 -48.23 34.54 2.13
N GLU K 274 -46.92 34.72 2.26
CA GLU K 274 -46.00 34.54 1.12
C GLU K 274 -45.73 33.06 0.83
N VAL K 275 -45.44 32.28 1.87
CA VAL K 275 -45.05 30.88 1.71
C VAL K 275 -46.25 29.96 1.46
N GLN K 276 -47.40 30.23 2.08
CA GLN K 276 -48.53 29.32 1.92
C GLN K 276 -48.99 29.17 0.47
N PRO K 277 -49.17 30.24 -0.31
CA PRO K 277 -49.54 30.04 -1.73
C PRO K 277 -48.50 29.23 -2.48
N ARG K 278 -47.22 29.37 -2.13
CA ARG K 278 -46.16 28.59 -2.78
C ARG K 278 -46.41 27.09 -2.62
N ALA K 279 -46.90 26.69 -1.44
CA ALA K 279 -47.18 25.28 -1.21
C ALA K 279 -48.26 24.77 -2.16
N ASN K 280 -49.29 25.59 -2.39
CA ASN K 280 -50.35 25.20 -3.33
C ASN K 280 -49.78 24.97 -4.72
N GLY K 281 -48.86 25.83 -5.15
CA GLY K 281 -48.23 25.65 -6.45
C GLY K 281 -47.44 24.36 -6.51
N GLN K 282 -46.69 24.06 -5.45
CA GLN K 282 -45.93 22.81 -5.41
C GLN K 282 -46.85 21.60 -5.40
N ALA K 283 -48.00 21.72 -4.76
CA ALA K 283 -48.96 20.62 -4.71
C ALA K 283 -49.42 20.26 -6.13
N GLN K 284 -49.77 21.27 -6.92
CA GLN K 284 -50.18 21.02 -8.30
C GLN K 284 -49.06 20.40 -9.12
N ARG K 285 -47.81 20.80 -8.84
CA ARG K 285 -46.68 20.27 -9.59
C ARG K 285 -46.55 18.76 -9.38
N ILE K 286 -46.67 18.30 -8.13
CA ILE K 286 -46.57 16.86 -7.89
C ILE K 286 -47.80 16.15 -8.43
N LEU K 287 -48.96 16.81 -8.38
CA LEU K 287 -50.18 16.20 -8.91
C LEU K 287 -50.04 15.95 -10.41
N GLU K 288 -49.57 16.96 -11.15
CA GLU K 288 -49.39 16.81 -12.59
C GLU K 288 -48.32 15.76 -12.88
N GLU K 289 -47.27 15.70 -12.05
CA GLU K 289 -46.23 14.69 -12.23
C GLU K 289 -46.81 13.30 -12.06
N ALA K 290 -47.72 13.14 -11.10
CA ALA K 290 -48.36 11.84 -10.89
C ALA K 290 -49.17 11.44 -12.12
N ARG K 291 -49.90 12.39 -12.69
CA ARG K 291 -50.68 12.11 -13.90
C ARG K 291 -49.77 11.64 -15.03
N ALA K 292 -48.64 12.32 -15.23
CA ALA K 292 -47.70 11.93 -16.26
C ALA K 292 -47.21 10.49 -16.03
N TYR K 293 -46.95 10.13 -14.77
CA TYR K 293 -46.53 8.77 -14.46
C TYR K 293 -47.61 7.77 -14.86
N LYS K 294 -48.86 8.08 -14.53
CA LYS K 294 -49.98 7.21 -14.88
C LYS K 294 -50.08 7.05 -16.40
N ALA K 295 -50.04 8.17 -17.12
CA ALA K 295 -50.12 8.10 -18.58
C ALA K 295 -48.88 7.44 -19.17
N GLN K 296 -47.69 7.85 -18.72
CA GLN K 296 -46.44 7.31 -19.26
C GLN K 296 -46.35 5.80 -19.05
N THR K 297 -46.69 5.30 -17.86
CA THR K 297 -46.59 3.87 -17.63
C THR K 297 -47.63 3.11 -18.44
N ILE K 298 -48.84 3.66 -18.58
CA ILE K 298 -49.88 3.00 -19.35
C ILE K 298 -49.47 2.91 -20.82
N LEU K 299 -48.99 4.03 -21.38
CA LEU K 299 -48.58 4.02 -22.78
C LEU K 299 -47.38 3.11 -22.99
N GLU K 300 -46.41 3.13 -22.06
CA GLU K 300 -45.25 2.26 -22.18
C GLU K 300 -45.66 0.80 -22.12
N ALA K 301 -46.64 0.47 -21.26
CA ALA K 301 -47.12 -0.90 -21.16
C ALA K 301 -47.71 -1.37 -22.48
N GLN K 302 -48.50 -0.51 -23.13
CA GLN K 302 -49.11 -0.86 -24.41
C GLN K 302 -48.05 -1.16 -25.46
N GLY K 303 -46.97 -0.38 -25.49
CA GLY K 303 -45.91 -0.62 -26.45
C GLY K 303 -45.25 -1.97 -26.27
N GLU K 304 -44.93 -2.33 -25.02
CA GLU K 304 -44.30 -3.61 -24.76
C GLU K 304 -45.24 -4.76 -25.10
N VAL K 305 -46.53 -4.60 -24.82
CA VAL K 305 -47.51 -5.65 -25.12
C VAL K 305 -47.55 -5.91 -26.62
N ALA K 306 -47.57 -4.86 -27.43
CA ALA K 306 -47.60 -5.04 -28.88
C ALA K 306 -46.36 -5.76 -29.38
N ARG K 307 -45.18 -5.37 -28.87
CA ARG K 307 -43.94 -6.03 -29.26
C ARG K 307 -44.00 -7.52 -28.92
N PHE K 308 -44.44 -7.85 -27.71
CA PHE K 308 -44.53 -9.25 -27.30
C PHE K 308 -45.55 -10.01 -28.13
N ALA K 309 -46.70 -9.38 -28.42
CA ALA K 309 -47.73 -10.06 -29.20
C ALA K 309 -47.26 -10.36 -30.61
N LYS K 310 -46.52 -9.43 -31.22
CA LYS K 310 -46.00 -9.66 -32.57
C LYS K 310 -44.89 -10.70 -32.57
N LEU K 311 -44.06 -10.70 -31.52
CA LEU K 311 -42.94 -11.62 -31.41
C LEU K 311 -43.38 -13.05 -31.06
N LEU K 312 -44.49 -13.19 -30.32
CA LEU K 312 -44.94 -14.52 -29.88
C LEU K 312 -45.15 -15.49 -31.03
N PRO K 313 -45.87 -15.15 -32.12
CA PRO K 313 -46.02 -16.13 -33.21
C PRO K 313 -44.69 -16.53 -33.83
N GLU K 314 -43.73 -15.61 -33.92
CA GLU K 314 -42.42 -15.94 -34.46
C GLU K 314 -41.73 -16.99 -33.59
N TYR K 315 -41.81 -16.82 -32.26
CA TYR K 315 -41.19 -17.77 -31.35
C TYR K 315 -41.85 -19.14 -31.46
N LYS K 316 -43.18 -19.19 -31.55
CA LYS K 316 -43.87 -20.46 -31.66
C LYS K 316 -43.52 -21.17 -32.96
N ALA K 317 -43.20 -20.42 -34.01
CA ALA K 317 -42.82 -21.04 -35.28
C ALA K 317 -41.48 -21.76 -35.16
N ALA K 318 -40.48 -21.07 -34.60
CA ALA K 318 -39.14 -21.64 -34.40
C ALA K 318 -38.71 -21.31 -32.98
N PRO K 319 -39.15 -22.11 -31.98
CA PRO K 319 -38.74 -21.83 -30.61
C PRO K 319 -37.25 -22.01 -30.36
N GLU K 320 -36.70 -23.13 -30.81
CA GLU K 320 -35.29 -23.42 -30.60
C GLU K 320 -34.39 -22.41 -31.29
N ILE K 321 -34.70 -22.06 -32.53
CA ILE K 321 -33.86 -21.11 -33.27
C ILE K 321 -33.90 -19.73 -32.60
N THR K 322 -35.10 -19.27 -32.24
CA THR K 322 -35.21 -17.97 -31.58
C THR K 322 -34.48 -17.96 -30.24
N ARG K 323 -34.65 -19.03 -29.46
CA ARG K 323 -33.98 -19.14 -28.17
C ARG K 323 -32.47 -19.04 -28.32
N GLU K 324 -31.90 -19.80 -29.26
CA GLU K 324 -30.45 -19.79 -29.48
C GLU K 324 -29.96 -18.42 -29.91
N ARG K 325 -30.66 -17.78 -30.85
CA ARG K 325 -30.23 -16.47 -31.33
C ARG K 325 -30.30 -15.43 -30.22
N LEU K 326 -31.39 -15.42 -29.46
CA LEU K 326 -31.53 -14.46 -28.36
C LEU K 326 -30.49 -14.73 -27.27
N TYR K 327 -30.31 -16.00 -26.92
CA TYR K 327 -29.34 -16.37 -25.89
C TYR K 327 -27.93 -15.90 -26.24
N ILE K 328 -27.47 -16.23 -27.45
CA ILE K 328 -26.12 -15.86 -27.87
C ILE K 328 -26.00 -14.35 -27.97
N GLU K 329 -26.98 -13.69 -28.60
CA GLU K 329 -26.94 -12.24 -28.75
C GLU K 329 -26.85 -11.54 -27.40
N THR K 330 -27.77 -11.87 -26.49
CA THR K 330 -27.76 -11.26 -25.16
C THR K 330 -26.45 -11.56 -24.44
N MET K 331 -26.03 -12.83 -24.44
CA MET K 331 -24.79 -13.23 -23.77
C MET K 331 -23.60 -12.42 -24.27
N GLU K 332 -23.48 -12.27 -25.59
CA GLU K 332 -22.38 -11.49 -26.17
C GLU K 332 -22.32 -10.09 -25.58
N LYS K 333 -23.47 -9.40 -25.55
CA LYS K 333 -23.53 -8.05 -25.01
C LYS K 333 -23.00 -7.96 -23.59
N VAL K 334 -23.52 -8.79 -22.69
CA VAL K 334 -23.09 -8.75 -21.29
C VAL K 334 -21.60 -9.08 -21.16
N LEU K 335 -21.16 -10.17 -21.79
CA LEU K 335 -19.77 -10.57 -21.68
C LEU K 335 -18.82 -9.58 -22.34
N GLY K 336 -19.31 -8.73 -23.24
CA GLY K 336 -18.44 -7.77 -23.88
C GLY K 336 -17.94 -6.68 -22.95
N ASN K 337 -18.74 -6.31 -21.96
CA ASN K 337 -18.37 -5.26 -21.02
C ASN K 337 -17.70 -5.82 -19.77
N THR K 338 -18.38 -6.71 -19.06
CA THR K 338 -17.85 -7.31 -17.84
C THR K 338 -16.57 -8.09 -18.08
N ARG K 339 -15.65 -8.01 -17.12
CA ARG K 339 -14.40 -8.74 -17.15
C ARG K 339 -14.67 -10.23 -16.91
N LYS K 340 -13.76 -11.07 -17.39
CA LYS K 340 -13.91 -12.51 -17.25
C LYS K 340 -12.57 -13.15 -16.89
N VAL K 341 -12.67 -14.37 -16.35
CA VAL K 341 -11.52 -15.14 -15.87
C VAL K 341 -11.32 -16.42 -16.68
N LEU K 342 -12.36 -17.26 -16.77
CA LEU K 342 -12.31 -18.52 -17.51
C LEU K 342 -11.28 -19.50 -16.91
N VAL K 343 -11.40 -19.72 -15.60
CA VAL K 343 -10.53 -20.64 -14.87
C VAL K 343 -11.34 -21.89 -14.51
N ASN K 344 -10.65 -23.03 -14.49
CA ASN K 344 -11.27 -24.31 -14.16
C ASN K 344 -11.93 -24.26 -12.79
N ASP K 345 -13.16 -24.81 -12.71
CA ASP K 345 -13.90 -24.80 -11.46
C ASP K 345 -13.21 -25.58 -10.35
N LYS K 346 -12.27 -26.48 -10.70
CA LYS K 346 -11.51 -27.24 -9.71
C LYS K 346 -10.92 -26.31 -8.64
N GLY K 347 -10.35 -25.20 -9.07
CA GLY K 347 -9.73 -24.23 -8.18
C GLY K 347 -10.70 -23.25 -7.56
N GLY K 348 -11.47 -23.73 -6.58
CA GLY K 348 -12.47 -22.92 -5.93
C GLY K 348 -12.00 -22.07 -4.75
N ASN K 349 -10.90 -21.35 -4.97
CA ASN K 349 -10.32 -20.45 -3.97
C ASN K 349 -10.11 -19.11 -4.66
N LEU K 350 -10.66 -18.04 -4.07
CA LEU K 350 -10.57 -16.73 -4.70
C LEU K 350 -10.53 -15.62 -3.66
N MET K 351 -10.09 -14.45 -4.13
CA MET K 351 -9.97 -13.23 -3.33
C MET K 351 -10.67 -12.13 -4.10
N VAL K 352 -11.75 -11.57 -3.53
CA VAL K 352 -12.53 -10.56 -4.24
C VAL K 352 -11.74 -9.26 -4.46
N LEU K 353 -10.98 -8.81 -3.46
CA LEU K 353 -10.22 -7.55 -3.53
C LEU K 353 -11.11 -6.38 -3.97
N PRO K 354 -12.06 -5.95 -3.14
CA PRO K 354 -12.93 -4.84 -3.51
C PRO K 354 -12.26 -3.50 -3.24
N LEU K 355 -13.00 -2.42 -3.49
CA LEU K 355 -12.51 -1.07 -3.27
C LEU K 355 -13.63 -0.19 -2.72
N THR L 217 -19.68 63.28 39.98
CA THR L 217 -19.18 62.20 40.82
C THR L 217 -18.99 60.93 40.02
N GLU L 218 -17.94 60.17 40.35
CA GLU L 218 -17.67 58.91 39.67
C GLU L 218 -18.83 57.94 39.77
N VAL L 219 -19.61 58.01 40.86
CA VAL L 219 -20.74 57.11 41.05
C VAL L 219 -21.83 57.32 40.01
N SER L 220 -21.88 58.50 39.38
CA SER L 220 -22.89 58.79 38.36
C SER L 220 -22.91 57.73 37.26
N GLU L 221 -21.74 57.20 36.90
CA GLU L 221 -21.67 56.14 35.89
C GLU L 221 -22.53 54.95 36.29
N ALA L 222 -22.45 54.52 37.56
CA ALA L 222 -23.24 53.39 38.02
C ALA L 222 -24.73 53.71 37.98
N ILE L 223 -25.11 54.94 38.32
CA ILE L 223 -26.52 55.32 38.30
C ILE L 223 -27.07 55.22 36.88
N TYR L 224 -26.24 55.55 35.89
CA TYR L 224 -26.68 55.42 34.50
C TYR L 224 -26.90 53.96 34.14
N ASN L 225 -26.01 53.08 34.60
CA ASN L 225 -26.15 51.65 34.33
C ASN L 225 -27.47 51.11 34.87
N ARG L 226 -27.90 51.62 36.04
CA ARG L 226 -29.17 51.17 36.61
C ARG L 226 -30.32 51.49 35.66
N MET L 227 -30.40 52.75 35.22
CA MET L 227 -31.45 53.13 34.28
C MET L 227 -31.28 52.37 32.96
N ARG L 228 -30.03 52.27 32.49
CA ARG L 228 -29.75 51.54 31.26
C ARG L 228 -30.15 50.08 31.39
N ALA L 229 -29.79 49.44 32.52
CA ALA L 229 -30.13 48.05 32.73
C ALA L 229 -31.65 47.84 32.73
N GLU L 230 -32.37 48.66 33.50
CA GLU L 230 -33.83 48.55 33.52
C GLU L 230 -34.39 48.77 32.12
N ARG L 231 -33.87 49.78 31.42
CA ARG L 231 -34.31 50.05 30.05
C ARG L 231 -33.94 48.91 29.13
N GLU L 232 -32.72 48.40 29.25
CA GLU L 232 -32.26 47.28 28.42
C GLU L 232 -32.96 45.96 28.77
N ALA L 233 -33.79 45.93 29.81
CA ALA L 233 -34.52 44.72 30.17
C ALA L 233 -35.90 44.73 29.50
N VAL L 234 -36.69 45.77 29.76
CA VAL L 234 -38.00 45.91 29.12
C VAL L 234 -37.85 45.87 27.60
N ALA L 235 -36.89 46.61 27.06
CA ALA L 235 -36.64 46.61 25.63
C ALA L 235 -36.26 45.23 25.14
N ARG L 236 -35.25 44.61 25.77
CA ARG L 236 -34.84 43.27 25.39
C ARG L 236 -35.96 42.27 25.58
N ARG L 237 -36.82 42.49 26.58
CA ARG L 237 -37.96 41.62 26.80
C ARG L 237 -38.87 41.63 25.58
N HIS L 238 -39.11 42.82 25.02
CA HIS L 238 -39.94 42.93 23.82
C HIS L 238 -39.33 42.18 22.65
N ARG L 239 -37.99 42.21 22.54
CA ARG L 239 -37.33 41.48 21.45
C ARG L 239 -37.70 40.01 21.50
N SER L 240 -37.58 39.39 22.68
CA SER L 240 -37.95 37.99 22.84
C SER L 240 -39.43 37.79 22.54
N GLN L 241 -40.28 38.68 23.08
CA GLN L 241 -41.72 38.61 22.85
C GLN L 241 -42.04 38.58 21.36
N GLY L 242 -41.38 39.45 20.59
CA GLY L 242 -41.59 39.50 19.16
C GLY L 242 -41.18 38.20 18.50
N GLN L 243 -39.92 37.80 18.74
CA GLN L 243 -39.39 36.55 18.21
C GLN L 243 -40.30 35.38 18.57
N GLU L 244 -40.69 35.30 19.84
CA GLU L 244 -41.59 34.24 20.32
C GLU L 244 -42.83 34.13 19.45
N GLU L 245 -43.60 35.22 19.36
CA GLU L 245 -44.81 35.21 18.54
C GLU L 245 -44.48 34.95 17.07
N ALA L 246 -43.40 35.56 16.58
CA ALA L 246 -43.01 35.35 15.19
C ALA L 246 -42.70 33.87 14.94
N GLU L 247 -41.89 33.27 15.81
CA GLU L 247 -41.56 31.85 15.67
C GLU L 247 -42.80 30.97 15.70
N LYS L 248 -43.76 31.32 16.56
CA LYS L 248 -44.99 30.54 16.66
C LYS L 248 -45.78 30.60 15.36
N LEU L 249 -45.93 31.81 14.81
CA LEU L 249 -46.65 31.96 13.54
C LEU L 249 -45.98 31.14 12.44
N ARG L 250 -44.65 31.19 12.38
CA ARG L 250 -43.92 30.42 11.39
C ARG L 250 -44.19 28.92 11.54
N ALA L 251 -44.13 28.43 12.78
CA ALA L 251 -44.33 27.01 13.03
C ALA L 251 -45.69 26.52 12.56
N THR L 252 -46.75 27.28 12.86
CA THR L 252 -48.08 26.86 12.43
C THR L 252 -48.20 26.96 10.91
N ALA L 253 -47.60 28.00 10.31
CA ALA L 253 -47.63 28.13 8.86
C ALA L 253 -46.95 26.94 8.20
N ASP L 254 -45.82 26.49 8.76
CA ASP L 254 -45.12 25.33 8.21
C ASP L 254 -46.00 24.09 8.26
N TYR L 255 -46.74 23.91 9.35
CA TYR L 255 -47.63 22.76 9.49
C TYR L 255 -48.63 22.73 8.35
N GLU L 256 -49.29 23.87 8.08
CA GLU L 256 -50.26 23.93 6.99
C GLU L 256 -49.61 23.58 5.66
N VAL L 257 -48.39 24.10 5.42
CA VAL L 257 -47.67 23.80 4.18
C VAL L 257 -47.48 22.29 4.05
N THR L 258 -46.93 21.66 5.09
CA THR L 258 -46.75 20.21 5.09
C THR L 258 -48.08 19.50 4.86
N ARG L 259 -49.13 19.96 5.55
CA ARG L 259 -50.47 19.41 5.40
C ARG L 259 -50.88 19.36 3.94
N THR L 260 -50.86 20.53 3.28
CA THR L 260 -51.22 20.60 1.86
C THR L 260 -50.31 19.71 1.03
N LEU L 261 -48.99 19.82 1.23
CA LEU L 261 -48.04 19.00 0.48
C LEU L 261 -48.30 17.52 0.72
N ALA L 262 -48.55 17.13 1.96
CA ALA L 262 -48.82 15.72 2.24
C ALA L 262 -50.16 15.30 1.66
N GLU L 263 -51.15 16.20 1.67
CA GLU L 263 -52.44 15.89 1.09
C GLU L 263 -52.30 15.66 -0.41
N ALA L 264 -51.56 16.53 -1.08
CA ALA L 264 -51.32 16.40 -2.52
C ALA L 264 -50.65 15.06 -2.84
N GLU L 265 -49.65 14.68 -2.03
CA GLU L 265 -48.95 13.42 -2.26
C GLU L 265 -49.90 12.23 -2.13
N ARG L 266 -50.87 12.31 -1.22
CA ARG L 266 -51.82 11.22 -1.07
C ARG L 266 -52.63 11.04 -2.35
N GLN L 267 -53.11 12.14 -2.92
CA GLN L 267 -53.85 12.07 -4.17
C GLN L 267 -52.96 11.55 -5.29
N GLY L 268 -51.71 12.01 -5.34
CA GLY L 268 -50.79 11.56 -6.37
C GLY L 268 -50.55 10.06 -6.33
N ARG L 269 -50.42 9.50 -5.12
CA ARG L 269 -50.20 8.06 -4.99
C ARG L 269 -51.41 7.29 -5.52
N ILE L 270 -52.62 7.73 -5.16
CA ILE L 270 -53.84 7.09 -5.65
C ILE L 270 -53.84 7.05 -7.18
N MET L 271 -53.47 8.17 -7.81
CA MET L 271 -53.41 8.21 -9.27
C MET L 271 -52.34 7.26 -9.81
N ARG L 272 -51.17 7.24 -9.16
CA ARG L 272 -50.11 6.34 -9.59
C ARG L 272 -50.52 4.88 -9.45
N GLY L 273 -51.31 4.56 -8.42
CA GLY L 273 -51.76 3.20 -8.24
C GLY L 273 -52.63 2.73 -9.38
N GLU L 274 -53.57 3.56 -9.81
CA GLU L 274 -54.45 3.26 -10.95
C GLU L 274 -53.62 2.82 -12.16
N GLY L 275 -52.62 3.63 -12.53
CA GLY L 275 -51.77 3.29 -13.65
C GLY L 275 -51.11 1.92 -13.50
N ASP L 276 -50.47 1.70 -12.35
CA ASP L 276 -49.82 0.42 -12.08
C ASP L 276 -50.82 -0.72 -12.19
N ALA L 277 -52.02 -0.55 -11.64
CA ALA L 277 -53.04 -1.59 -11.73
C ALA L 277 -53.44 -1.82 -13.18
N GLU L 278 -53.69 -0.72 -13.91
CA GLU L 278 -54.04 -0.83 -15.33
C GLU L 278 -52.92 -1.51 -16.11
N ALA L 279 -51.67 -1.12 -15.85
CA ALA L 279 -50.53 -1.72 -16.54
C ALA L 279 -50.44 -3.21 -16.26
N ALA L 280 -50.74 -3.63 -15.02
CA ALA L 280 -50.69 -5.05 -14.68
C ALA L 280 -51.67 -5.84 -15.53
N LYS L 281 -52.92 -5.37 -15.61
CA LYS L 281 -53.94 -5.99 -16.45
C LYS L 281 -53.40 -6.31 -17.84
N LEU L 282 -52.93 -5.28 -18.54
CA LEU L 282 -52.34 -5.44 -19.87
C LEU L 282 -51.27 -6.52 -19.89
N PHE L 283 -50.23 -6.34 -19.06
CA PHE L 283 -49.15 -7.32 -18.98
C PHE L 283 -49.66 -8.73 -18.73
N ALA L 284 -50.52 -8.88 -17.71
CA ALA L 284 -51.09 -10.18 -17.38
C ALA L 284 -51.75 -10.83 -18.60
N ASP L 285 -52.75 -10.15 -19.17
CA ASP L 285 -53.44 -10.64 -20.36
C ASP L 285 -52.46 -10.99 -21.48
N ALA L 286 -51.60 -10.03 -21.83
CA ALA L 286 -50.61 -10.23 -22.90
C ALA L 286 -49.71 -11.43 -22.60
N PHE L 287 -49.17 -11.50 -21.39
CA PHE L 287 -48.27 -12.58 -21.01
C PHE L 287 -48.98 -13.85 -20.58
N SER L 288 -50.29 -13.80 -20.31
CA SER L 288 -51.03 -15.02 -19.94
C SER L 288 -51.07 -16.06 -21.05
N LYS L 289 -50.62 -15.74 -22.26
CA LYS L 289 -50.60 -16.69 -23.36
C LYS L 289 -49.42 -17.64 -23.23
N ASP L 290 -48.24 -17.10 -22.87
CA ASP L 290 -47.03 -17.90 -22.73
C ASP L 290 -46.17 -17.22 -21.65
N PRO L 291 -46.20 -17.70 -20.40
CA PRO L 291 -45.37 -17.08 -19.35
C PRO L 291 -43.90 -17.47 -19.45
N ASP L 292 -43.65 -18.69 -19.90
CA ASP L 292 -42.28 -19.17 -20.03
C ASP L 292 -41.49 -18.33 -21.01
N PHE L 293 -42.10 -18.00 -22.15
CA PHE L 293 -41.41 -17.17 -23.14
C PHE L 293 -41.12 -15.78 -22.58
N TYR L 294 -42.12 -15.17 -21.93
CA TYR L 294 -41.93 -13.86 -21.32
C TYR L 294 -40.79 -13.88 -20.32
N ALA L 295 -40.66 -14.97 -19.55
CA ALA L 295 -39.58 -15.11 -18.58
C ALA L 295 -38.22 -15.01 -19.26
N PHE L 296 -38.01 -15.85 -20.29
CA PHE L 296 -36.75 -15.88 -21.03
C PHE L 296 -36.38 -14.50 -21.54
N ILE L 297 -37.26 -13.88 -22.33
CA ILE L 297 -37.01 -12.54 -22.88
C ILE L 297 -36.73 -11.54 -21.75
N ARG L 298 -37.70 -11.39 -20.83
CA ARG L 298 -37.56 -10.48 -19.70
C ARG L 298 -36.28 -10.73 -18.92
N SER L 299 -35.96 -11.99 -18.64
CA SER L 299 -34.74 -12.31 -17.89
C SER L 299 -33.51 -11.90 -18.66
N LEU L 300 -33.45 -12.20 -19.96
CA LEU L 300 -32.31 -11.82 -20.77
C LEU L 300 -32.10 -10.30 -20.75
N ARG L 301 -33.19 -9.54 -20.93
CA ARG L 301 -33.12 -8.09 -20.89
C ARG L 301 -32.53 -7.61 -19.57
N ALA L 302 -33.07 -8.10 -18.45
CA ALA L 302 -32.60 -7.72 -17.12
C ALA L 302 -31.10 -7.90 -16.97
N TYR L 303 -30.55 -8.98 -17.52
CA TYR L 303 -29.12 -9.23 -17.42
C TYR L 303 -28.33 -8.08 -18.06
N GLU L 304 -28.69 -7.71 -19.29
CA GLU L 304 -28.00 -6.62 -19.99
C GLU L 304 -28.03 -5.34 -19.17
N ASN L 305 -29.20 -4.96 -18.66
CA ASN L 305 -29.32 -3.73 -17.87
C ASN L 305 -28.53 -3.83 -16.57
N SER L 306 -28.56 -4.98 -15.91
CA SER L 306 -27.85 -5.13 -14.64
C SER L 306 -26.34 -5.09 -14.85
N PHE L 307 -25.84 -5.73 -15.90
CA PHE L 307 -24.41 -5.77 -16.18
C PHE L 307 -23.96 -4.61 -17.08
N SER L 308 -24.80 -3.58 -17.22
CA SER L 308 -24.46 -2.40 -18.03
C SER L 308 -23.09 -1.83 -17.67
N GLY L 309 -22.85 -1.58 -16.38
CA GLY L 309 -21.60 -1.02 -15.96
C GLY L 309 -20.44 -2.00 -16.08
N ASN L 310 -19.24 -1.45 -16.03
CA ASN L 310 -17.99 -2.21 -16.16
C ASN L 310 -17.29 -2.39 -14.82
N GLN L 311 -18.08 -2.54 -13.75
CA GLN L 311 -17.57 -2.75 -12.40
C GLN L 311 -17.87 -4.16 -11.89
N ASP L 312 -18.19 -5.08 -12.81
CA ASP L 312 -18.53 -6.46 -12.48
C ASP L 312 -17.61 -7.43 -13.20
N VAL L 313 -17.40 -8.59 -12.58
CA VAL L 313 -16.55 -9.65 -13.08
C VAL L 313 -17.34 -10.94 -13.06
N MET L 314 -17.00 -11.85 -13.98
CA MET L 314 -17.68 -13.15 -14.09
C MET L 314 -16.61 -14.23 -14.24
N VAL L 315 -16.44 -15.04 -13.19
CA VAL L 315 -15.44 -16.11 -13.18
C VAL L 315 -16.09 -17.38 -13.71
N MET L 316 -16.04 -17.56 -15.03
CA MET L 316 -16.58 -18.75 -15.66
C MET L 316 -15.48 -19.82 -15.76
N SER L 317 -15.85 -20.98 -16.31
CA SER L 317 -14.95 -22.10 -16.53
C SER L 317 -14.90 -22.43 -18.02
N PRO L 318 -13.79 -22.99 -18.53
CA PRO L 318 -13.76 -23.37 -19.95
C PRO L 318 -14.74 -24.49 -20.29
N ASP L 319 -15.14 -25.30 -19.30
CA ASP L 319 -16.07 -26.39 -19.49
C ASP L 319 -17.53 -25.93 -19.59
N SER L 320 -17.80 -24.67 -19.25
CA SER L 320 -19.16 -24.13 -19.31
C SER L 320 -19.82 -24.39 -20.65
N ASP L 321 -21.14 -24.55 -20.62
CA ASP L 321 -21.91 -24.83 -21.82
C ASP L 321 -21.77 -23.72 -22.86
N PHE L 322 -21.73 -22.46 -22.42
CA PHE L 322 -21.62 -21.35 -23.36
C PHE L 322 -20.34 -21.43 -24.18
N PHE L 323 -19.28 -22.03 -23.62
CA PHE L 323 -18.00 -22.18 -24.31
C PHE L 323 -17.79 -23.61 -24.80
N ARG L 324 -18.88 -24.29 -25.14
CA ARG L 324 -18.77 -25.65 -25.67
C ARG L 324 -18.01 -25.68 -26.98
N TYR L 325 -18.07 -24.58 -27.76
CA TYR L 325 -17.40 -24.50 -29.04
C TYR L 325 -16.00 -23.89 -28.92
N MET L 326 -15.44 -23.84 -27.71
CA MET L 326 -14.08 -23.37 -27.49
C MET L 326 -13.08 -24.51 -27.47
N LYS L 327 -13.56 -25.75 -27.52
CA LYS L 327 -12.75 -26.96 -27.55
C LYS L 327 -12.51 -27.37 -29.00
N THR L 328 -11.58 -28.29 -29.19
CA THR L 328 -11.26 -28.73 -30.54
C THR L 328 -12.47 -29.47 -31.12
N PRO L 329 -12.80 -29.25 -32.42
CA PRO L 329 -13.95 -30.00 -32.95
C PRO L 329 -13.73 -31.51 -32.98
N GLU M 246 -1.30 57.12 45.22
CA GLU M 246 -0.90 56.08 46.14
C GLU M 246 -2.12 55.27 46.66
N VAL M 247 -2.48 55.37 47.94
CA VAL M 247 -3.63 54.64 48.44
C VAL M 247 -4.94 55.25 47.94
N LYS M 248 -4.91 56.50 47.43
CA LYS M 248 -6.12 57.12 46.93
C LYS M 248 -6.69 56.33 45.77
N ALA M 249 -5.83 55.93 44.82
CA ALA M 249 -6.30 55.11 43.69
C ALA M 249 -6.88 53.79 44.16
N ALA M 250 -6.27 53.21 45.21
CA ALA M 250 -6.75 51.95 45.76
C ALA M 250 -8.22 52.07 46.20
N PHE M 251 -8.55 53.15 46.91
CA PHE M 251 -9.92 53.34 47.37
C PHE M 251 -10.86 53.54 46.20
N ASP M 252 -10.39 54.15 45.11
CA ASP M 252 -11.22 54.36 43.93
C ASP M 252 -11.72 53.02 43.38
N ASP M 253 -10.81 52.07 43.18
CA ASP M 253 -11.16 50.75 42.66
C ASP M 253 -12.10 49.98 43.58
N ALA M 254 -12.28 50.41 44.84
CA ALA M 254 -13.20 49.72 45.73
C ALA M 254 -14.63 49.87 45.24
N ILE M 255 -15.07 51.11 45.01
CA ILE M 255 -16.41 51.36 44.50
C ILE M 255 -16.53 50.89 43.05
N ALA M 256 -15.41 50.70 42.36
CA ALA M 256 -15.46 50.23 40.98
C ALA M 256 -15.99 48.80 40.90
N ALA M 257 -15.48 47.92 41.76
CA ALA M 257 -15.97 46.54 41.75
C ALA M 257 -17.41 46.46 42.25
N ARG M 258 -17.79 47.37 43.16
CA ARG M 258 -19.16 47.39 43.67
C ARG M 258 -20.18 47.50 42.54
N GLU M 259 -19.93 48.40 41.58
CA GLU M 259 -20.86 48.55 40.45
C GLU M 259 -20.76 47.36 39.51
N ASN M 260 -19.54 46.87 39.25
CA ASN M 260 -19.36 45.72 38.37
C ASN M 260 -20.12 44.52 38.91
N GLU M 261 -20.10 44.34 40.23
CA GLU M 261 -20.83 43.23 40.85
C GLU M 261 -22.33 43.38 40.57
N GLN M 262 -22.87 44.58 40.75
CA GLN M 262 -24.28 44.82 40.48
C GLN M 262 -24.60 44.66 39.00
N GLN M 263 -23.63 44.97 38.13
CA GLN M 263 -23.88 44.85 36.69
C GLN M 263 -24.04 43.40 36.28
N TYR M 264 -23.23 42.51 36.88
CA TYR M 264 -23.35 41.08 36.59
C TYR M 264 -24.76 40.59 36.91
N ILE M 265 -25.26 40.95 38.10
CA ILE M 265 -26.62 40.57 38.50
C ILE M 265 -27.64 41.04 37.46
N ARG M 266 -27.58 42.33 37.11
CA ARG M 266 -28.50 42.87 36.11
C ARG M 266 -28.35 42.14 34.79
N GLU M 267 -27.10 41.88 34.37
CA GLU M 267 -26.85 41.15 33.14
C GLU M 267 -27.53 39.78 33.16
N ALA M 268 -27.47 39.10 34.31
CA ALA M 268 -28.10 37.78 34.44
C ALA M 268 -29.59 37.85 34.19
N GLU M 269 -30.26 38.88 34.74
CA GLU M 269 -31.69 39.04 34.54
C GLU M 269 -32.05 39.04 33.06
N ALA M 270 -31.37 39.86 32.27
CA ALA M 270 -31.59 39.90 30.83
C ALA M 270 -31.46 38.52 30.20
N TYR M 271 -30.37 37.81 30.56
CA TYR M 271 -30.14 36.46 30.04
C TYR M 271 -31.33 35.55 30.31
N THR M 272 -31.73 35.44 31.59
CA THR M 272 -32.88 34.62 31.96
C THR M 272 -34.12 34.99 31.15
N ASN M 273 -34.47 36.28 31.18
CA ASN M 273 -35.62 36.78 30.44
C ASN M 273 -35.55 36.39 28.95
N GLU M 274 -34.46 36.77 28.29
CA GLU M 274 -34.24 36.48 26.87
C GLU M 274 -34.53 35.03 26.49
N VAL M 275 -33.82 34.10 27.14
CA VAL M 275 -33.88 32.67 26.83
C VAL M 275 -35.32 32.14 26.86
N GLN M 276 -36.06 32.39 27.95
CA GLN M 276 -37.39 31.82 28.19
C GLN M 276 -38.36 31.90 27.01
N PRO M 277 -38.74 33.06 26.46
CA PRO M 277 -39.63 33.04 25.28
C PRO M 277 -39.03 32.28 24.09
N ARG M 278 -37.71 32.36 23.91
CA ARG M 278 -37.04 31.62 22.84
C ARG M 278 -37.37 30.14 22.92
N ALA M 279 -37.31 29.57 24.12
CA ALA M 279 -37.64 28.16 24.29
C ALA M 279 -39.11 27.91 24.00
N ASN M 280 -40.00 28.79 24.48
CA ASN M 280 -41.43 28.66 24.21
C ASN M 280 -41.68 28.54 22.71
N GLY M 281 -41.08 29.45 21.92
CA GLY M 281 -41.22 29.38 20.48
C GLY M 281 -40.72 28.06 19.93
N GLN M 282 -39.50 27.67 20.34
CA GLN M 282 -38.94 26.39 19.93
C GLN M 282 -39.84 25.24 20.35
N ALA M 283 -40.45 25.35 21.53
CA ALA M 283 -41.35 24.30 22.00
C ALA M 283 -42.56 24.19 21.10
N GLN M 284 -43.16 25.33 20.73
CA GLN M 284 -44.31 25.33 19.83
C GLN M 284 -43.92 24.69 18.50
N ARG M 285 -42.72 24.99 18.00
CA ARG M 285 -42.26 24.43 16.74
C ARG M 285 -42.19 22.91 16.83
N ILE M 286 -41.59 22.39 17.90
CA ILE M 286 -41.52 20.95 18.11
C ILE M 286 -42.93 20.37 18.13
N LEU M 287 -43.83 21.00 18.88
CA LEU M 287 -45.22 20.56 18.94
C LEU M 287 -45.84 20.54 17.54
N GLU M 288 -45.71 21.65 16.81
CA GLU M 288 -46.26 21.74 15.46
C GLU M 288 -45.63 20.69 14.55
N GLU M 289 -44.31 20.49 14.67
CA GLU M 289 -43.64 19.49 13.84
C GLU M 289 -44.21 18.10 14.10
N ALA M 290 -44.51 17.80 15.37
CA ALA M 290 -45.09 16.50 15.68
C ALA M 290 -46.45 16.33 15.01
N ARG M 291 -47.28 17.38 15.04
CA ARG M 291 -48.58 17.32 14.39
C ARG M 291 -48.43 17.05 12.91
N ALA M 292 -47.44 17.67 12.27
CA ALA M 292 -47.19 17.45 10.84
C ALA M 292 -46.91 15.98 10.58
N TYR M 293 -46.01 15.39 11.37
CA TYR M 293 -45.68 13.97 11.23
C TYR M 293 -46.94 13.11 11.29
N LYS M 294 -47.75 13.31 12.34
CA LYS M 294 -49.01 12.59 12.50
C LYS M 294 -49.86 12.69 11.23
N ALA M 295 -50.20 13.92 10.83
CA ALA M 295 -50.98 14.15 9.62
C ALA M 295 -50.31 13.53 8.41
N GLN M 296 -49.00 13.81 8.23
CA GLN M 296 -48.24 13.26 7.12
C GLN M 296 -48.34 11.74 7.09
N THR M 297 -47.99 11.10 8.21
CA THR M 297 -48.06 9.64 8.33
C THR M 297 -49.43 9.12 7.92
N ILE M 298 -50.49 9.62 8.57
CA ILE M 298 -51.86 9.20 8.29
C ILE M 298 -52.16 9.34 6.79
N LEU M 299 -51.87 10.52 6.22
CA LEU M 299 -52.12 10.74 4.80
C LEU M 299 -51.31 9.78 3.95
N GLU M 300 -50.01 9.63 4.26
CA GLU M 300 -49.16 8.72 3.51
C GLU M 300 -49.69 7.29 3.59
N ALA M 301 -50.20 6.89 4.76
CA ALA M 301 -50.75 5.55 4.92
C ALA M 301 -51.93 5.33 3.99
N GLN M 302 -52.91 6.24 4.03
CA GLN M 302 -54.09 6.17 3.17
C GLN M 302 -53.70 5.99 1.71
N GLY M 303 -52.77 6.81 1.23
CA GLY M 303 -52.32 6.70 -0.16
C GLY M 303 -51.79 5.33 -0.49
N GLU M 304 -50.87 4.82 0.34
CA GLU M 304 -50.31 3.49 0.12
C GLU M 304 -51.39 2.43 0.16
N VAL M 305 -52.31 2.52 1.13
CA VAL M 305 -53.41 1.58 1.24
C VAL M 305 -54.20 1.53 -0.06
N ALA M 306 -54.62 2.70 -0.55
CA ALA M 306 -55.36 2.78 -1.82
C ALA M 306 -54.57 2.13 -2.95
N ARG M 307 -53.28 2.45 -3.05
CA ARG M 307 -52.42 1.85 -4.07
C ARG M 307 -52.46 0.34 -4.00
N PHE M 308 -52.25 -0.22 -2.80
CA PHE M 308 -52.29 -1.67 -2.62
C PHE M 308 -53.67 -2.23 -2.98
N ALA M 309 -54.73 -1.58 -2.47
CA ALA M 309 -56.10 -1.99 -2.73
C ALA M 309 -56.36 -2.26 -4.20
N LYS M 310 -56.09 -1.26 -5.06
CA LYS M 310 -56.32 -1.43 -6.49
C LYS M 310 -55.45 -2.55 -7.07
N LEU M 311 -54.17 -2.56 -6.71
CA LEU M 311 -53.24 -3.59 -7.20
C LEU M 311 -53.56 -4.99 -6.70
N LEU M 312 -54.45 -5.13 -5.70
CA LEU M 312 -54.75 -6.47 -5.18
C LEU M 312 -55.53 -7.32 -6.19
N PRO M 313 -56.75 -6.92 -6.63
CA PRO M 313 -57.48 -7.75 -7.61
C PRO M 313 -56.68 -8.21 -8.83
N GLU M 314 -55.75 -7.39 -9.32
CA GLU M 314 -54.95 -7.79 -10.47
C GLU M 314 -54.11 -9.02 -10.15
N TYR M 315 -53.57 -9.07 -8.93
CA TYR M 315 -52.77 -10.22 -8.51
C TYR M 315 -53.63 -11.47 -8.43
N LYS M 316 -54.89 -11.33 -8.03
CA LYS M 316 -55.79 -12.48 -7.91
C LYS M 316 -56.03 -13.13 -9.27
N ALA M 317 -56.16 -12.32 -10.32
CA ALA M 317 -56.42 -12.88 -11.65
C ALA M 317 -55.23 -13.66 -12.17
N ALA M 318 -54.03 -13.06 -12.11
CA ALA M 318 -52.80 -13.69 -12.57
C ALA M 318 -51.74 -13.52 -11.48
N PRO M 319 -51.76 -14.40 -10.46
CA PRO M 319 -50.74 -14.27 -9.41
C PRO M 319 -49.35 -14.66 -9.86
N GLU M 320 -49.23 -15.75 -10.64
CA GLU M 320 -47.92 -16.22 -11.10
C GLU M 320 -47.25 -15.19 -12.01
N ILE M 321 -47.96 -14.72 -13.03
CA ILE M 321 -47.39 -13.77 -13.97
C ILE M 321 -47.07 -12.45 -13.27
N THR M 322 -47.98 -11.97 -12.41
CA THR M 322 -47.74 -10.72 -11.71
C THR M 322 -46.54 -10.84 -10.78
N ARG M 323 -46.45 -11.95 -10.04
CA ARG M 323 -45.33 -12.15 -9.12
C ARG M 323 -43.99 -12.18 -9.87
N GLU M 324 -43.94 -12.90 -10.99
CA GLU M 324 -42.72 -13.00 -11.76
C GLU M 324 -42.28 -11.64 -12.30
N ARG M 325 -43.21 -10.91 -12.92
CA ARG M 325 -42.90 -9.59 -13.46
C ARG M 325 -42.28 -8.68 -12.42
N LEU M 326 -43.02 -8.45 -11.32
CA LEU M 326 -42.52 -7.61 -10.22
C LEU M 326 -41.17 -8.10 -9.70
N TYR M 327 -41.00 -9.42 -9.62
CA TYR M 327 -39.76 -9.99 -9.12
C TYR M 327 -38.58 -9.58 -10.00
N ILE M 328 -38.68 -9.82 -11.30
CA ILE M 328 -37.60 -9.47 -12.22
C ILE M 328 -37.32 -7.97 -12.19
N GLU M 329 -38.39 -7.17 -12.25
CA GLU M 329 -38.25 -5.70 -12.21
C GLU M 329 -37.45 -5.26 -10.99
N THR M 330 -37.82 -5.75 -9.80
CA THR M 330 -37.12 -5.37 -8.59
C THR M 330 -35.70 -5.91 -8.57
N MET M 331 -35.46 -7.07 -9.17
CA MET M 331 -34.12 -7.64 -9.16
C MET M 331 -33.20 -6.99 -10.17
N GLU M 332 -33.74 -6.23 -11.12
CA GLU M 332 -32.90 -5.54 -12.10
C GLU M 332 -32.18 -4.37 -11.46
N LYS M 333 -32.89 -3.59 -10.65
CA LYS M 333 -32.31 -2.42 -10.00
C LYS M 333 -31.21 -2.81 -9.02
N VAL M 334 -31.53 -3.69 -8.07
CA VAL M 334 -30.55 -4.13 -7.06
C VAL M 334 -29.32 -4.71 -7.72
N LEU M 335 -29.50 -5.60 -8.70
CA LEU M 335 -28.37 -6.21 -9.37
C LEU M 335 -27.59 -5.20 -10.20
N GLY M 336 -28.25 -4.19 -10.74
CA GLY M 336 -27.58 -3.18 -11.55
C GLY M 336 -26.82 -2.13 -10.77
N ASN M 337 -26.98 -2.10 -9.44
CA ASN M 337 -26.31 -1.14 -8.59
C ASN M 337 -25.26 -1.78 -7.69
N THR M 338 -24.90 -3.04 -7.92
CA THR M 338 -23.92 -3.74 -7.10
C THR M 338 -22.86 -4.39 -7.98
N ARG M 339 -21.65 -4.49 -7.41
CA ARG M 339 -20.48 -5.08 -8.08
C ARG M 339 -20.61 -6.60 -7.98
N LYS M 340 -21.37 -7.17 -8.91
CA LYS M 340 -21.62 -8.61 -8.90
C LYS M 340 -20.36 -9.40 -9.24
N VAL M 341 -20.28 -10.62 -8.69
CA VAL M 341 -19.13 -11.51 -8.86
C VAL M 341 -19.47 -12.72 -9.73
N LEU M 342 -20.54 -13.45 -9.39
CA LEU M 342 -21.00 -14.60 -10.18
C LEU M 342 -19.92 -15.69 -10.31
N VAL M 343 -19.51 -16.23 -9.16
CA VAL M 343 -18.51 -17.29 -9.10
C VAL M 343 -19.23 -18.59 -8.76
N ASN M 344 -18.75 -19.69 -9.33
CA ASN M 344 -19.27 -21.03 -9.10
C ASN M 344 -19.44 -21.29 -7.60
N ASP M 345 -20.67 -21.60 -7.20
CA ASP M 345 -20.95 -21.81 -5.78
C ASP M 345 -20.18 -22.98 -5.20
N LYS M 346 -19.99 -24.06 -5.99
CA LYS M 346 -19.24 -25.21 -5.47
C LYS M 346 -17.83 -24.79 -5.04
N GLY M 347 -17.20 -23.93 -5.83
CA GLY M 347 -15.89 -23.40 -5.54
C GLY M 347 -15.98 -22.09 -4.78
N GLY M 348 -16.53 -22.11 -3.57
CA GLY M 348 -16.74 -20.90 -2.80
C GLY M 348 -15.77 -20.69 -1.66
N ASN M 349 -15.07 -19.57 -1.71
CA ASN M 349 -14.13 -19.11 -0.70
C ASN M 349 -13.88 -17.64 -1.01
N LEU M 350 -13.99 -16.75 -0.02
CA LEU M 350 -13.81 -15.34 -0.31
C LEU M 350 -13.53 -14.56 0.96
N MET M 351 -12.59 -13.62 0.87
CA MET M 351 -12.22 -12.74 1.96
C MET M 351 -12.77 -11.36 1.61
N VAL M 352 -13.59 -10.80 2.49
CA VAL M 352 -14.22 -9.50 2.25
C VAL M 352 -13.20 -8.44 1.87
N LEU M 353 -12.09 -8.36 2.62
CA LEU M 353 -11.01 -7.40 2.35
C LEU M 353 -11.53 -5.97 2.21
N PRO M 354 -12.08 -5.37 3.27
CA PRO M 354 -12.62 -4.01 3.14
C PRO M 354 -11.56 -2.94 3.35
N LEU M 355 -11.98 -1.67 3.26
CA LEU M 355 -11.07 -0.54 3.45
C LEU M 355 -10.91 -0.22 4.93
N THR N 217 12.35 55.81 54.28
CA THR N 217 11.40 56.10 53.21
C THR N 217 10.91 54.81 52.56
N GLU N 218 11.76 53.79 52.52
CA GLU N 218 11.36 52.52 51.93
C GLU N 218 10.21 51.87 52.69
N VAL N 219 10.16 52.09 54.01
CA VAL N 219 9.08 51.52 54.83
C VAL N 219 7.74 52.07 54.36
N SER N 220 7.66 53.38 54.12
CA SER N 220 6.41 53.97 53.66
C SER N 220 6.00 53.41 52.31
N GLU N 221 6.97 53.17 51.42
CA GLU N 221 6.68 52.60 50.12
C GLU N 221 6.02 51.24 50.27
N ALA N 222 6.58 50.38 51.14
CA ALA N 222 6.01 49.06 51.37
C ALA N 222 4.59 49.16 51.91
N ILE N 223 4.36 50.09 52.84
CA ILE N 223 3.03 50.28 53.42
C ILE N 223 2.03 50.62 52.31
N TYR N 224 2.41 51.55 51.43
CA TYR N 224 1.53 51.93 50.32
C TYR N 224 1.21 50.72 49.46
N ASN N 225 2.23 49.94 49.10
CA ASN N 225 2.01 48.72 48.33
C ASN N 225 1.07 47.77 49.06
N ARG N 226 1.30 47.59 50.37
CA ARG N 226 0.45 46.72 51.16
C ARG N 226 -0.98 47.24 51.21
N MET N 227 -1.14 48.53 51.50
CA MET N 227 -2.47 49.13 51.53
C MET N 227 -3.19 48.95 50.21
N ARG N 228 -2.49 49.20 49.09
CA ARG N 228 -3.08 49.05 47.77
C ARG N 228 -3.53 47.61 47.54
N ALA N 229 -2.66 46.64 47.87
CA ALA N 229 -2.99 45.24 47.67
C ALA N 229 -4.19 44.82 48.50
N GLU N 230 -4.32 45.36 49.72
CA GLU N 230 -5.45 45.00 50.57
C GLU N 230 -6.77 45.42 49.93
N ARG N 231 -6.83 46.64 49.40
CA ARG N 231 -8.05 47.10 48.73
C ARG N 231 -8.35 46.26 47.50
N GLU N 232 -7.32 45.79 46.80
CA GLU N 232 -7.52 44.97 45.61
C GLU N 232 -8.23 43.67 45.96
N ALA N 233 -7.88 43.07 47.10
CA ALA N 233 -8.53 41.84 47.52
C ALA N 233 -10.01 42.08 47.79
N VAL N 234 -10.33 43.21 48.43
CA VAL N 234 -11.72 43.57 48.69
C VAL N 234 -12.49 43.67 47.38
N ALA N 235 -11.88 44.28 46.37
CA ALA N 235 -12.52 44.43 45.07
C ALA N 235 -12.78 43.07 44.44
N ARG N 236 -11.84 42.14 44.57
CA ARG N 236 -12.03 40.80 44.02
C ARG N 236 -13.20 40.10 44.68
N ARG N 237 -13.28 40.20 46.02
CA ARG N 237 -14.39 39.62 46.77
C ARG N 237 -15.73 40.10 46.22
N HIS N 238 -15.87 41.42 46.06
CA HIS N 238 -17.09 41.99 45.49
C HIS N 238 -17.37 41.41 44.10
N ARG N 239 -16.37 41.47 43.21
CA ARG N 239 -16.55 40.93 41.87
C ARG N 239 -16.81 39.44 41.89
N SER N 240 -16.20 38.72 42.84
CA SER N 240 -16.43 37.27 42.93
C SER N 240 -17.87 36.98 43.33
N GLN N 241 -18.40 37.74 44.30
CA GLN N 241 -19.78 37.57 44.72
C GLN N 241 -20.74 37.75 43.54
N GLY N 242 -20.51 38.81 42.76
CA GLY N 242 -21.34 39.05 41.59
C GLY N 242 -21.34 37.89 40.62
N GLN N 243 -20.16 37.32 40.36
CA GLN N 243 -20.06 36.20 39.44
C GLN N 243 -20.80 34.98 39.99
N GLU N 244 -20.70 34.75 41.30
CA GLU N 244 -21.41 33.64 41.92
C GLU N 244 -22.91 33.76 41.71
N GLU N 245 -23.47 34.94 42.05
CA GLU N 245 -24.89 35.19 41.86
C GLU N 245 -25.29 34.99 40.41
N ALA N 246 -24.51 35.56 39.48
CA ALA N 246 -24.79 35.43 38.05
C ALA N 246 -24.85 33.96 37.64
N GLU N 247 -23.82 33.19 37.97
CA GLU N 247 -23.78 31.77 37.64
C GLU N 247 -25.01 31.04 38.17
N LYS N 248 -25.36 31.30 39.44
CA LYS N 248 -26.53 30.65 40.02
C LYS N 248 -27.80 31.01 39.26
N LEU N 249 -27.98 32.31 38.97
CA LEU N 249 -29.15 32.76 38.21
C LEU N 249 -29.21 32.05 36.86
N ARG N 250 -28.08 31.99 36.15
CA ARG N 250 -28.03 31.31 34.86
C ARG N 250 -28.41 29.83 35.01
N ALA N 251 -27.90 29.18 36.06
CA ALA N 251 -28.18 27.75 36.27
C ALA N 251 -29.67 27.47 36.39
N THR N 252 -30.38 28.22 37.24
CA THR N 252 -31.81 28.00 37.39
C THR N 252 -32.55 28.28 36.08
N ALA N 253 -32.08 29.27 35.32
CA ALA N 253 -32.72 29.60 34.04
C ALA N 253 -32.70 28.40 33.10
N ASP N 254 -31.55 27.73 32.98
CA ASP N 254 -31.44 26.59 32.08
C ASP N 254 -32.34 25.44 32.53
N TYR N 255 -32.44 25.22 33.84
CA TYR N 255 -33.32 24.16 34.35
C TYR N 255 -34.75 24.34 33.85
N GLU N 256 -35.29 25.55 34.01
CA GLU N 256 -36.63 25.84 33.53
C GLU N 256 -36.74 25.62 32.02
N VAL N 257 -35.72 26.07 31.28
CA VAL N 257 -35.68 25.90 29.83
C VAL N 257 -35.80 24.42 29.47
N THR N 258 -34.99 23.59 30.11
CA THR N 258 -35.05 22.14 29.86
C THR N 258 -36.45 21.60 30.11
N ARG N 259 -37.04 21.99 31.25
CA ARG N 259 -38.42 21.58 31.57
C ARG N 259 -39.38 21.86 30.43
N THR N 260 -39.41 23.12 29.98
CA THR N 260 -40.27 23.51 28.86
C THR N 260 -39.99 22.65 27.63
N LEU N 261 -38.72 22.61 27.20
CA LEU N 261 -38.34 21.79 26.06
C LEU N 261 -38.73 20.33 26.27
N ALA N 262 -38.52 19.82 27.48
CA ALA N 262 -38.89 18.43 27.77
C ALA N 262 -40.41 18.28 27.76
N GLU N 263 -41.13 19.25 28.33
CA GLU N 263 -42.58 19.21 28.31
C GLU N 263 -43.09 19.18 26.88
N ALA N 264 -42.52 20.03 26.02
CA ALA N 264 -42.91 20.05 24.61
C ALA N 264 -42.73 18.68 23.97
N GLU N 265 -41.56 18.06 24.17
CA GLU N 265 -41.30 16.75 23.60
C GLU N 265 -42.31 15.72 24.07
N ARG N 266 -42.68 15.77 25.35
CA ARG N 266 -43.70 14.87 25.89
C ARG N 266 -44.98 14.97 25.09
N GLN N 267 -45.54 16.17 25.00
CA GLN N 267 -46.76 16.37 24.22
C GLN N 267 -46.53 16.04 22.75
N GLY N 268 -45.39 16.46 22.20
CA GLY N 268 -45.10 16.16 20.81
C GLY N 268 -44.97 14.67 20.56
N ARG N 269 -44.30 13.95 21.46
CA ARG N 269 -44.15 12.51 21.32
C ARG N 269 -45.51 11.82 21.31
N ILE N 270 -46.39 12.22 22.24
CA ILE N 270 -47.75 11.68 22.32
C ILE N 270 -48.43 11.77 20.96
N MET N 271 -48.50 12.99 20.41
CA MET N 271 -49.10 13.25 19.10
C MET N 271 -48.64 12.24 18.05
N ARG N 272 -47.32 12.11 17.89
CA ARG N 272 -46.74 11.13 16.97
C ARG N 272 -47.40 9.77 17.13
N GLY N 273 -47.37 9.24 18.36
CA GLY N 273 -47.98 7.98 18.73
C GLY N 273 -49.36 7.74 18.14
N GLU N 274 -50.20 8.78 18.14
CA GLU N 274 -51.54 8.65 17.61
C GLU N 274 -51.50 8.43 16.10
N GLY N 275 -50.68 9.19 15.39
CA GLY N 275 -50.56 9.01 13.96
C GLY N 275 -50.05 7.64 13.60
N ASP N 276 -49.04 7.15 14.31
CA ASP N 276 -48.52 5.82 14.06
C ASP N 276 -49.55 4.75 14.38
N ALA N 277 -50.30 4.94 15.47
CA ALA N 277 -51.34 3.98 15.84
C ALA N 277 -52.45 3.94 14.79
N GLU N 278 -52.90 5.12 14.35
CA GLU N 278 -53.94 5.17 13.33
C GLU N 278 -53.45 4.56 12.03
N ALA N 279 -52.21 4.88 11.63
CA ALA N 279 -51.64 4.32 10.41
C ALA N 279 -51.55 2.80 10.49
N ALA N 280 -51.23 2.28 11.68
CA ALA N 280 -51.12 0.83 11.85
C ALA N 280 -52.46 0.15 11.59
N LYS N 281 -53.55 0.75 12.08
CA LYS N 281 -54.87 0.16 11.87
C LYS N 281 -55.19 0.09 10.37
N LEU N 282 -54.91 1.18 9.64
CA LEU N 282 -55.16 1.19 8.20
C LEU N 282 -54.36 0.10 7.49
N PHE N 283 -53.07 -0.01 7.82
CA PHE N 283 -52.23 -1.03 7.19
C PHE N 283 -52.71 -2.43 7.54
N ALA N 284 -53.04 -2.66 8.81
CA ALA N 284 -53.49 -3.99 9.21
C ALA N 284 -54.80 -4.36 8.53
N ASP N 285 -55.75 -3.43 8.49
CA ASP N 285 -57.02 -3.70 7.83
C ASP N 285 -56.84 -3.93 6.33
N ALA N 286 -56.00 -3.11 5.70
CA ALA N 286 -55.78 -3.23 4.26
C ALA N 286 -55.01 -4.49 3.89
N PHE N 287 -53.94 -4.81 4.63
CA PHE N 287 -53.11 -5.95 4.32
C PHE N 287 -53.57 -7.26 4.96
N SER N 288 -54.56 -7.25 5.85
CA SER N 288 -55.02 -8.50 6.44
C SER N 288 -55.73 -9.39 5.43
N LYS N 289 -56.13 -8.84 4.28
CA LYS N 289 -56.80 -9.64 3.26
C LYS N 289 -55.83 -10.60 2.58
N ASP N 290 -54.61 -10.14 2.29
CA ASP N 290 -53.59 -10.94 1.63
C ASP N 290 -52.25 -10.64 2.28
N PRO N 291 -51.94 -11.29 3.40
CA PRO N 291 -50.66 -10.98 4.08
C PRO N 291 -49.42 -11.40 3.30
N ASP N 292 -49.44 -12.57 2.66
CA ASP N 292 -48.26 -13.02 1.92
C ASP N 292 -47.92 -12.08 0.77
N PHE N 293 -48.93 -11.59 0.05
CA PHE N 293 -48.67 -10.67 -1.05
C PHE N 293 -48.07 -9.36 -0.54
N TYR N 294 -48.55 -8.87 0.60
CA TYR N 294 -48.02 -7.63 1.17
C TYR N 294 -46.53 -7.78 1.48
N ALA N 295 -46.14 -8.92 2.07
CA ALA N 295 -44.74 -9.15 2.39
C ALA N 295 -43.89 -9.12 1.13
N PHE N 296 -44.37 -9.75 0.06
CA PHE N 296 -43.64 -9.77 -1.20
C PHE N 296 -43.41 -8.36 -1.74
N ILE N 297 -44.47 -7.55 -1.77
CA ILE N 297 -44.34 -6.18 -2.25
C ILE N 297 -43.48 -5.35 -1.30
N ARG N 298 -43.74 -5.47 0.00
CA ARG N 298 -42.99 -4.70 0.99
C ARG N 298 -41.53 -5.13 1.04
N SER N 299 -41.26 -6.43 0.96
CA SER N 299 -39.88 -6.91 1.02
C SER N 299 -39.11 -6.53 -0.24
N LEU N 300 -39.74 -6.67 -1.40
CA LEU N 300 -39.08 -6.31 -2.65
C LEU N 300 -38.71 -4.83 -2.66
N ARG N 301 -39.64 -3.97 -2.27
CA ARG N 301 -39.37 -2.54 -2.18
C ARG N 301 -38.20 -2.26 -1.24
N ALA N 302 -38.20 -2.91 -0.07
CA ALA N 302 -37.14 -2.73 0.92
C ALA N 302 -35.76 -3.00 0.34
N TYR N 303 -35.62 -4.06 -0.47
CA TYR N 303 -34.33 -4.40 -1.06
C TYR N 303 -33.76 -3.24 -1.88
N GLU N 304 -34.58 -2.68 -2.77
CA GLU N 304 -34.15 -1.55 -3.60
C GLU N 304 -33.62 -0.40 -2.75
N ASN N 305 -34.37 -0.03 -1.71
CA ASN N 305 -33.96 1.07 -0.85
C ASN N 305 -32.66 0.76 -0.09
N SER N 306 -32.51 -0.48 0.36
CA SER N 306 -31.31 -0.85 1.12
C SER N 306 -30.06 -0.83 0.25
N PHE N 307 -30.11 -1.50 -0.90
CA PHE N 307 -28.96 -1.56 -1.80
C PHE N 307 -28.91 -0.41 -2.79
N SER N 308 -29.65 0.68 -2.54
CA SER N 308 -29.62 1.86 -3.39
C SER N 308 -28.19 2.31 -3.68
N GLY N 309 -27.35 2.32 -2.66
CA GLY N 309 -25.96 2.73 -2.81
C GLY N 309 -25.16 1.74 -3.63
N ASN N 310 -23.99 2.20 -4.07
CA ASN N 310 -23.07 1.41 -4.88
C ASN N 310 -21.83 0.99 -4.08
N GLN N 311 -22.02 0.72 -2.79
CA GLN N 311 -20.96 0.27 -1.89
C GLN N 311 -21.28 -1.11 -1.32
N ASP N 312 -22.07 -1.89 -2.06
CA ASP N 312 -22.49 -3.23 -1.67
C ASP N 312 -22.09 -4.21 -2.76
N VAL N 313 -21.33 -5.23 -2.38
CA VAL N 313 -20.86 -6.25 -3.31
C VAL N 313 -21.72 -7.49 -3.09
N MET N 314 -22.44 -7.90 -4.13
CA MET N 314 -23.34 -9.08 -4.08
C MET N 314 -22.66 -10.22 -4.83
N VAL N 315 -22.11 -11.17 -4.08
CA VAL N 315 -21.41 -12.31 -4.67
C VAL N 315 -22.44 -13.42 -4.90
N MET N 316 -23.10 -13.36 -6.05
CA MET N 316 -24.07 -14.37 -6.42
C MET N 316 -23.33 -15.53 -7.09
N SER N 317 -24.07 -16.53 -7.55
CA SER N 317 -23.53 -17.71 -8.22
C SER N 317 -24.26 -17.94 -9.53
N PRO N 318 -23.62 -18.59 -10.52
CA PRO N 318 -24.32 -18.85 -11.78
C PRO N 318 -25.38 -19.92 -11.68
N ASP N 319 -25.33 -20.77 -10.65
CA ASP N 319 -26.32 -21.82 -10.45
C ASP N 319 -27.59 -21.31 -9.77
N SER N 320 -27.69 -20.02 -9.51
CA SER N 320 -28.85 -19.48 -8.84
C SER N 320 -30.09 -19.59 -9.72
N ASP N 321 -31.26 -19.54 -9.07
CA ASP N 321 -32.52 -19.64 -9.78
C ASP N 321 -32.73 -18.45 -10.73
N PHE N 322 -32.33 -17.25 -10.29
CA PHE N 322 -32.52 -16.07 -11.14
C PHE N 322 -31.70 -16.17 -12.41
N PHE N 323 -30.48 -16.72 -12.32
CA PHE N 323 -29.61 -16.90 -13.47
C PHE N 323 -29.82 -18.25 -14.14
N ARG N 324 -30.99 -18.87 -13.95
CA ARG N 324 -31.27 -20.16 -14.56
C ARG N 324 -31.36 -20.09 -16.08
N TYR N 325 -31.54 -18.90 -16.65
CA TYR N 325 -31.64 -18.73 -18.10
C TYR N 325 -30.32 -18.31 -18.72
N MET N 326 -29.22 -18.36 -17.96
CA MET N 326 -27.89 -18.06 -18.48
C MET N 326 -27.21 -19.32 -18.99
N LYS N 327 -27.88 -20.48 -18.90
CA LYS N 327 -27.40 -21.76 -19.38
C LYS N 327 -28.05 -22.02 -20.73
N THR N 328 -27.24 -22.40 -21.73
CA THR N 328 -27.68 -22.65 -23.10
C THR N 328 -29.00 -23.42 -23.16
N PRO N 329 -30.01 -22.95 -23.92
CA PRO N 329 -31.27 -23.70 -23.94
C PRO N 329 -31.17 -25.00 -24.74
N VAL O 247 28.66 46.89 50.64
CA VAL O 247 27.49 46.23 50.07
C VAL O 247 26.23 46.93 50.52
N LYS O 248 26.22 48.26 50.39
CA LYS O 248 25.06 49.06 50.80
C LYS O 248 23.85 48.73 49.95
N ALA O 249 24.04 48.62 48.64
CA ALA O 249 22.92 48.31 47.74
C ALA O 249 22.32 46.95 48.05
N ALA O 250 23.16 45.97 48.36
CA ALA O 250 22.68 44.62 48.65
C ALA O 250 21.73 44.61 49.84
N PHE O 251 22.05 45.39 50.88
CA PHE O 251 21.17 45.45 52.05
C PHE O 251 19.81 46.01 51.68
N ASP O 252 19.79 47.01 50.78
CA ASP O 252 18.53 47.56 50.32
C ASP O 252 17.69 46.50 49.62
N ASP O 253 18.31 45.73 48.72
CA ASP O 253 17.60 44.66 48.03
C ASP O 253 17.10 43.62 49.01
N ALA O 254 17.85 43.36 50.09
CA ALA O 254 17.41 42.40 51.09
C ALA O 254 16.13 42.87 51.76
N ILE O 255 16.12 44.12 52.23
CA ILE O 255 14.93 44.68 52.84
C ILE O 255 13.78 44.72 51.84
N ALA O 256 14.10 44.83 50.54
CA ALA O 256 13.06 44.84 49.52
C ALA O 256 12.41 43.47 49.42
N ALA O 257 13.22 42.41 49.41
CA ALA O 257 12.70 41.04 49.35
C ALA O 257 11.74 40.77 50.50
N ARG O 258 12.01 41.34 51.67
CA ARG O 258 11.12 41.19 52.82
C ARG O 258 9.69 41.58 52.46
N GLU O 259 9.52 42.67 51.72
CA GLU O 259 8.19 43.09 51.31
C GLU O 259 7.58 42.09 50.34
N ASN O 260 8.40 41.54 49.44
CA ASN O 260 7.90 40.54 48.49
C ASN O 260 7.40 39.30 49.22
N GLU O 261 8.00 38.99 50.37
CA GLU O 261 7.56 37.83 51.15
C GLU O 261 6.11 38.02 51.59
N GLN O 262 5.84 39.08 52.36
CA GLN O 262 4.49 39.37 52.82
C GLN O 262 3.51 39.57 51.67
N GLN O 263 3.99 39.90 50.46
CA GLN O 263 3.10 40.11 49.33
C GLN O 263 2.46 38.80 48.90
N TYR O 264 3.29 37.81 48.55
CA TYR O 264 2.85 36.48 48.15
C TYR O 264 1.77 35.91 49.08
N ILE O 265 1.92 36.12 50.38
CA ILE O 265 0.92 35.64 51.34
C ILE O 265 -0.41 36.33 51.09
N ARG O 266 -0.38 37.67 50.99
CA ARG O 266 -1.61 38.41 50.72
C ARG O 266 -2.17 38.04 49.35
N GLU O 267 -1.30 37.79 48.37
CA GLU O 267 -1.75 37.38 47.05
C GLU O 267 -2.43 36.02 47.13
N ALA O 268 -1.85 35.09 47.89
CA ALA O 268 -2.46 33.78 48.07
C ALA O 268 -3.83 33.90 48.71
N GLU O 269 -3.97 34.81 49.69
CA GLU O 269 -5.25 35.02 50.35
C GLU O 269 -6.32 35.42 49.33
N ALA O 270 -5.99 36.37 48.46
CA ALA O 270 -6.93 36.76 47.41
C ALA O 270 -7.33 35.57 46.55
N TYR O 271 -6.35 34.75 46.15
CA TYR O 271 -6.62 33.60 45.30
C TYR O 271 -7.63 32.65 45.93
N THR O 272 -7.39 32.21 47.17
CA THR O 272 -8.32 31.31 47.85
C THR O 272 -9.72 31.93 47.93
N ASN O 273 -9.80 33.17 48.41
CA ASN O 273 -11.06 33.89 48.48
C ASN O 273 -11.81 33.84 47.14
N GLU O 274 -11.15 34.29 46.08
CA GLU O 274 -11.72 34.32 44.73
C GLU O 274 -12.33 32.99 44.30
N VAL O 275 -11.53 31.92 44.30
CA VAL O 275 -11.99 30.60 43.84
C VAL O 275 -13.24 30.14 44.60
N GLN O 276 -13.30 30.38 45.92
CA GLN O 276 -14.41 29.91 46.76
C GLN O 276 -15.79 30.21 46.16
N PRO O 277 -16.22 31.46 45.90
CA PRO O 277 -17.52 31.63 45.24
C PRO O 277 -17.55 31.05 43.83
N ARG O 278 -16.41 31.03 43.14
CA ARG O 278 -16.36 30.45 41.79
C ARG O 278 -16.78 29.00 41.82
N ALA O 279 -16.25 28.23 42.78
CA ALA O 279 -16.59 26.82 42.87
C ALA O 279 -18.04 26.65 43.31
N ASN O 280 -18.50 27.49 44.23
CA ASN O 280 -19.91 27.42 44.65
C ASN O 280 -20.84 27.61 43.47
N GLY O 281 -20.56 28.63 42.65
CA GLY O 281 -21.37 28.83 41.45
C GLY O 281 -21.31 27.63 40.53
N GLN O 282 -20.11 27.10 40.32
CA GLN O 282 -19.93 25.91 39.48
C GLN O 282 -20.69 24.72 40.06
N ALA O 283 -20.76 24.63 41.39
CA ALA O 283 -21.49 23.53 42.03
C ALA O 283 -22.96 23.58 41.68
N GLN O 284 -23.55 24.79 41.70
CA GLN O 284 -24.95 24.96 41.36
C GLN O 284 -25.26 24.40 39.96
N ARG O 285 -24.34 24.58 39.02
CA ARG O 285 -24.53 24.08 37.66
C ARG O 285 -24.84 22.59 37.65
N ILE O 286 -24.00 21.78 38.30
CA ILE O 286 -24.23 20.34 38.33
C ILE O 286 -25.52 20.04 39.09
N LEU O 287 -25.79 20.78 40.16
CA LEU O 287 -27.00 20.57 40.94
C LEU O 287 -28.24 20.80 40.08
N GLU O 288 -28.29 21.95 39.40
CA GLU O 288 -29.43 22.25 38.52
C GLU O 288 -29.53 21.24 37.39
N GLU O 289 -28.39 20.91 36.77
CA GLU O 289 -28.37 19.93 35.68
C GLU O 289 -28.96 18.60 36.13
N ALA O 290 -28.60 18.15 37.34
CA ALA O 290 -29.14 16.91 37.86
C ALA O 290 -30.67 16.98 37.94
N ARG O 291 -31.19 18.07 38.50
CA ARG O 291 -32.64 18.24 38.58
C ARG O 291 -33.26 18.25 37.18
N ALA O 292 -32.63 18.96 36.25
CA ALA O 292 -33.13 19.01 34.88
C ALA O 292 -33.20 17.62 34.27
N TYR O 293 -32.13 16.83 34.43
CA TYR O 293 -32.11 15.47 33.91
C TYR O 293 -33.26 14.66 34.50
N LYS O 294 -33.43 14.71 35.82
CA LYS O 294 -34.53 14.02 36.49
C LYS O 294 -35.88 14.35 35.85
N ALA O 295 -36.18 15.65 35.75
CA ALA O 295 -37.44 16.08 35.13
C ALA O 295 -37.52 15.60 33.68
N GLN O 296 -36.43 15.76 32.93
CA GLN O 296 -36.41 15.32 31.53
C GLN O 296 -36.76 13.84 31.40
N THR O 297 -36.02 12.99 32.13
CA THR O 297 -36.27 11.55 32.13
C THR O 297 -37.74 11.24 32.39
N ILE O 298 -38.29 11.79 33.47
CA ILE O 298 -39.69 11.57 33.83
C ILE O 298 -40.61 11.95 32.66
N LEU O 299 -40.48 13.18 32.16
CA LEU O 299 -41.32 13.62 31.04
C LEU O 299 -41.10 12.75 29.81
N GLU O 300 -39.83 12.46 29.49
CA GLU O 300 -39.54 11.58 28.35
C GLU O 300 -40.19 10.23 28.53
N ALA O 301 -40.03 9.64 29.72
CA ALA O 301 -40.63 8.33 30.01
C ALA O 301 -42.13 8.35 29.79
N GLN O 302 -42.83 9.34 30.38
CA GLN O 302 -44.27 9.46 30.22
C GLN O 302 -44.68 9.47 28.76
N GLY O 303 -44.03 10.32 27.95
CA GLY O 303 -44.34 10.37 26.53
C GLY O 303 -44.11 9.03 25.85
N GLU O 304 -42.96 8.40 26.12
CA GLU O 304 -42.65 7.11 25.52
C GLU O 304 -43.68 6.07 25.92
N VAL O 305 -44.10 6.07 27.19
CA VAL O 305 -45.10 5.11 27.65
C VAL O 305 -46.40 5.28 26.88
N ALA O 306 -46.86 6.53 26.73
CA ALA O 306 -48.06 6.83 25.98
C ALA O 306 -47.99 6.22 24.58
N ARG O 307 -46.87 6.45 23.87
CA ARG O 307 -46.67 5.90 22.54
C ARG O 307 -46.85 4.39 22.54
N PHE O 308 -46.18 3.71 23.49
CA PHE O 308 -46.29 2.26 23.59
C PHE O 308 -47.72 1.83 23.86
N ALA O 309 -48.36 2.46 24.85
CA ALA O 309 -49.74 2.14 25.24
C ALA O 309 -50.68 2.08 24.03
N LYS O 310 -50.75 3.18 23.27
CA LYS O 310 -51.58 3.24 22.08
C LYS O 310 -51.34 2.06 21.14
N LEU O 311 -50.08 1.85 20.76
CA LEU O 311 -49.69 0.76 19.87
C LEU O 311 -50.24 -0.60 20.30
N LEU O 312 -50.13 -0.93 21.60
CA LEU O 312 -50.53 -2.21 22.16
C LEU O 312 -51.91 -2.73 21.71
N PRO O 313 -53.04 -2.03 21.96
CA PRO O 313 -54.32 -2.59 21.45
C PRO O 313 -54.34 -2.80 19.95
N GLU O 314 -53.74 -1.88 19.19
CA GLU O 314 -53.66 -2.04 17.73
C GLU O 314 -52.97 -3.36 17.39
N TYR O 315 -51.83 -3.62 18.03
CA TYR O 315 -51.10 -4.86 17.79
C TYR O 315 -51.94 -6.08 18.17
N LYS O 316 -52.68 -5.99 19.28
CA LYS O 316 -53.52 -7.10 19.71
C LYS O 316 -54.61 -7.47 18.69
N ALA O 317 -54.89 -6.60 17.72
CA ALA O 317 -55.91 -6.92 16.72
C ALA O 317 -55.33 -7.78 15.61
N ALA O 318 -54.20 -7.35 15.04
CA ALA O 318 -53.51 -8.09 13.99
C ALA O 318 -52.03 -8.07 14.31
N PRO O 319 -51.56 -9.02 15.13
CA PRO O 319 -50.12 -9.02 15.47
C PRO O 319 -49.23 -9.38 14.30
N GLU O 320 -49.62 -10.37 13.49
CA GLU O 320 -48.79 -10.82 12.38
C GLU O 320 -48.55 -9.71 11.36
N ILE O 321 -49.61 -8.97 11.00
CA ILE O 321 -49.47 -7.93 9.97
C ILE O 321 -48.57 -6.80 10.45
N THR O 322 -48.79 -6.31 11.67
CA THR O 322 -47.98 -5.19 12.15
C THR O 322 -46.54 -5.61 12.42
N ARG O 323 -46.33 -6.83 12.92
CA ARG O 323 -44.97 -7.29 13.19
C ARG O 323 -44.14 -7.33 11.91
N GLU O 324 -44.72 -7.86 10.83
CA GLU O 324 -44.00 -7.93 9.56
C GLU O 324 -43.67 -6.54 9.05
N ARG O 325 -44.63 -5.61 9.14
CA ARG O 325 -44.40 -4.24 8.70
C ARG O 325 -43.24 -3.61 9.46
N LEU O 326 -43.36 -3.55 10.79
CA LEU O 326 -42.30 -2.99 11.63
C LEU O 326 -40.97 -3.67 11.38
N TYR O 327 -40.99 -4.98 11.13
CA TYR O 327 -39.76 -5.73 10.87
C TYR O 327 -39.11 -5.24 9.58
N ILE O 328 -39.82 -5.34 8.47
CA ILE O 328 -39.30 -4.89 7.17
C ILE O 328 -38.91 -3.42 7.23
N GLU O 329 -39.76 -2.59 7.85
CA GLU O 329 -39.49 -1.17 7.96
C GLU O 329 -38.15 -0.92 8.64
N THR O 330 -38.01 -1.39 9.89
CA THR O 330 -36.76 -1.21 10.62
C THR O 330 -35.59 -1.81 9.87
N MET O 331 -35.71 -3.08 9.47
CA MET O 331 -34.67 -3.79 8.71
C MET O 331 -34.14 -2.94 7.56
N GLU O 332 -35.06 -2.48 6.71
CA GLU O 332 -34.72 -1.58 5.60
C GLU O 332 -33.78 -0.46 6.04
N LYS O 333 -34.21 0.32 7.04
CA LYS O 333 -33.42 1.46 7.51
C LYS O 333 -32.02 1.05 7.96
N VAL O 334 -31.91 0.05 8.84
CA VAL O 334 -30.60 -0.41 9.30
C VAL O 334 -29.76 -0.88 8.12
N LEU O 335 -30.32 -1.79 7.31
CA LEU O 335 -29.62 -2.31 6.13
C LEU O 335 -29.16 -1.19 5.21
N GLY O 336 -29.98 -0.14 5.06
CA GLY O 336 -29.63 0.96 4.18
C GLY O 336 -28.33 1.66 4.54
N ASN O 337 -27.88 1.54 5.79
CA ASN O 337 -26.66 2.18 6.26
C ASN O 337 -25.52 1.20 6.46
N THR O 338 -25.53 0.04 5.80
CA THR O 338 -24.47 -0.95 5.96
C THR O 338 -24.05 -1.52 4.60
N ARG O 339 -22.82 -2.03 4.58
CA ARG O 339 -22.18 -2.63 3.40
C ARG O 339 -22.37 -4.15 3.39
N LYS O 340 -23.57 -4.59 2.99
CA LYS O 340 -23.85 -6.02 2.96
C LYS O 340 -22.94 -6.73 1.96
N VAL O 341 -22.71 -8.02 2.22
CA VAL O 341 -21.85 -8.86 1.40
C VAL O 341 -22.67 -9.91 0.62
N LEU O 342 -23.48 -10.70 1.32
CA LEU O 342 -24.34 -11.72 0.68
C LEU O 342 -23.52 -12.85 0.04
N VAL O 343 -22.47 -13.29 0.73
CA VAL O 343 -21.65 -14.39 0.24
C VAL O 343 -22.21 -15.68 0.84
N ASN O 344 -22.08 -16.78 0.11
CA ASN O 344 -22.59 -18.06 0.58
C ASN O 344 -21.70 -18.57 1.71
N ASP O 345 -22.35 -18.95 2.82
CA ASP O 345 -21.62 -19.39 4.01
C ASP O 345 -20.87 -20.70 3.83
N LYS O 346 -21.16 -21.48 2.77
CA LYS O 346 -20.46 -22.73 2.47
C LYS O 346 -18.95 -22.56 2.62
N GLY O 347 -18.40 -21.45 2.14
CA GLY O 347 -16.99 -21.16 2.27
C GLY O 347 -16.78 -20.37 3.55
N GLY O 348 -16.32 -21.05 4.60
CA GLY O 348 -16.13 -20.43 5.90
C GLY O 348 -14.76 -19.83 6.16
N ASN O 349 -14.25 -19.03 5.21
CA ASN O 349 -12.95 -18.39 5.35
C ASN O 349 -13.07 -16.95 4.89
N LEU O 350 -13.02 -16.00 5.83
CA LEU O 350 -13.07 -14.58 5.53
C LEU O 350 -12.04 -13.86 6.39
N MET O 351 -11.55 -12.73 5.88
CA MET O 351 -10.56 -11.90 6.58
C MET O 351 -11.18 -10.53 6.82
N VAL O 352 -11.31 -10.15 8.09
CA VAL O 352 -11.92 -8.86 8.47
C VAL O 352 -11.13 -7.66 7.93
N LEU O 353 -9.77 -7.74 7.96
CA LEU O 353 -8.88 -6.64 7.58
C LEU O 353 -9.36 -5.28 8.11
N PRO O 354 -9.39 -5.09 9.44
CA PRO O 354 -9.86 -3.81 9.99
C PRO O 354 -8.75 -2.77 10.08
N LEU O 355 -9.08 -1.60 10.59
CA LEU O 355 -8.09 -0.52 10.74
C LEU O 355 -8.52 0.43 11.86
N THR P 217 44.22 45.72 47.43
CA THR P 217 43.55 45.97 46.16
C THR P 217 42.71 44.77 45.76
N GLU P 218 43.38 43.70 45.31
CA GLU P 218 42.67 42.49 44.91
C GLU P 218 41.94 41.87 46.08
N VAL P 219 42.51 41.96 47.29
CA VAL P 219 41.87 41.42 48.49
C VAL P 219 40.51 42.08 48.70
N SER P 220 40.48 43.42 48.71
CA SER P 220 39.22 44.14 48.90
C SER P 220 38.22 43.81 47.79
N GLU P 221 38.70 43.69 46.55
CA GLU P 221 37.82 43.37 45.44
C GLU P 221 37.10 42.05 45.66
N ALA P 222 37.82 41.02 46.11
CA ALA P 222 37.21 39.73 46.37
C ALA P 222 36.41 39.71 47.67
N ILE P 223 36.69 40.61 48.60
CA ILE P 223 35.93 40.66 49.85
C ILE P 223 34.51 41.14 49.56
N TYR P 224 34.36 42.07 48.62
CA TYR P 224 33.05 42.60 48.27
C TYR P 224 32.17 41.51 47.67
N ASN P 225 32.77 40.64 46.85
CA ASN P 225 32.01 39.55 46.24
C ASN P 225 31.43 38.62 47.30
N ARG P 226 32.20 38.34 48.35
CA ARG P 226 31.73 37.44 49.41
C ARG P 226 30.58 38.07 50.17
N MET P 227 30.66 39.38 50.46
CA MET P 227 29.59 40.05 51.19
C MET P 227 28.29 40.06 50.40
N ARG P 228 28.39 40.22 49.08
CA ARG P 228 27.19 40.22 48.25
C ARG P 228 26.50 38.86 48.28
N ALA P 229 27.27 37.78 48.28
CA ALA P 229 26.69 36.44 48.30
C ALA P 229 25.90 36.20 49.57
N GLU P 230 26.41 36.64 50.72
CA GLU P 230 25.70 36.46 51.98
C GLU P 230 24.32 37.12 51.93
N ARG P 231 24.28 38.35 51.43
CA ARG P 231 23.01 39.07 51.30
C ARG P 231 22.02 38.31 50.43
N GLU P 232 22.50 37.76 49.31
CA GLU P 232 21.64 37.01 48.40
C GLU P 232 20.95 35.85 49.12
N ALA P 233 21.71 35.04 49.85
CA ALA P 233 21.15 33.92 50.60
C ALA P 233 20.02 34.37 51.52
N VAL P 234 20.29 35.40 52.34
CA VAL P 234 19.27 35.95 53.25
C VAL P 234 18.02 36.34 52.45
N ALA P 235 18.20 37.13 51.40
CA ALA P 235 17.07 37.55 50.57
C ALA P 235 16.39 36.34 49.94
N ARG P 236 17.18 35.39 49.44
CA ARG P 236 16.62 34.18 48.83
C ARG P 236 15.75 33.42 49.85
N ARG P 237 16.24 33.28 51.08
CA ARG P 237 15.48 32.62 52.13
C ARG P 237 14.12 33.25 52.31
N HIS P 238 14.09 34.57 52.53
CA HIS P 238 12.85 35.33 52.68
C HIS P 238 11.86 35.02 51.57
N ARG P 239 12.27 35.25 50.32
CA ARG P 239 11.41 34.99 49.17
C ARG P 239 10.95 33.54 49.14
N SER P 240 11.87 32.60 49.34
CA SER P 240 11.49 31.19 49.35
C SER P 240 10.52 30.89 50.48
N GLN P 241 10.79 31.45 51.66
CA GLN P 241 9.89 31.26 52.80
C GLN P 241 8.48 31.72 52.47
N GLY P 242 8.35 32.92 51.90
CA GLY P 242 7.05 33.43 51.52
C GLY P 242 6.31 32.50 50.56
N GLN P 243 7.02 31.99 49.56
CA GLN P 243 6.42 31.07 48.60
C GLN P 243 5.86 29.83 49.29
N GLU P 244 6.59 29.31 50.29
CA GLU P 244 6.12 28.14 51.03
C GLU P 244 4.78 28.43 51.70
N GLU P 245 4.69 29.54 52.43
CA GLU P 245 3.44 29.93 53.08
C GLU P 245 2.30 30.02 52.08
N ALA P 246 2.54 30.70 50.95
CA ALA P 246 1.52 30.83 49.92
C ALA P 246 1.08 29.47 49.40
N GLU P 247 2.04 28.57 49.14
CA GLU P 247 1.73 27.24 48.64
C GLU P 247 0.77 26.51 49.58
N LYS P 248 1.01 26.58 50.89
CA LYS P 248 0.13 25.90 51.85
C LYS P 248 -1.28 26.46 51.79
N LEU P 249 -1.40 27.79 51.76
CA LEU P 249 -2.72 28.43 51.67
C LEU P 249 -3.48 27.94 50.44
N ARG P 250 -2.83 27.95 49.28
CA ARG P 250 -3.47 27.49 48.06
C ARG P 250 -3.86 26.02 48.18
N ALA P 251 -3.00 25.20 48.77
CA ALA P 251 -3.27 23.77 48.93
C ALA P 251 -4.58 23.54 49.69
N THR P 252 -4.73 24.14 50.87
CA THR P 252 -5.96 23.97 51.65
C THR P 252 -7.16 24.52 50.88
N ALA P 253 -6.98 25.64 50.18
CA ALA P 253 -8.06 26.23 49.40
C ALA P 253 -8.58 25.24 48.36
N ASP P 254 -7.66 24.63 47.60
CA ASP P 254 -8.05 23.66 46.58
C ASP P 254 -8.82 22.50 47.20
N TYR P 255 -8.36 22.01 48.36
CA TYR P 255 -9.04 20.93 49.07
C TYR P 255 -10.49 21.28 49.33
N GLU P 256 -10.73 22.43 49.97
CA GLU P 256 -12.10 22.88 50.24
C GLU P 256 -12.92 22.98 48.96
N VAL P 257 -12.31 23.53 47.89
CA VAL P 257 -13.01 23.64 46.60
C VAL P 257 -13.47 22.26 46.15
N THR P 258 -12.55 21.30 46.10
CA THR P 258 -12.90 19.93 45.72
C THR P 258 -14.02 19.39 46.60
N ARG P 259 -13.91 19.58 47.91
CA ARG P 259 -14.93 19.14 48.86
C ARG P 259 -16.30 19.67 48.46
N THR P 260 -16.42 20.99 48.29
CA THR P 260 -17.69 21.59 47.90
C THR P 260 -18.17 21.02 46.57
N LEU P 261 -17.27 20.91 45.59
CA LEU P 261 -17.64 20.35 44.30
C LEU P 261 -18.14 18.92 44.44
N ALA P 262 -17.47 18.11 45.26
CA ALA P 262 -17.87 16.73 45.45
C ALA P 262 -19.18 16.64 46.24
N GLU P 263 -19.38 17.56 47.19
CA GLU P 263 -20.61 17.56 47.98
C GLU P 263 -21.82 17.74 47.07
N ALA P 264 -21.73 18.70 46.14
CA ALA P 264 -22.82 18.94 45.19
C ALA P 264 -23.03 17.72 44.30
N GLU P 265 -21.94 17.09 43.86
CA GLU P 265 -22.04 15.92 42.99
C GLU P 265 -22.85 14.81 43.67
N ARG P 266 -22.69 14.65 44.98
CA ARG P 266 -23.46 13.63 45.69
C ARG P 266 -24.94 13.96 45.65
N GLN P 267 -25.29 15.22 45.90
CA GLN P 267 -26.69 15.64 45.82
C GLN P 267 -27.24 15.40 44.42
N GLY P 268 -26.42 15.65 43.39
CA GLY P 268 -26.86 15.44 42.02
C GLY P 268 -27.19 14.00 41.73
N ARG P 269 -26.34 13.07 42.20
CA ARG P 269 -26.56 11.65 41.97
C ARG P 269 -27.92 11.22 42.53
N ILE P 270 -28.23 11.64 43.76
CA ILE P 270 -29.53 11.35 44.38
C ILE P 270 -30.66 11.74 43.44
N MET P 271 -30.63 13.00 42.95
CA MET P 271 -31.64 13.47 42.02
C MET P 271 -31.69 12.59 40.77
N ARG P 272 -30.53 12.31 40.19
CA ARG P 272 -30.46 11.46 39.01
C ARG P 272 -31.04 10.08 39.28
N GLY P 273 -30.70 9.49 40.41
CA GLY P 273 -31.22 8.18 40.76
C GLY P 273 -32.73 8.20 40.95
N GLU P 274 -33.24 9.24 41.60
CA GLU P 274 -34.68 9.37 41.81
C GLU P 274 -35.43 9.35 40.48
N GLY P 275 -34.99 10.19 39.54
CA GLY P 275 -35.60 10.21 38.22
C GLY P 275 -35.59 8.85 37.56
N ASP P 276 -34.45 8.17 37.60
CA ASP P 276 -34.34 6.84 36.99
C ASP P 276 -35.32 5.86 37.64
N ALA P 277 -35.35 5.85 38.98
CA ALA P 277 -36.26 4.96 39.69
C ALA P 277 -37.71 5.24 39.30
N GLU P 278 -38.08 6.52 39.25
CA GLU P 278 -39.43 6.90 38.85
C GLU P 278 -39.73 6.41 37.44
N ALA P 279 -38.78 6.63 36.52
CA ALA P 279 -38.96 6.20 35.14
C ALA P 279 -39.14 4.68 35.05
N ALA P 280 -38.39 3.94 35.87
CA ALA P 280 -38.48 2.48 35.86
C ALA P 280 -39.91 2.03 36.17
N LYS P 281 -40.51 2.60 37.21
CA LYS P 281 -41.89 2.29 37.56
C LYS P 281 -42.82 2.51 36.37
N LEU P 282 -42.81 3.74 35.84
CA LEU P 282 -43.59 4.11 34.66
C LEU P 282 -43.47 3.06 33.54
N PHE P 283 -42.25 2.62 33.26
CA PHE P 283 -42.04 1.64 32.21
C PHE P 283 -42.56 0.27 32.62
N ALA P 284 -42.02 -0.26 33.73
CA ALA P 284 -42.37 -1.60 34.24
C ALA P 284 -43.86 -1.96 34.18
N ASP P 285 -44.73 -1.11 34.75
CA ASP P 285 -46.15 -1.43 34.72
C ASP P 285 -46.71 -1.32 33.31
N ALA P 286 -46.39 -0.23 32.59
CA ALA P 286 -46.89 -0.05 31.23
C ALA P 286 -46.30 -1.05 30.26
N PHE P 287 -45.14 -1.63 30.57
CA PHE P 287 -44.49 -2.60 29.70
C PHE P 287 -44.77 -4.04 30.09
N SER P 288 -45.18 -4.28 31.34
CA SER P 288 -45.48 -5.65 31.76
C SER P 288 -46.72 -6.20 31.06
N LYS P 289 -47.54 -5.33 30.46
CA LYS P 289 -48.71 -5.78 29.71
C LYS P 289 -48.34 -6.83 28.67
N ASP P 290 -47.21 -6.63 27.99
CA ASP P 290 -46.74 -7.57 26.98
C ASP P 290 -45.21 -7.44 26.93
N PRO P 291 -44.48 -8.33 27.62
CA PRO P 291 -43.01 -8.22 27.58
C PRO P 291 -42.42 -8.56 26.22
N ASP P 292 -42.93 -9.59 25.56
CA ASP P 292 -42.40 -9.99 24.26
C ASP P 292 -42.52 -8.87 23.24
N PHE P 293 -43.68 -8.18 23.21
CA PHE P 293 -43.85 -7.09 22.26
C PHE P 293 -42.88 -5.95 22.53
N TYR P 294 -42.65 -5.64 23.82
CA TYR P 294 -41.70 -4.59 24.18
C TYR P 294 -40.31 -4.90 23.65
N ALA P 295 -39.86 -6.15 23.82
CA ALA P 295 -38.55 -6.55 23.34
C ALA P 295 -38.41 -6.32 21.83
N PHE P 296 -39.44 -6.68 21.07
CA PHE P 296 -39.42 -6.49 19.62
C PHE P 296 -39.25 -5.02 19.25
N ILE P 297 -40.11 -4.16 19.81
CA ILE P 297 -40.05 -2.73 19.51
C ILE P 297 -38.71 -2.15 19.93
N ARG P 298 -38.33 -2.35 21.20
CA ARG P 298 -37.08 -1.80 21.70
C ARG P 298 -35.88 -2.34 20.94
N SER P 299 -35.81 -3.66 20.75
CA SER P 299 -34.68 -4.25 20.02
C SER P 299 -34.57 -3.66 18.62
N LEU P 300 -35.69 -3.47 17.93
CA LEU P 300 -35.67 -2.89 16.60
C LEU P 300 -35.13 -1.45 16.65
N ARG P 301 -35.70 -0.64 17.55
CA ARG P 301 -35.23 0.73 17.72
C ARG P 301 -33.74 0.77 18.02
N ALA P 302 -33.27 -0.14 18.88
CA ALA P 302 -31.86 -0.20 19.25
C ALA P 302 -30.97 -0.40 18.02
N TYR P 303 -31.30 -1.40 17.20
CA TYR P 303 -30.54 -1.70 15.99
C TYR P 303 -30.30 -0.45 15.14
N GLU P 304 -31.38 0.27 14.82
CA GLU P 304 -31.28 1.49 14.01
C GLU P 304 -30.23 2.46 14.56
N ASN P 305 -30.33 2.80 15.85
CA ASN P 305 -29.38 3.74 16.45
C ASN P 305 -27.97 3.15 16.48
N SER P 306 -27.85 1.86 16.81
CA SER P 306 -26.53 1.23 16.88
C SER P 306 -25.85 1.22 15.52
N PHE P 307 -26.58 0.88 14.46
CA PHE P 307 -26.02 0.81 13.11
C PHE P 307 -26.18 2.11 12.34
N SER P 308 -26.45 3.23 13.03
CA SER P 308 -26.59 4.51 12.34
C SER P 308 -25.31 4.87 11.59
N GLY P 309 -24.16 4.68 12.23
CA GLY P 309 -22.90 4.97 11.59
C GLY P 309 -22.68 4.15 10.33
N ASN P 310 -21.79 4.66 9.47
CA ASN P 310 -21.43 4.02 8.22
C ASN P 310 -20.04 3.40 8.27
N GLN P 311 -19.55 3.06 9.46
CA GLN P 311 -18.24 2.46 9.65
C GLN P 311 -18.32 0.96 9.96
N ASP P 312 -19.50 0.36 9.85
CA ASP P 312 -19.72 -1.04 10.13
C ASP P 312 -20.06 -1.79 8.84
N VAL P 313 -19.60 -3.02 8.75
CA VAL P 313 -19.81 -3.88 7.59
C VAL P 313 -20.45 -5.18 8.06
N MET P 314 -21.54 -5.58 7.40
CA MET P 314 -22.26 -6.80 7.72
C MET P 314 -22.04 -7.83 6.62
N VAL P 315 -22.12 -9.11 6.98
CA VAL P 315 -21.95 -10.21 6.05
C VAL P 315 -23.18 -11.11 6.18
N MET P 316 -24.17 -10.90 5.34
CA MET P 316 -25.36 -11.72 5.29
C MET P 316 -25.15 -12.88 4.34
N SER P 317 -26.11 -13.80 4.31
CA SER P 317 -26.07 -14.96 3.41
C SER P 317 -27.36 -15.01 2.59
N PRO P 318 -27.33 -15.62 1.40
CA PRO P 318 -28.57 -15.72 0.63
C PRO P 318 -29.58 -16.67 1.25
N ASP P 319 -29.14 -17.61 2.07
CA ASP P 319 -30.03 -18.58 2.72
C ASP P 319 -30.82 -17.97 3.87
N SER P 320 -30.52 -16.73 4.27
CA SER P 320 -31.24 -16.11 5.37
C SER P 320 -32.71 -15.95 5.02
N ASP P 321 -33.57 -16.10 6.04
CA ASP P 321 -35.01 -16.00 5.81
C ASP P 321 -35.44 -14.62 5.37
N PHE P 322 -34.66 -13.57 5.66
CA PHE P 322 -35.03 -12.24 5.22
C PHE P 322 -34.96 -12.14 3.70
N PHE P 323 -33.98 -12.81 3.10
CA PHE P 323 -33.79 -12.82 1.66
C PHE P 323 -34.53 -13.99 0.98
N ARG P 324 -35.57 -14.52 1.64
CA ARG P 324 -36.33 -15.62 1.07
C ARG P 324 -37.06 -15.23 -0.21
N TYR P 325 -37.24 -13.92 -0.45
CA TYR P 325 -37.91 -13.42 -1.64
C TYR P 325 -36.94 -13.03 -2.75
N MET P 326 -35.64 -12.95 -2.47
CA MET P 326 -34.69 -12.65 -3.53
C MET P 326 -34.52 -13.83 -4.47
N LYS P 327 -34.96 -15.03 -4.07
CA LYS P 327 -34.95 -16.21 -4.90
C LYS P 327 -36.19 -16.19 -5.78
N THR P 328 -36.14 -16.94 -6.88
CA THR P 328 -37.26 -16.98 -7.80
C THR P 328 -38.51 -17.50 -7.09
N PRO P 329 -39.71 -17.20 -7.63
CA PRO P 329 -40.93 -17.68 -6.97
C PRO P 329 -41.32 -19.09 -7.40
N VAL Q 247 55.57 36.50 37.80
CA VAL Q 247 55.07 35.63 38.85
C VAL Q 247 54.07 36.36 39.77
N LYS Q 248 54.06 37.70 39.71
CA LYS Q 248 53.15 38.46 40.55
C LYS Q 248 51.69 38.15 40.21
N ALA Q 249 51.41 37.91 38.93
CA ALA Q 249 50.05 37.57 38.51
C ALA Q 249 49.53 36.34 39.24
N ALA Q 250 50.34 35.28 39.29
CA ALA Q 250 49.91 34.06 39.96
C ALA Q 250 49.68 34.27 41.46
N PHE Q 251 50.45 35.17 42.08
CA PHE Q 251 50.30 35.42 43.52
C PHE Q 251 48.88 35.86 43.86
N ASP Q 252 48.37 36.90 43.19
CA ASP Q 252 47.01 37.35 43.49
C ASP Q 252 45.96 36.30 43.14
N ASP Q 253 46.23 35.49 42.11
CA ASP Q 253 45.28 34.44 41.74
C ASP Q 253 45.06 33.46 42.88
N ALA Q 254 46.13 33.12 43.62
CA ALA Q 254 45.98 32.19 44.73
C ALA Q 254 45.17 32.80 45.86
N ILE Q 255 45.34 34.10 46.11
CA ILE Q 255 44.54 34.75 47.13
C ILE Q 255 43.07 34.77 46.72
N ALA Q 256 42.83 34.94 45.41
CA ALA Q 256 41.47 34.92 44.88
C ALA Q 256 40.86 33.54 44.99
N ALA Q 257 41.69 32.49 44.91
CA ALA Q 257 41.19 31.13 45.00
C ALA Q 257 40.59 30.86 46.37
N ARG Q 258 41.31 31.22 47.44
CA ARG Q 258 40.79 31.06 48.79
C ARG Q 258 39.43 31.74 48.93
N GLU Q 259 39.31 32.97 48.43
CA GLU Q 259 38.04 33.66 48.46
C GLU Q 259 37.00 32.93 47.61
N ASN Q 260 37.43 32.36 46.49
CA ASN Q 260 36.49 31.66 45.62
C ASN Q 260 35.97 30.39 46.30
N GLU Q 261 36.77 29.78 47.17
CA GLU Q 261 36.30 28.63 47.92
C GLU Q 261 35.13 29.02 48.81
N GLN Q 262 35.28 30.13 49.55
CA GLN Q 262 34.25 30.58 50.47
C GLN Q 262 32.94 30.96 49.77
N GLN Q 263 33.01 31.50 48.56
CA GLN Q 263 31.77 31.90 47.89
C GLN Q 263 30.96 30.68 47.45
N TYR Q 264 31.63 29.70 46.83
CA TYR Q 264 30.97 28.46 46.42
C TYR Q 264 30.16 27.86 47.57
N ILE Q 265 30.72 27.90 48.79
CA ILE Q 265 30.01 27.41 49.97
C ILE Q 265 28.69 28.14 50.12
N ARG Q 266 28.72 29.48 50.04
CA ARG Q 266 27.51 30.28 50.16
C ARG Q 266 26.47 29.85 49.14
N GLU Q 267 26.89 29.62 47.90
CA GLU Q 267 25.96 29.17 46.86
C GLU Q 267 25.29 27.87 47.28
N ALA Q 268 26.10 26.89 47.71
CA ALA Q 268 25.54 25.62 48.18
C ALA Q 268 24.65 25.85 49.39
N GLU Q 269 25.08 26.71 50.32
CA GLU Q 269 24.28 27.03 51.50
C GLU Q 269 22.94 27.62 51.09
N ALA Q 270 22.97 28.62 50.19
CA ALA Q 270 21.73 29.23 49.72
C ALA Q 270 20.83 28.19 49.07
N TYR Q 271 21.42 27.31 48.25
CA TYR Q 271 20.66 26.24 47.62
C TYR Q 271 19.92 25.41 48.67
N THR Q 272 20.62 25.00 49.72
CA THR Q 272 20.01 24.22 50.78
C THR Q 272 18.92 25.02 51.48
N ASN Q 273 19.18 26.29 51.76
CA ASN Q 273 18.19 27.14 52.43
C ASN Q 273 17.06 27.56 51.51
N GLU Q 274 17.13 27.24 50.21
CA GLU Q 274 16.09 27.57 49.24
C GLU Q 274 15.33 26.35 48.74
N VAL Q 275 16.01 25.21 48.60
CA VAL Q 275 15.35 24.00 48.13
C VAL Q 275 14.57 23.35 49.26
N GLN Q 276 15.08 23.44 50.50
CA GLN Q 276 14.38 22.84 51.64
C GLN Q 276 13.03 23.50 51.89
N PRO Q 277 12.90 24.84 51.96
CA PRO Q 277 11.55 25.42 52.11
C PRO Q 277 10.62 25.00 51.00
N ARG Q 278 11.11 25.01 49.76
CA ARG Q 278 10.33 24.56 48.60
C ARG Q 278 9.74 23.18 48.86
N ALA Q 279 10.57 22.24 49.32
CA ALA Q 279 10.11 20.88 49.63
C ALA Q 279 8.96 20.91 50.63
N ASN Q 280 9.10 21.69 51.70
CA ASN Q 280 8.04 21.80 52.71
C ASN Q 280 6.74 22.24 52.07
N GLY Q 281 6.81 23.14 51.09
CA GLY Q 281 5.60 23.57 50.42
C GLY Q 281 5.02 22.48 49.55
N GLN Q 282 5.88 21.76 48.83
CA GLN Q 282 5.42 20.65 48.00
C GLN Q 282 4.82 19.53 48.84
N ALA Q 283 5.18 19.43 50.12
CA ALA Q 283 4.65 18.40 50.99
C ALA Q 283 3.21 18.70 51.37
N GLN Q 284 2.94 19.92 51.83
CA GLN Q 284 1.58 20.30 52.20
C GLN Q 284 0.62 20.23 51.02
N ARG Q 285 1.13 20.29 49.79
CA ARG Q 285 0.27 20.21 48.61
C ARG Q 285 -0.23 18.78 48.42
N ILE Q 286 0.68 17.82 48.35
CA ILE Q 286 0.30 16.42 48.17
C ILE Q 286 -0.56 15.94 49.35
N LEU Q 287 -0.24 16.41 50.55
CA LEU Q 287 -1.02 16.01 51.73
C LEU Q 287 -2.46 16.51 51.63
N GLU Q 288 -2.63 17.78 51.27
CA GLU Q 288 -3.97 18.34 51.10
C GLU Q 288 -4.73 17.58 50.02
N GLU Q 289 -4.02 17.19 48.95
CA GLU Q 289 -4.65 16.44 47.87
C GLU Q 289 -5.19 15.11 48.39
N ALA Q 290 -4.43 14.43 49.26
CA ALA Q 290 -4.90 13.17 49.81
C ALA Q 290 -6.18 13.35 50.61
N ARG Q 291 -6.22 14.39 51.45
CA ARG Q 291 -7.43 14.70 52.22
C ARG Q 291 -8.64 14.81 51.29
N ALA Q 292 -8.48 15.54 50.19
CA ALA Q 292 -9.55 15.70 49.21
C ALA Q 292 -9.99 14.35 48.66
N TYR Q 293 -9.01 13.52 48.24
CA TYR Q 293 -9.29 12.18 47.73
C TYR Q 293 -10.20 11.41 48.66
N LYS Q 294 -9.85 11.33 49.95
CA LYS Q 294 -10.66 10.64 50.93
C LYS Q 294 -12.09 11.19 50.94
N ALA Q 295 -12.22 12.50 51.12
CA ALA Q 295 -13.54 13.13 51.11
C ALA Q 295 -14.28 12.86 49.80
N GLN Q 296 -13.58 13.02 48.67
CA GLN Q 296 -14.19 12.83 47.35
C GLN Q 296 -14.80 11.44 47.19
N THR Q 297 -13.99 10.38 47.40
CA THR Q 297 -14.51 9.02 47.25
C THR Q 297 -15.67 8.77 48.21
N ILE Q 298 -15.56 9.22 49.46
CA ILE Q 298 -16.63 9.03 50.44
C ILE Q 298 -17.93 9.65 49.92
N LEU Q 299 -17.87 10.93 49.53
CA LEU Q 299 -19.06 11.61 49.02
C LEU Q 299 -19.60 10.92 47.78
N GLU Q 300 -18.71 10.56 46.84
CA GLU Q 300 -19.15 9.89 45.62
C GLU Q 300 -19.79 8.54 45.94
N ALA Q 301 -19.18 7.78 46.86
CA ALA Q 301 -19.74 6.50 47.26
C ALA Q 301 -21.16 6.66 47.78
N GLN Q 302 -21.36 7.60 48.71
CA GLN Q 302 -22.68 7.88 49.27
C GLN Q 302 -23.72 8.08 48.17
N GLY Q 303 -23.44 9.00 47.24
CA GLY Q 303 -24.36 9.26 46.14
C GLY Q 303 -24.72 8.01 45.36
N GLU Q 304 -23.70 7.25 44.94
CA GLU Q 304 -23.94 6.02 44.19
C GLU Q 304 -24.79 5.04 45.00
N VAL Q 305 -24.47 4.87 46.29
CA VAL Q 305 -25.24 4.01 47.18
C VAL Q 305 -26.71 4.39 47.14
N ALA Q 306 -27.00 5.68 47.31
CA ALA Q 306 -28.37 6.18 47.30
C ALA Q 306 -29.10 5.78 46.02
N ARG Q 307 -28.44 5.97 44.86
CA ARG Q 307 -29.06 5.58 43.60
C ARG Q 307 -29.39 4.10 43.58
N PHE Q 308 -28.45 3.27 44.04
CA PHE Q 308 -28.68 1.83 44.09
C PHE Q 308 -29.87 1.48 44.96
N ALA Q 309 -29.90 2.03 46.19
CA ALA Q 309 -31.00 1.81 47.12
C ALA Q 309 -32.36 2.04 46.49
N LYS Q 310 -32.56 3.25 45.95
CA LYS Q 310 -33.83 3.58 45.28
C LYS Q 310 -34.14 2.58 44.16
N LEU Q 311 -33.20 2.40 43.24
CA LEU Q 311 -33.37 1.49 42.10
C LEU Q 311 -33.77 0.08 42.53
N LEU Q 312 -33.16 -0.45 43.59
CA LEU Q 312 -33.36 -1.83 44.05
C LEU Q 312 -34.81 -2.28 44.18
N PRO Q 313 -35.70 -1.64 44.97
CA PRO Q 313 -37.09 -2.13 45.02
C PRO Q 313 -37.78 -2.16 43.66
N GLU Q 314 -37.54 -1.16 42.81
CA GLU Q 314 -38.12 -1.16 41.47
C GLU Q 314 -37.78 -2.45 40.73
N TYR Q 315 -36.52 -2.89 40.83
CA TYR Q 315 -36.11 -4.13 40.17
C TYR Q 315 -36.83 -5.32 40.79
N LYS Q 316 -36.89 -5.37 42.13
CA LYS Q 316 -37.58 -6.46 42.83
C LYS Q 316 -39.04 -6.59 42.42
N ALA Q 317 -39.65 -5.54 41.87
CA ALA Q 317 -41.05 -5.60 41.43
C ALA Q 317 -41.16 -6.27 40.07
N ALA Q 318 -40.36 -5.81 39.10
CA ALA Q 318 -40.36 -6.37 37.75
C ALA Q 318 -38.90 -6.58 37.36
N PRO Q 319 -38.29 -7.71 37.78
CA PRO Q 319 -36.88 -7.95 37.44
C PRO Q 319 -36.63 -8.13 35.95
N GLU Q 320 -37.45 -8.98 35.31
CA GLU Q 320 -37.28 -9.25 33.89
C GLU Q 320 -37.43 -7.99 33.05
N ILE Q 321 -38.45 -7.18 33.34
CA ILE Q 321 -38.67 -5.96 32.55
C ILE Q 321 -37.51 -4.99 32.75
N THR Q 322 -37.09 -4.79 34.00
CA THR Q 322 -35.96 -3.90 34.26
C THR Q 322 -34.68 -4.41 33.62
N ARG Q 323 -34.44 -5.73 33.73
CA ARG Q 323 -33.25 -6.34 33.15
C ARG Q 323 -33.17 -6.10 31.65
N GLU Q 324 -34.28 -6.34 30.94
CA GLU Q 324 -34.29 -6.18 29.49
C GLU Q 324 -34.04 -4.73 29.09
N ARG Q 325 -34.72 -3.78 29.75
CA ARG Q 325 -34.56 -2.37 29.42
C ARG Q 325 -33.12 -1.92 29.63
N LEU Q 326 -32.62 -2.06 30.86
CA LEU Q 326 -31.24 -1.68 31.19
C LEU Q 326 -30.24 -2.35 30.23
N TYR Q 327 -30.45 -3.63 29.95
CA TYR Q 327 -29.56 -4.38 29.06
C TYR Q 327 -29.50 -3.74 27.68
N ILE Q 328 -30.66 -3.63 27.02
CA ILE Q 328 -30.73 -3.04 25.67
C ILE Q 328 -30.12 -1.65 25.66
N GLU Q 329 -30.41 -0.83 26.67
CA GLU Q 329 -29.88 0.53 26.72
C GLU Q 329 -28.35 0.53 26.76
N THR Q 330 -27.77 -0.33 27.58
CA THR Q 330 -26.32 -0.40 27.67
C THR Q 330 -25.72 -0.95 26.38
N MET Q 331 -26.24 -2.08 25.91
CA MET Q 331 -25.75 -2.71 24.68
C MET Q 331 -25.78 -1.73 23.52
N GLU Q 332 -26.93 -1.09 23.29
CA GLU Q 332 -27.08 -0.11 22.21
C GLU Q 332 -25.94 0.92 22.19
N LYS Q 333 -25.53 1.39 23.36
CA LYS Q 333 -24.46 2.39 23.43
C LYS Q 333 -23.14 1.83 22.91
N VAL Q 334 -22.73 0.67 23.40
CA VAL Q 334 -21.46 0.08 22.98
C VAL Q 334 -21.50 -0.31 21.51
N LEU Q 335 -22.61 -0.90 21.05
CA LEU Q 335 -22.71 -1.32 19.66
C LEU Q 335 -22.64 -0.13 18.71
N GLY Q 336 -23.10 1.04 19.14
CA GLY Q 336 -23.06 2.21 18.29
C GLY Q 336 -21.79 3.03 18.39
N ASN Q 337 -20.83 2.59 19.20
CA ASN Q 337 -19.55 3.26 19.35
C ASN Q 337 -18.37 2.38 18.91
N THR Q 338 -18.64 1.27 18.22
CA THR Q 338 -17.60 0.36 17.78
C THR Q 338 -17.91 -0.12 16.36
N ARG Q 339 -16.86 -0.55 15.66
CA ARG Q 339 -16.95 -1.05 14.30
C ARG Q 339 -17.27 -2.54 14.36
N LYS Q 340 -18.55 -2.87 14.18
CA LYS Q 340 -18.99 -4.26 14.24
C LYS Q 340 -18.81 -4.94 12.88
N VAL Q 341 -18.84 -6.28 12.91
CA VAL Q 341 -18.65 -7.11 11.71
C VAL Q 341 -19.85 -8.01 11.45
N LEU Q 342 -20.21 -8.85 12.43
CA LEU Q 342 -21.37 -9.74 12.33
C LEU Q 342 -21.17 -10.84 11.27
N VAL Q 343 -19.98 -11.43 11.22
CA VAL Q 343 -19.69 -12.51 10.27
C VAL Q 343 -20.12 -13.83 10.90
N ASN Q 344 -20.73 -14.68 10.08
CA ASN Q 344 -21.23 -15.97 10.51
C ASN Q 344 -20.13 -16.84 11.10
N ASP Q 345 -20.53 -17.73 12.02
CA ASP Q 345 -19.68 -18.69 12.71
C ASP Q 345 -18.67 -19.38 11.81
N LYS Q 346 -19.09 -19.72 10.58
CA LYS Q 346 -18.23 -20.39 9.60
C LYS Q 346 -16.87 -19.72 9.49
N GLY Q 347 -16.85 -18.43 9.16
CA GLY Q 347 -15.64 -17.61 9.07
C GLY Q 347 -14.62 -17.89 10.16
N GLY Q 348 -13.39 -18.21 9.77
CA GLY Q 348 -12.34 -18.59 10.71
C GLY Q 348 -11.20 -17.60 10.89
N ASN Q 349 -10.05 -17.90 10.27
CA ASN Q 349 -8.86 -17.06 10.42
C ASN Q 349 -9.13 -15.61 10.03
N LEU Q 350 -8.50 -14.69 10.78
CA LEU Q 350 -8.63 -13.26 10.57
C LEU Q 350 -7.28 -12.60 10.80
N MET Q 351 -7.23 -11.28 10.62
CA MET Q 351 -6.03 -10.48 10.83
C MET Q 351 -6.44 -9.19 11.54
N VAL Q 352 -5.74 -8.86 12.61
CA VAL Q 352 -6.07 -7.69 13.42
C VAL Q 352 -5.66 -6.37 12.76
N LEU Q 353 -4.53 -6.32 12.06
CA LEU Q 353 -4.03 -5.12 11.42
C LEU Q 353 -3.88 -3.96 12.43
N PRO Q 354 -3.04 -4.13 13.45
CA PRO Q 354 -2.84 -3.07 14.44
C PRO Q 354 -1.82 -2.05 13.94
N LEU Q 355 -2.25 -0.80 13.80
CA LEU Q 355 -1.36 0.25 13.32
C LEU Q 355 -0.27 0.52 14.35
N GLU R 221 65.23 32.74 33.20
CA GLU R 221 63.81 32.77 32.85
C GLU R 221 63.11 31.48 33.31
N ALA R 222 63.86 30.37 33.33
CA ALA R 222 63.30 29.10 33.75
C ALA R 222 62.84 29.15 35.20
N ILE R 223 63.61 29.81 36.07
CA ILE R 223 63.25 29.91 37.48
C ILE R 223 61.89 30.57 37.63
N TYR R 224 61.68 31.71 36.97
CA TYR R 224 60.39 32.39 37.04
C TYR R 224 59.27 31.51 36.52
N ASN R 225 59.52 30.83 35.39
CA ASN R 225 58.53 29.93 34.82
C ASN R 225 58.20 28.80 35.78
N ARG R 226 59.20 28.23 36.43
CA ARG R 226 58.98 27.14 37.36
C ARG R 226 58.21 27.61 38.58
N MET R 227 58.51 28.82 39.09
CA MET R 227 57.80 29.33 40.25
C MET R 227 56.32 29.56 39.93
N ARG R 228 56.04 30.06 38.72
CA ARG R 228 54.66 30.28 38.30
C ARG R 228 53.86 28.98 38.32
N ALA R 229 54.46 27.88 37.84
CA ALA R 229 53.74 26.61 37.76
C ALA R 229 53.34 26.10 39.13
N GLU R 230 54.22 26.22 40.13
CA GLU R 230 53.87 25.73 41.46
C GLU R 230 52.86 26.64 42.14
N ARG R 231 52.90 27.95 41.85
CA ARG R 231 51.93 28.86 42.46
C ARG R 231 50.51 28.56 41.99
N GLU R 232 50.35 28.18 40.72
CA GLU R 232 49.02 27.87 40.20
C GLU R 232 48.46 26.60 40.80
N ALA R 233 49.32 25.65 41.19
CA ALA R 233 48.83 24.41 41.77
C ALA R 233 48.07 24.67 43.07
N VAL R 234 48.57 25.60 43.89
CA VAL R 234 47.89 25.94 45.13
C VAL R 234 46.51 26.51 44.82
N ALA R 235 46.42 27.34 43.78
CA ALA R 235 45.14 27.93 43.38
C ALA R 235 44.13 26.85 43.00
N ARG R 236 44.58 25.83 42.25
CA ARG R 236 43.68 24.76 41.84
C ARG R 236 43.18 23.97 43.05
N ARG R 237 44.08 23.67 43.99
CA ARG R 237 43.70 22.96 45.21
C ARG R 237 42.54 23.65 45.91
N HIS R 238 42.68 24.96 46.13
CA HIS R 238 41.62 25.76 46.73
C HIS R 238 40.31 25.60 45.96
N ARG R 239 40.36 25.81 44.63
CA ARG R 239 39.19 25.63 43.78
C ARG R 239 38.59 24.24 43.96
N SER R 240 39.45 23.22 43.86
CA SER R 240 39.04 21.82 44.04
C SER R 240 38.27 21.66 45.35
N GLN R 241 38.91 22.05 46.46
CA GLN R 241 38.29 22.00 47.79
C GLN R 241 36.91 22.64 47.77
N GLY R 242 36.84 23.91 47.35
CA GLY R 242 35.55 24.60 47.26
C GLY R 242 34.54 23.85 46.43
N GLN R 243 34.93 23.46 45.22
CA GLN R 243 34.05 22.67 44.36
C GLN R 243 33.63 21.38 45.05
N GLU R 244 34.60 20.69 45.66
CA GLU R 244 34.29 19.45 46.38
C GLU R 244 33.32 19.72 47.52
N GLU R 245 33.59 20.77 48.31
CA GLU R 245 32.70 21.12 49.42
C GLU R 245 31.30 21.45 48.93
N ALA R 246 31.21 22.25 47.85
CA ALA R 246 29.90 22.60 47.29
C ALA R 246 29.13 21.36 46.88
N GLU R 247 29.78 20.44 46.17
CA GLU R 247 29.13 19.20 45.75
C GLU R 247 28.62 18.42 46.96
N LYS R 248 29.48 18.24 47.97
CA LYS R 248 29.09 17.53 49.18
C LYS R 248 27.87 18.19 49.84
N LEU R 249 27.90 19.52 49.97
CA LEU R 249 26.79 20.25 50.57
C LEU R 249 25.51 20.02 49.80
N ARG R 250 25.56 20.17 48.48
CA ARG R 250 24.37 19.94 47.66
C ARG R 250 23.89 18.50 47.76
N ALA R 251 24.83 17.55 47.86
CA ALA R 251 24.47 16.14 47.95
C ALA R 251 23.67 15.86 49.22
N THR R 252 24.19 16.30 50.37
CA THR R 252 23.47 16.06 51.63
C THR R 252 22.14 16.79 51.65
N ALA R 253 22.08 17.99 51.07
CA ALA R 253 20.83 18.74 51.04
C ALA R 253 19.78 18.00 50.21
N ASP R 254 20.19 17.42 49.08
CA ASP R 254 19.25 16.67 48.25
C ASP R 254 18.67 15.48 49.03
N TYR R 255 19.52 14.78 49.77
CA TYR R 255 19.07 13.65 50.59
C TYR R 255 17.98 14.10 51.57
N GLU R 256 18.24 15.20 52.28
CA GLU R 256 17.25 15.72 53.23
C GLU R 256 15.93 16.05 52.54
N VAL R 257 16.00 16.69 51.37
CA VAL R 257 14.79 17.07 50.64
C VAL R 257 14.02 15.81 50.24
N THR R 258 14.73 14.80 49.73
CA THR R 258 14.09 13.54 49.36
C THR R 258 13.37 12.93 50.56
N ARG R 259 14.01 12.95 51.73
CA ARG R 259 13.41 12.40 52.94
C ARG R 259 12.11 13.12 53.28
N THR R 260 12.13 14.45 53.28
CA THR R 260 10.94 15.22 53.62
C THR R 260 9.80 14.93 52.65
N LEU R 261 10.11 14.82 51.35
CA LEU R 261 9.06 14.54 50.37
C LEU R 261 8.55 13.12 50.52
N ALA R 262 9.43 12.17 50.82
CA ALA R 262 9.00 10.79 51.01
C ALA R 262 8.08 10.67 52.22
N GLU R 263 8.46 11.30 53.33
CA GLU R 263 7.63 11.29 54.54
C GLU R 263 6.23 11.80 54.25
N ALA R 264 6.14 12.93 53.53
CA ALA R 264 4.84 13.50 53.19
C ALA R 264 4.02 12.54 52.34
N GLU R 265 4.68 11.85 51.40
CA GLU R 265 3.95 10.91 50.54
C GLU R 265 3.44 9.72 51.34
N ARG R 266 4.13 9.32 52.41
CA ARG R 266 3.67 8.20 53.20
C ARG R 266 2.39 8.56 53.96
N GLN R 267 2.31 9.79 54.47
CA GLN R 267 1.12 10.23 55.18
C GLN R 267 -0.10 10.24 54.25
N GLY R 268 0.11 10.66 52.99
CA GLY R 268 -0.99 10.70 52.05
C GLY R 268 -1.62 9.34 51.80
N ARG R 269 -0.78 8.31 51.67
CA ARG R 269 -1.27 6.95 51.47
C ARG R 269 -2.24 6.55 52.58
N ILE R 270 -1.86 6.82 53.83
CA ILE R 270 -2.73 6.52 54.98
C ILE R 270 -4.09 7.17 54.79
N MET R 271 -4.10 8.46 54.44
CA MET R 271 -5.35 9.18 54.22
C MET R 271 -6.15 8.51 53.10
N ARG R 272 -5.49 8.15 52.00
CA ARG R 272 -6.18 7.50 50.90
C ARG R 272 -6.77 6.15 51.33
N GLY R 273 -6.03 5.42 52.18
CA GLY R 273 -6.52 4.14 52.65
C GLY R 273 -7.80 4.25 53.45
N GLU R 274 -7.86 5.25 54.34
CA GLU R 274 -9.06 5.47 55.14
C GLU R 274 -10.29 5.64 54.25
N GLY R 275 -10.19 6.49 53.23
CA GLY R 275 -11.30 6.66 52.30
C GLY R 275 -11.71 5.35 51.65
N ASP R 276 -10.72 4.60 51.15
CA ASP R 276 -11.00 3.30 50.54
C ASP R 276 -11.73 2.38 51.50
N ALA R 277 -11.20 2.23 52.71
CA ALA R 277 -11.83 1.39 53.72
C ALA R 277 -13.26 1.84 54.00
N GLU R 278 -13.46 3.15 54.22
CA GLU R 278 -14.80 3.67 54.46
C GLU R 278 -15.68 3.46 53.24
N ALA R 279 -15.16 3.75 52.05
CA ALA R 279 -15.92 3.57 50.82
C ALA R 279 -16.34 2.11 50.67
N ALA R 280 -15.43 1.18 50.96
CA ALA R 280 -15.74 -0.25 50.86
C ALA R 280 -16.90 -0.62 51.75
N LYS R 281 -16.80 -0.26 53.04
CA LYS R 281 -17.86 -0.50 54.03
C LYS R 281 -19.22 -0.11 53.47
N LEU R 282 -19.38 1.16 53.08
CA LEU R 282 -20.62 1.66 52.49
C LEU R 282 -21.10 0.75 51.36
N PHE R 283 -20.26 0.57 50.34
CA PHE R 283 -20.58 -0.29 49.20
C PHE R 283 -21.03 -1.68 49.66
N ALA R 284 -20.26 -2.32 50.53
CA ALA R 284 -20.60 -3.66 51.00
C ALA R 284 -21.98 -3.69 51.63
N ASP R 285 -22.20 -2.85 52.65
CA ASP R 285 -23.50 -2.77 53.30
C ASP R 285 -24.61 -2.49 52.29
N ALA R 286 -24.43 -1.45 51.48
CA ALA R 286 -25.41 -1.09 50.46
C ALA R 286 -25.68 -2.24 49.49
N PHE R 287 -24.62 -2.91 49.03
CA PHE R 287 -24.74 -4.00 48.07
C PHE R 287 -24.95 -5.36 48.72
N SER R 288 -24.86 -5.46 50.05
CA SER R 288 -25.08 -6.73 50.76
C SER R 288 -26.52 -7.25 50.64
N LYS R 289 -27.43 -6.51 50.00
CA LYS R 289 -28.81 -6.95 49.85
C LYS R 289 -28.98 -7.87 48.65
N ASP R 290 -28.37 -7.51 47.51
CA ASP R 290 -28.45 -8.30 46.29
C ASP R 290 -27.14 -8.11 45.53
N PRO R 291 -26.20 -9.08 45.61
CA PRO R 291 -24.93 -8.92 44.88
C PRO R 291 -25.07 -9.13 43.39
N ASP R 292 -25.98 -10.04 42.98
CA ASP R 292 -26.16 -10.32 41.57
C ASP R 292 -26.64 -9.08 40.81
N PHE R 293 -27.58 -8.34 41.39
CA PHE R 293 -28.05 -7.12 40.73
C PHE R 293 -26.93 -6.09 40.64
N TYR R 294 -26.10 -6.00 41.68
CA TYR R 294 -24.98 -5.06 41.66
C TYR R 294 -24.01 -5.38 40.54
N ALA R 295 -23.70 -6.67 40.36
CA ALA R 295 -22.78 -7.08 39.30
C ALA R 295 -23.32 -6.69 37.94
N PHE R 296 -24.63 -6.89 37.73
CA PHE R 296 -25.26 -6.54 36.46
C PHE R 296 -25.10 -5.06 36.16
N ILE R 297 -25.62 -4.20 37.04
CA ILE R 297 -25.51 -2.75 36.86
C ILE R 297 -24.05 -2.34 36.74
N ARG R 298 -23.20 -2.84 37.64
CA ARG R 298 -21.78 -2.50 37.61
C ARG R 298 -21.12 -2.97 36.32
N SER R 299 -21.44 -4.18 35.87
CA SER R 299 -20.82 -4.69 34.65
C SER R 299 -21.33 -3.96 33.42
N LEU R 300 -22.60 -3.53 33.42
CA LEU R 300 -23.13 -2.78 32.29
C LEU R 300 -22.41 -1.44 32.17
N ARG R 301 -22.27 -0.73 33.29
CA ARG R 301 -21.57 0.55 33.29
C ARG R 301 -20.13 0.39 32.84
N ALA R 302 -19.46 -0.66 33.32
CA ALA R 302 -18.07 -0.91 32.95
C ALA R 302 -17.91 -1.02 31.43
N TYR R 303 -18.79 -1.79 30.78
CA TYR R 303 -18.73 -1.94 29.33
C TYR R 303 -18.82 -0.59 28.63
N GLU R 304 -19.78 0.24 29.06
CA GLU R 304 -19.94 1.58 28.48
C GLU R 304 -18.65 2.39 28.55
N ASN R 305 -17.99 2.37 29.71
CA ASN R 305 -16.77 3.13 29.91
C ASN R 305 -15.53 2.44 29.34
N SER R 306 -15.62 1.16 28.98
CA SER R 306 -14.50 0.43 28.41
C SER R 306 -14.48 0.53 26.89
N PHE R 307 -15.65 0.39 26.25
CA PHE R 307 -15.78 0.50 24.81
C PHE R 307 -16.21 1.90 24.38
N SER R 308 -16.03 2.90 25.24
CA SER R 308 -16.41 4.28 24.93
C SER R 308 -15.79 4.75 23.62
N GLY R 309 -14.49 4.56 23.46
CA GLY R 309 -13.83 4.99 22.24
C GLY R 309 -14.19 4.08 21.07
N ASN R 310 -13.73 4.51 19.89
CA ASN R 310 -13.97 3.77 18.65
C ASN R 310 -12.77 2.91 18.24
N GLN R 311 -11.80 2.70 19.14
CA GLN R 311 -10.63 1.89 18.82
C GLN R 311 -10.89 0.45 19.26
N ASP R 312 -11.79 -0.21 18.52
CA ASP R 312 -12.13 -1.59 18.82
C ASP R 312 -12.99 -2.14 17.70
N VAL R 313 -12.86 -3.45 17.48
CA VAL R 313 -13.62 -4.18 16.47
C VAL R 313 -14.33 -5.31 17.20
N MET R 314 -15.66 -5.28 17.19
CA MET R 314 -16.49 -6.28 17.87
C MET R 314 -17.07 -7.21 16.81
N VAL R 315 -16.44 -8.37 16.61
CA VAL R 315 -16.87 -9.33 15.60
C VAL R 315 -17.89 -10.25 16.26
N MET R 316 -19.15 -9.82 16.25
CA MET R 316 -20.26 -10.59 16.77
C MET R 316 -20.74 -11.54 15.66
N SER R 317 -21.87 -12.20 15.88
CA SER R 317 -22.46 -13.10 14.91
C SER R 317 -23.96 -12.83 14.84
N PRO R 318 -24.63 -13.21 13.73
CA PRO R 318 -26.08 -12.98 13.65
C PRO R 318 -26.85 -13.97 14.52
N ASP R 319 -26.27 -15.14 14.76
CA ASP R 319 -26.88 -16.17 15.59
C ASP R 319 -26.87 -15.82 17.08
N SER R 320 -26.24 -14.71 17.48
CA SER R 320 -26.18 -14.33 18.87
C SER R 320 -27.57 -14.10 19.45
N ASP R 321 -27.65 -14.25 20.78
CA ASP R 321 -28.93 -14.10 21.47
C ASP R 321 -29.44 -12.67 21.41
N PHE R 322 -28.55 -11.67 21.44
CA PHE R 322 -28.99 -10.29 21.36
C PHE R 322 -29.68 -10.01 20.04
N PHE R 323 -29.20 -10.62 18.96
CA PHE R 323 -29.74 -10.44 17.62
C PHE R 323 -30.80 -11.47 17.28
N ARG R 324 -31.47 -12.02 18.30
CA ARG R 324 -32.52 -13.00 18.08
C ARG R 324 -33.77 -12.40 17.46
N TYR R 325 -33.88 -11.08 17.38
CA TYR R 325 -35.03 -10.42 16.78
C TYR R 325 -34.74 -9.91 15.36
N MET R 326 -33.50 -10.05 14.88
CA MET R 326 -33.18 -9.70 13.51
C MET R 326 -33.34 -10.93 12.62
N LYS R 327 -34.53 -11.51 12.71
CA LYS R 327 -34.91 -12.73 12.01
C LYS R 327 -36.41 -12.63 11.76
N THR R 328 -36.85 -13.11 10.58
CA THR R 328 -38.24 -13.09 10.16
C THR R 328 -39.18 -13.51 11.29
N PRO R 329 -40.26 -12.75 11.58
CA PRO R 329 -41.12 -13.22 12.68
C PRO R 329 -41.82 -14.54 12.38
N ASP S 253 69.88 24.26 22.14
CA ASP S 253 68.59 23.69 21.80
C ASP S 253 68.19 22.58 22.77
N ALA S 254 69.18 21.88 23.30
CA ALA S 254 68.89 20.80 24.24
C ALA S 254 68.40 21.33 25.58
N ILE S 255 68.81 22.54 25.96
CA ILE S 255 68.36 23.12 27.22
C ILE S 255 66.86 23.37 27.17
N ALA S 256 66.37 23.87 26.04
CA ALA S 256 64.94 24.14 25.90
C ALA S 256 64.12 22.86 26.04
N ALA S 257 64.65 21.75 25.54
CA ALA S 257 63.94 20.47 25.64
C ALA S 257 63.80 20.04 27.10
N ARG S 258 64.82 20.30 27.91
CA ARG S 258 64.76 19.92 29.32
C ARG S 258 63.67 20.69 30.05
N GLU S 259 63.46 21.95 29.66
CA GLU S 259 62.41 22.76 30.27
C GLU S 259 61.05 22.15 30.00
N ASN S 260 60.85 21.59 28.80
CA ASN S 260 59.58 20.96 28.46
C ASN S 260 59.30 19.78 29.36
N GLU S 261 60.33 19.00 29.69
CA GLU S 261 60.15 17.86 30.58
C GLU S 261 59.55 18.30 31.92
N GLN S 262 60.19 19.28 32.56
CA GLN S 262 59.67 19.82 33.81
C GLN S 262 58.25 20.34 33.63
N GLN S 263 58.01 21.08 32.54
CA GLN S 263 56.68 21.61 32.23
C GLN S 263 55.65 20.50 32.19
N TYR S 264 55.87 19.49 31.32
CA TYR S 264 54.95 18.37 31.21
C TYR S 264 54.73 17.70 32.56
N ILE S 265 55.82 17.38 33.27
CA ILE S 265 55.74 16.78 34.60
C ILE S 265 54.82 17.60 35.49
N ARG S 266 55.14 18.89 35.65
CA ARG S 266 54.32 19.78 36.47
C ARG S 266 52.90 19.88 35.90
N GLU S 267 52.79 19.96 34.57
CA GLU S 267 51.48 20.04 33.92
C GLU S 267 50.63 18.83 34.28
N ALA S 268 51.19 17.62 34.10
CA ALA S 268 50.43 16.42 34.41
C ALA S 268 50.24 16.26 35.92
N GLU S 269 51.20 16.74 36.71
CA GLU S 269 51.08 16.68 38.17
C GLU S 269 49.84 17.43 38.62
N ALA S 270 49.64 18.65 38.09
CA ALA S 270 48.47 19.44 38.42
C ALA S 270 47.19 18.72 38.01
N TYR S 271 47.19 18.12 36.82
CA TYR S 271 46.01 17.39 36.33
C TYR S 271 45.65 16.27 37.29
N THR S 272 46.62 15.45 37.69
CA THR S 272 46.36 14.38 38.65
C THR S 272 45.78 14.94 39.94
N ASN S 273 46.45 15.95 40.50
CA ASN S 273 45.97 16.61 41.70
C ASN S 273 44.52 17.07 41.55
N GLU S 274 44.20 17.71 40.42
CA GLU S 274 42.86 18.22 40.15
C GLU S 274 41.79 17.14 40.27
N VAL S 275 41.93 16.05 39.50
CA VAL S 275 40.92 14.99 39.46
C VAL S 275 40.65 14.40 40.86
N GLN S 276 41.71 14.21 41.67
CA GLN S 276 41.58 13.59 43.00
C GLN S 276 40.43 14.16 43.84
N PRO S 277 40.38 15.46 44.21
CA PRO S 277 39.19 15.91 44.95
C PRO S 277 37.92 15.86 44.12
N ARG S 278 38.03 16.01 42.79
CA ARG S 278 36.86 15.94 41.92
C ARG S 278 36.11 14.64 42.12
N ALA S 279 36.83 13.52 42.14
CA ALA S 279 36.18 12.22 42.31
C ALA S 279 35.61 12.07 43.71
N ASN S 280 36.32 12.61 44.72
CA ASN S 280 35.84 12.55 46.10
C ASN S 280 34.42 13.10 46.22
N GLY S 281 34.19 14.30 45.70
CA GLY S 281 32.85 14.88 45.71
C GLY S 281 31.84 13.97 45.03
N GLN S 282 32.20 13.48 43.84
CA GLN S 282 31.34 12.54 43.12
C GLN S 282 31.07 11.31 43.97
N ALA S 283 32.12 10.76 44.58
CA ALA S 283 31.98 9.56 45.41
C ALA S 283 31.05 9.83 46.59
N GLN S 284 31.21 10.97 47.27
CA GLN S 284 30.34 11.30 48.38
C GLN S 284 28.90 11.51 47.89
N ARG S 285 28.73 12.18 46.75
CA ARG S 285 27.40 12.39 46.19
C ARG S 285 26.69 11.08 45.93
N ILE S 286 27.39 10.15 45.25
CA ILE S 286 26.84 8.81 44.97
C ILE S 286 26.28 8.19 46.24
N LEU S 287 27.07 8.22 47.31
CA LEU S 287 26.63 7.67 48.60
C LEU S 287 25.33 8.33 49.06
N GLU S 288 25.33 9.66 49.15
CA GLU S 288 24.15 10.42 49.54
C GLU S 288 22.91 9.99 48.74
N GLU S 289 23.06 9.83 47.42
CA GLU S 289 21.95 9.39 46.58
C GLU S 289 21.45 8.03 47.05
N ALA S 290 22.36 7.09 47.29
CA ALA S 290 21.99 5.76 47.77
C ALA S 290 21.22 5.86 49.09
N ARG S 291 21.72 6.67 50.02
CA ARG S 291 21.05 6.84 51.31
C ARG S 291 19.62 7.33 51.12
N ALA S 292 19.42 8.30 50.22
CA ALA S 292 18.09 8.83 49.97
C ALA S 292 17.14 7.72 49.50
N TYR S 293 17.59 6.91 48.55
CA TYR S 293 16.80 5.78 48.07
C TYR S 293 16.36 4.88 49.23
N LYS S 294 17.31 4.53 50.09
CA LYS S 294 17.00 3.70 51.26
C LYS S 294 15.87 4.30 52.09
N ALA S 295 16.01 5.58 52.46
CA ALA S 295 14.99 6.26 53.24
C ALA S 295 13.63 6.20 52.55
N GLN S 296 13.58 6.53 51.27
CA GLN S 296 12.33 6.50 50.52
C GLN S 296 11.70 5.12 50.53
N THR S 297 12.50 4.09 50.21
CA THR S 297 12.03 2.71 50.21
C THR S 297 11.33 2.35 51.53
N ILE S 298 12.04 2.54 52.64
CA ILE S 298 11.47 2.25 53.96
C ILE S 298 10.16 3.00 54.17
N LEU S 299 10.16 4.31 53.87
CA LEU S 299 8.97 5.12 54.05
C LEU S 299 7.82 4.62 53.18
N GLU S 300 8.09 4.33 51.91
CA GLU S 300 7.05 3.83 51.01
C GLU S 300 6.44 2.54 51.54
N ALA S 301 7.29 1.63 52.03
CA ALA S 301 6.82 0.37 52.60
C ALA S 301 5.76 0.61 53.68
N GLN S 302 6.13 1.40 54.69
CA GLN S 302 5.24 1.76 55.80
C GLN S 302 3.87 2.18 55.30
N GLY S 303 3.83 3.20 54.44
CA GLY S 303 2.56 3.69 53.90
C GLY S 303 1.73 2.61 53.25
N GLU S 304 2.34 1.84 52.34
CA GLU S 304 1.63 0.75 51.69
C GLU S 304 1.07 -0.23 52.72
N VAL S 305 1.92 -0.66 53.67
CA VAL S 305 1.49 -1.55 54.74
C VAL S 305 0.29 -0.96 55.47
N ALA S 306 0.43 0.31 55.90
CA ALA S 306 -0.65 1.00 56.61
C ALA S 306 -1.94 0.97 55.81
N ARG S 307 -1.88 1.40 54.54
CA ARG S 307 -3.06 1.41 53.68
C ARG S 307 -3.66 0.01 53.58
N PHE S 308 -2.82 -0.99 53.35
CA PHE S 308 -3.28 -2.38 53.26
C PHE S 308 -4.00 -2.79 54.53
N ALA S 309 -3.34 -2.61 55.68
CA ALA S 309 -3.89 -2.95 56.99
C ALA S 309 -5.35 -2.52 57.16
N LYS S 310 -5.61 -1.21 57.03
CA LYS S 310 -6.96 -0.68 57.15
C LYS S 310 -7.96 -1.41 56.24
N LEU S 311 -7.62 -1.51 54.95
CA LEU S 311 -8.46 -2.20 53.97
C LEU S 311 -8.91 -3.59 54.42
N LEU S 312 -7.96 -4.40 54.90
CA LEU S 312 -8.16 -5.80 55.28
C LEU S 312 -9.43 -6.11 56.10
N PRO S 313 -9.65 -5.51 57.29
CA PRO S 313 -10.90 -5.84 58.01
C PRO S 313 -12.17 -5.62 57.22
N GLU S 314 -12.24 -4.57 56.39
CA GLU S 314 -13.41 -4.35 55.55
C GLU S 314 -13.69 -5.57 54.68
N TYR S 315 -12.67 -6.06 53.99
CA TYR S 315 -12.80 -7.24 53.13
C TYR S 315 -13.33 -8.44 53.90
N LYS S 316 -12.83 -8.64 55.13
CA LYS S 316 -13.28 -9.75 55.97
C LYS S 316 -14.79 -9.80 56.14
N ALA S 317 -15.46 -8.64 56.04
CA ALA S 317 -16.91 -8.60 56.22
C ALA S 317 -17.63 -9.07 54.96
N ALA S 318 -17.25 -8.54 53.80
CA ALA S 318 -17.86 -8.90 52.51
C ALA S 318 -16.75 -9.23 51.53
N PRO S 319 -16.25 -10.47 51.52
CA PRO S 319 -15.19 -10.81 50.56
C PRO S 319 -15.70 -10.90 49.13
N GLU S 320 -16.87 -11.50 48.92
CA GLU S 320 -17.40 -11.65 47.57
C GLU S 320 -17.66 -10.30 46.92
N ILE S 321 -18.38 -9.42 47.62
CA ILE S 321 -18.70 -8.11 47.05
C ILE S 321 -17.42 -7.30 46.84
N THR S 322 -16.49 -7.35 47.80
CA THR S 322 -15.25 -6.60 47.67
C THR S 322 -14.44 -7.08 46.47
N ARG S 323 -14.33 -8.40 46.31
CA ARG S 323 -13.60 -8.95 45.17
C ARG S 323 -14.23 -8.53 43.84
N GLU S 324 -15.56 -8.57 43.77
CA GLU S 324 -16.28 -8.20 42.56
C GLU S 324 -16.00 -6.76 42.17
N ARG S 325 -16.35 -5.83 43.06
CA ARG S 325 -16.15 -4.40 42.83
C ARG S 325 -14.72 -4.08 42.37
N LEU S 326 -13.73 -4.49 43.16
CA LEU S 326 -12.34 -4.23 42.80
C LEU S 326 -11.98 -4.87 41.46
N TYR S 327 -12.50 -6.07 41.19
CA TYR S 327 -12.20 -6.73 39.92
C TYR S 327 -12.77 -5.96 38.74
N ILE S 328 -14.03 -5.54 38.84
CA ILE S 328 -14.66 -4.78 37.76
C ILE S 328 -13.94 -3.44 37.56
N GLU S 329 -13.54 -2.79 38.66
CA GLU S 329 -12.86 -1.51 38.57
C GLU S 329 -11.55 -1.64 37.79
N THR S 330 -10.71 -2.60 38.16
CA THR S 330 -9.44 -2.79 37.49
C THR S 330 -9.63 -3.11 36.02
N MET S 331 -10.34 -4.19 35.71
CA MET S 331 -10.64 -4.61 34.34
C MET S 331 -11.08 -3.44 33.47
N GLU S 332 -12.13 -2.73 33.91
CA GLU S 332 -12.64 -1.55 33.22
C GLU S 332 -11.53 -0.59 32.83
N LYS S 333 -10.58 -0.34 33.73
CA LYS S 333 -9.49 0.59 33.44
C LYS S 333 -8.58 0.05 32.34
N VAL S 334 -8.05 -1.16 32.53
CA VAL S 334 -7.17 -1.76 31.53
C VAL S 334 -7.90 -1.97 30.21
N LEU S 335 -9.11 -2.52 30.27
CA LEU S 335 -9.89 -2.75 29.06
C LEU S 335 -10.15 -1.45 28.32
N GLY S 336 -10.43 -0.38 29.06
CA GLY S 336 -10.71 0.91 28.43
C GLY S 336 -9.55 1.47 27.65
N ASN S 337 -8.31 1.08 27.99
CA ASN S 337 -7.13 1.59 27.31
C ASN S 337 -6.69 0.69 26.16
N THR S 338 -6.56 -0.61 26.41
CA THR S 338 -6.12 -1.54 25.38
C THR S 338 -7.22 -1.83 24.36
N ARG S 339 -6.81 -2.02 23.11
CA ARG S 339 -7.73 -2.37 22.04
C ARG S 339 -8.32 -3.75 22.32
N LYS S 340 -9.60 -3.91 22.02
CA LYS S 340 -10.30 -5.18 22.25
C LYS S 340 -10.83 -5.74 20.94
N VAL S 341 -11.13 -7.05 20.96
CA VAL S 341 -11.61 -7.78 19.80
C VAL S 341 -12.98 -8.42 20.08
N LEU S 342 -13.04 -9.28 21.09
CA LEU S 342 -14.30 -9.98 21.44
C LEU S 342 -14.81 -10.80 20.27
N VAL S 343 -13.99 -11.75 19.83
CA VAL S 343 -14.28 -12.65 18.72
C VAL S 343 -14.22 -14.09 19.20
N ASN S 344 -15.10 -14.91 18.61
CA ASN S 344 -15.22 -16.33 18.91
C ASN S 344 -13.87 -17.05 18.94
N ASP S 345 -13.56 -17.65 20.09
CA ASP S 345 -12.30 -18.37 20.26
C ASP S 345 -12.19 -19.61 19.38
N LYS S 346 -13.33 -20.15 18.93
CA LYS S 346 -13.33 -21.33 18.06
C LYS S 346 -12.42 -21.13 16.86
N GLY S 347 -12.40 -19.93 16.30
CA GLY S 347 -11.56 -19.60 15.17
C GLY S 347 -10.17 -19.26 15.68
N GLY S 348 -9.44 -20.30 16.09
CA GLY S 348 -8.12 -20.13 16.66
C GLY S 348 -7.01 -19.98 15.65
N ASN S 349 -7.15 -19.00 14.77
CA ASN S 349 -6.18 -18.66 13.76
C ASN S 349 -6.21 -17.14 13.65
N LEU S 350 -5.04 -16.52 13.72
CA LEU S 350 -4.97 -15.06 13.72
C LEU S 350 -3.56 -14.62 13.35
N MET S 351 -3.46 -13.39 12.87
CA MET S 351 -2.20 -12.78 12.50
C MET S 351 -2.07 -11.49 13.32
N VAL S 352 -0.86 -11.18 13.77
CA VAL S 352 -0.65 -10.02 14.63
C VAL S 352 -0.23 -8.77 13.85
N LEU S 353 0.50 -8.95 12.73
CA LEU S 353 0.94 -7.85 11.88
C LEU S 353 1.55 -6.68 12.67
N PRO S 354 2.63 -6.92 13.41
CA PRO S 354 3.21 -5.86 14.24
C PRO S 354 4.05 -4.90 13.41
N LEU S 355 4.62 -3.92 14.11
CA LEU S 355 5.45 -2.89 13.49
C LEU S 355 6.81 -2.82 14.18
N ALA T 229 73.15 17.42 14.48
CA ALA T 229 72.81 16.01 14.31
C ALA T 229 72.71 15.32 15.66
N GLU T 230 73.85 15.19 16.34
CA GLU T 230 73.86 14.54 17.66
C GLU T 230 73.06 15.35 18.67
N ARG T 231 73.22 16.67 18.66
CA ARG T 231 72.46 17.52 19.60
C ARG T 231 70.97 17.42 19.32
N GLU T 232 70.60 17.36 18.04
CA GLU T 232 69.18 17.25 17.67
C GLU T 232 68.56 15.99 18.27
N ALA T 233 69.28 14.86 18.18
CA ALA T 233 68.78 13.61 18.74
C ALA T 233 68.53 13.73 20.24
N VAL T 234 69.40 14.44 20.95
CA VAL T 234 69.23 14.59 22.40
C VAL T 234 67.98 15.41 22.69
N ALA T 235 67.63 16.37 21.84
CA ALA T 235 66.42 17.15 22.04
C ALA T 235 65.20 16.25 21.96
N ARG T 236 65.15 15.40 20.92
CA ARG T 236 64.06 14.45 20.75
C ARG T 236 63.91 13.57 21.99
N ARG T 237 65.03 13.05 22.49
CA ARG T 237 65.01 12.19 23.68
C ARG T 237 64.32 12.87 24.86
N HIS T 238 64.76 14.09 25.20
CA HIS T 238 64.17 14.82 26.31
C HIS T 238 62.67 14.97 26.14
N ARG T 239 62.23 15.52 25.01
CA ARG T 239 60.81 15.67 24.71
C ARG T 239 60.05 14.37 24.92
N SER T 240 60.47 13.32 24.19
CA SER T 240 59.91 11.98 24.32
C SER T 240 59.86 11.53 25.77
N GLN T 241 61.04 11.52 26.42
CA GLN T 241 61.18 11.12 27.82
C GLN T 241 60.14 11.79 28.72
N GLY T 242 60.08 13.12 28.69
CA GLY T 242 59.13 13.81 29.54
C GLY T 242 57.70 13.62 29.08
N GLN T 243 57.47 13.52 27.77
CA GLN T 243 56.12 13.27 27.27
C GLN T 243 55.61 11.93 27.78
N GLU T 244 56.47 10.90 27.75
CA GLU T 244 56.10 9.59 28.27
C GLU T 244 55.80 9.66 29.76
N GLU T 245 56.62 10.39 30.51
CA GLU T 245 56.44 10.52 31.95
C GLU T 245 55.07 11.12 32.28
N ALA T 246 54.66 12.13 31.52
CA ALA T 246 53.37 12.77 31.76
C ALA T 246 52.23 11.78 31.55
N GLU T 247 52.37 10.88 30.57
CA GLU T 247 51.33 9.89 30.32
C GLU T 247 51.17 8.95 31.50
N LYS T 248 52.29 8.53 32.11
CA LYS T 248 52.23 7.65 33.27
C LYS T 248 51.44 8.30 34.40
N LEU T 249 51.73 9.58 34.66
CA LEU T 249 51.02 10.34 35.68
C LEU T 249 49.52 10.32 35.43
N ARG T 250 49.10 10.71 34.23
CA ARG T 250 47.68 10.71 33.89
C ARG T 250 47.08 9.32 34.00
N ALA T 251 47.85 8.29 33.63
CA ALA T 251 47.33 6.92 33.67
C ALA T 251 47.06 6.46 35.11
N THR T 252 48.00 6.73 36.03
CA THR T 252 47.77 6.34 37.42
C THR T 252 46.61 7.11 38.03
N ALA T 253 46.42 8.36 37.59
CA ALA T 253 45.32 9.18 38.09
C ALA T 253 43.97 8.52 37.84
N ASP T 254 43.72 8.12 36.59
CA ASP T 254 42.47 7.46 36.23
C ASP T 254 42.22 6.24 37.11
N TYR T 255 43.25 5.42 37.33
CA TYR T 255 43.11 4.26 38.19
C TYR T 255 42.65 4.67 39.58
N GLU T 256 43.33 5.65 40.18
CA GLU T 256 42.93 6.14 41.50
C GLU T 256 41.50 6.66 41.48
N VAL T 257 41.14 7.44 40.46
CA VAL T 257 39.78 7.97 40.33
C VAL T 257 38.78 6.82 40.27
N THR T 258 39.03 5.85 39.39
CA THR T 258 38.13 4.70 39.28
C THR T 258 38.01 3.96 40.61
N ARG T 259 39.12 3.84 41.35
CA ARG T 259 39.11 3.16 42.64
C ARG T 259 38.12 3.86 43.59
N THR T 260 38.26 5.17 43.75
CA THR T 260 37.36 5.93 44.61
C THR T 260 35.92 5.77 44.17
N LEU T 261 35.66 5.89 42.87
CA LEU T 261 34.30 5.73 42.34
C LEU T 261 33.76 4.34 42.64
N ALA T 262 34.58 3.30 42.47
CA ALA T 262 34.12 1.95 42.75
C ALA T 262 33.84 1.76 44.23
N GLU T 263 34.69 2.35 45.09
CA GLU T 263 34.48 2.27 46.53
C GLU T 263 33.12 2.85 46.90
N ALA T 264 32.82 4.04 46.35
CA ALA T 264 31.54 4.71 46.61
C ALA T 264 30.38 3.81 46.24
N GLU T 265 30.47 3.13 45.09
CA GLU T 265 29.37 2.26 44.66
C GLU T 265 29.17 1.11 45.64
N ARG T 266 30.28 0.50 46.10
CA ARG T 266 30.17 -0.59 47.07
C ARG T 266 29.44 -0.11 48.32
N GLN T 267 29.82 1.07 48.84
CA GLN T 267 29.14 1.63 50.00
C GLN T 267 27.68 1.89 49.68
N GLY T 268 27.40 2.44 48.49
CA GLY T 268 26.03 2.70 48.10
C GLY T 268 25.21 1.42 47.99
N ARG T 269 25.82 0.38 47.39
CA ARG T 269 25.14 -0.90 47.25
C ARG T 269 24.73 -1.45 48.60
N ILE T 270 25.64 -1.39 49.59
CA ILE T 270 25.35 -1.86 50.95
C ILE T 270 24.11 -1.17 51.49
N MET T 271 24.05 0.16 51.36
CA MET T 271 22.91 0.94 51.83
C MET T 271 21.61 0.46 51.18
N ARG T 272 21.62 0.26 49.86
CA ARG T 272 20.43 -0.18 49.16
C ARG T 272 19.97 -1.54 49.67
N GLY T 273 20.91 -2.45 49.94
CA GLY T 273 20.54 -3.76 50.45
C GLY T 273 19.86 -3.68 51.80
N GLU T 274 20.40 -2.85 52.71
CA GLU T 274 19.82 -2.67 54.03
C GLU T 274 18.36 -2.23 53.92
N GLY T 275 18.09 -1.23 53.09
CA GLY T 275 16.73 -0.77 52.90
C GLY T 275 15.80 -1.86 52.40
N ASP T 276 16.25 -2.61 51.39
CA ASP T 276 15.45 -3.70 50.85
C ASP T 276 15.13 -4.73 51.94
N ALA T 277 16.13 -5.10 52.74
CA ALA T 277 15.90 -6.06 53.83
C ALA T 277 14.82 -5.55 54.77
N GLU T 278 14.94 -4.28 55.20
CA GLU T 278 13.94 -3.70 56.08
C GLU T 278 12.56 -3.71 55.42
N ALA T 279 12.48 -3.24 54.18
CA ALA T 279 11.22 -3.21 53.44
C ALA T 279 10.62 -4.62 53.33
N ALA T 280 11.46 -5.62 53.10
CA ALA T 280 10.99 -7.00 52.96
C ALA T 280 10.25 -7.44 54.21
N LYS T 281 10.94 -7.40 55.36
CA LYS T 281 10.37 -7.75 56.66
C LYS T 281 8.97 -7.17 56.87
N LEU T 282 8.87 -5.84 56.74
CA LEU T 282 7.60 -5.15 56.89
C LEU T 282 6.51 -5.76 56.02
N PHE T 283 6.74 -5.81 54.70
CA PHE T 283 5.77 -6.37 53.76
C PHE T 283 5.37 -7.78 54.16
N ALA T 284 6.36 -8.64 54.46
CA ALA T 284 6.09 -10.03 54.84
C ALA T 284 5.13 -10.09 56.03
N ASP T 285 5.49 -9.42 57.13
CA ASP T 285 4.65 -9.39 58.32
C ASP T 285 3.23 -8.93 57.99
N ALA T 286 3.12 -7.74 57.39
CA ALA T 286 1.83 -7.16 57.01
C ALA T 286 0.98 -8.14 56.19
N PHE T 287 1.59 -8.85 55.24
CA PHE T 287 0.87 -9.77 54.36
C PHE T 287 0.87 -11.21 54.86
N SER T 288 1.65 -11.54 55.89
CA SER T 288 1.66 -12.90 56.42
C SER T 288 0.35 -13.32 57.08
N LYS T 289 -0.66 -12.45 57.15
CA LYS T 289 -1.96 -12.76 57.74
C LYS T 289 -2.95 -13.25 56.68
N ASP T 290 -2.94 -12.64 55.51
CA ASP T 290 -3.85 -13.01 54.41
C ASP T 290 -3.05 -12.92 53.11
N PRO T 291 -2.29 -13.97 52.78
CA PRO T 291 -1.48 -13.91 51.55
C PRO T 291 -2.29 -13.88 50.27
N ASP T 292 -3.39 -14.64 50.20
CA ASP T 292 -4.18 -14.68 48.97
C ASP T 292 -4.75 -13.31 48.62
N PHE T 293 -5.22 -12.56 49.62
CA PHE T 293 -5.77 -11.24 49.33
C PHE T 293 -4.68 -10.30 48.82
N TYR T 294 -3.46 -10.39 49.37
CA TYR T 294 -2.37 -9.55 48.90
C TYR T 294 -2.07 -9.80 47.44
N ALA T 295 -2.04 -11.08 47.04
CA ALA T 295 -1.79 -11.43 45.65
C ALA T 295 -2.85 -10.85 44.73
N PHE T 296 -4.10 -10.88 45.17
CA PHE T 296 -5.21 -10.34 44.37
C PHE T 296 -5.01 -8.85 44.12
N ILE T 297 -4.83 -8.08 45.19
CA ILE T 297 -4.68 -6.63 45.07
C ILE T 297 -3.42 -6.29 44.27
N ARG T 298 -2.26 -6.79 44.72
CA ARG T 298 -1.00 -6.53 44.05
C ARG T 298 -1.04 -6.91 42.57
N SER T 299 -1.66 -8.05 42.25
CA SER T 299 -1.74 -8.47 40.85
C SER T 299 -2.54 -7.46 40.03
N LEU T 300 -3.69 -7.04 40.55
CA LEU T 300 -4.53 -6.06 39.85
C LEU T 300 -3.76 -4.76 39.61
N ARG T 301 -3.01 -4.31 40.61
CA ARG T 301 -2.22 -3.08 40.47
C ARG T 301 -1.22 -3.23 39.33
N ALA T 302 -0.51 -4.37 39.29
CA ALA T 302 0.46 -4.62 38.22
C ALA T 302 -0.18 -4.53 36.85
N TYR T 303 -1.36 -5.12 36.69
CA TYR T 303 -2.07 -5.08 35.40
C TYR T 303 -2.26 -3.65 34.91
N GLU T 304 -2.87 -2.80 35.75
CA GLU T 304 -3.10 -1.40 35.39
C GLU T 304 -1.82 -0.71 34.94
N ASN T 305 -0.73 -0.89 35.69
CA ASN T 305 0.53 -0.24 35.33
C ASN T 305 1.17 -0.92 34.13
N SER T 306 0.92 -2.21 33.94
CA SER T 306 1.50 -2.93 32.80
C SER T 306 0.86 -2.48 31.49
N PHE T 307 -0.47 -2.56 31.41
CA PHE T 307 -1.19 -2.19 30.20
C PHE T 307 -1.51 -0.71 30.13
N SER T 308 -0.93 0.11 31.02
CA SER T 308 -1.13 1.55 31.01
C SER T 308 -0.99 2.13 29.61
N GLY T 309 0.10 1.80 28.93
CA GLY T 309 0.31 2.27 27.57
C GLY T 309 -0.78 1.81 26.64
N ASN T 310 -1.05 2.63 25.62
CA ASN T 310 -2.07 2.35 24.62
C ASN T 310 -1.49 1.71 23.36
N GLN T 311 -0.39 0.99 23.51
CA GLN T 311 0.28 0.29 22.42
C GLN T 311 0.15 -1.23 22.57
N ASP T 312 -0.95 -1.68 23.20
CA ASP T 312 -1.19 -3.09 23.45
C ASP T 312 -2.59 -3.46 22.96
N VAL T 313 -2.76 -4.74 22.66
CA VAL T 313 -4.00 -5.32 22.16
C VAL T 313 -4.38 -6.47 23.07
N MET T 314 -5.68 -6.67 23.24
CA MET T 314 -6.24 -7.74 24.07
C MET T 314 -7.34 -8.42 23.24
N VAL T 315 -7.02 -9.58 22.66
CA VAL T 315 -7.97 -10.30 21.82
C VAL T 315 -8.76 -11.22 22.74
N MET T 316 -9.83 -10.69 23.32
CA MET T 316 -10.72 -11.44 24.19
C MET T 316 -11.79 -12.13 23.36
N SER T 317 -12.62 -12.93 24.03
CA SER T 317 -13.72 -13.67 23.42
C SER T 317 -15.04 -13.26 24.08
N PRO T 318 -16.17 -13.34 23.36
CA PRO T 318 -17.44 -12.95 24.01
C PRO T 318 -17.95 -14.00 24.98
N ASP T 319 -17.56 -15.26 24.80
CA ASP T 319 -17.95 -16.33 25.71
C ASP T 319 -17.18 -16.32 27.03
N SER T 320 -16.31 -15.33 27.24
CA SER T 320 -15.52 -15.27 28.45
C SER T 320 -16.40 -15.01 29.67
N ASP T 321 -15.83 -15.34 30.84
CA ASP T 321 -16.54 -15.17 32.10
C ASP T 321 -16.84 -13.70 32.40
N PHE T 322 -15.90 -12.80 32.10
CA PHE T 322 -16.10 -11.39 32.40
C PHE T 322 -17.26 -10.81 31.59
N PHE T 323 -17.39 -11.23 30.34
CA PHE T 323 -18.46 -10.75 29.46
C PHE T 323 -19.70 -11.62 29.54
N ARG T 324 -19.89 -12.35 30.64
CA ARG T 324 -21.05 -13.21 30.82
C ARG T 324 -22.36 -12.43 30.92
N TYR T 325 -22.31 -11.11 31.09
CA TYR T 325 -23.51 -10.29 31.19
C TYR T 325 -23.84 -9.57 29.88
N MET T 326 -23.16 -9.93 28.79
CA MET T 326 -23.45 -9.39 27.47
C MET T 326 -24.42 -10.29 26.70
N LYS T 327 -24.91 -11.35 27.34
CA LYS T 327 -25.86 -12.30 26.77
C LYS T 327 -27.21 -12.00 27.40
N THR T 328 -28.23 -11.78 26.55
CA THR T 328 -29.58 -11.40 26.94
C THR T 328 -30.10 -12.20 28.15
N PRO T 329 -30.55 -11.53 29.23
CA PRO T 329 -31.03 -12.32 30.38
C PRO T 329 -32.31 -13.08 30.09
N ARG U 266 71.31 7.87 11.04
CA ARG U 266 71.31 9.18 11.67
C ARG U 266 69.90 9.74 11.73
N GLU U 267 69.41 10.27 10.61
CA GLU U 267 68.06 10.82 10.56
C GLU U 267 67.03 9.73 10.88
N ALA U 268 67.17 8.55 10.26
CA ALA U 268 66.24 7.45 10.51
C ALA U 268 66.33 7.00 11.96
N GLU U 269 67.54 6.97 12.52
CA GLU U 269 67.73 6.55 13.90
C GLU U 269 66.89 7.39 14.86
N ALA U 270 66.96 8.72 14.72
CA ALA U 270 66.15 9.58 15.58
C ALA U 270 64.66 9.39 15.31
N TYR U 271 64.28 9.26 14.03
CA TYR U 271 62.87 9.08 13.68
C TYR U 271 62.28 7.81 14.28
N THR U 272 63.01 6.70 14.18
CA THR U 272 62.51 5.45 14.75
C THR U 272 62.52 5.47 16.27
N ASN U 273 63.56 6.03 16.88
CA ASN U 273 63.70 6.01 18.34
C ASN U 273 62.59 6.76 19.05
N GLU U 274 62.14 7.90 18.51
CA GLU U 274 61.10 8.69 19.17
C GLU U 274 59.80 7.90 19.33
N VAL U 275 59.44 7.09 18.32
CA VAL U 275 58.20 6.32 18.36
C VAL U 275 58.17 5.41 19.59
N GLN U 276 59.32 4.84 19.98
CA GLN U 276 59.36 3.91 21.11
C GLN U 276 58.79 4.50 22.40
N PRO U 277 59.35 5.59 22.99
CA PRO U 277 58.73 6.20 24.18
C PRO U 277 57.22 6.41 24.07
N ARG U 278 56.75 6.90 22.93
CA ARG U 278 55.32 7.10 22.72
C ARG U 278 54.55 5.81 22.96
N ALA U 279 54.93 4.75 22.24
CA ALA U 279 54.26 3.46 22.43
C ALA U 279 54.47 2.94 23.84
N ASN U 280 55.63 3.21 24.45
CA ASN U 280 55.86 2.78 25.83
C ASN U 280 54.81 3.39 26.76
N GLY U 281 54.66 4.71 26.70
CA GLY U 281 53.65 5.37 27.53
C GLY U 281 52.25 4.92 27.15
N GLN U 282 51.99 4.74 25.85
CA GLN U 282 50.70 4.27 25.40
C GLN U 282 50.42 2.88 25.97
N ALA U 283 51.44 2.03 26.04
CA ALA U 283 51.26 0.69 26.59
C ALA U 283 51.09 0.77 28.11
N GLN U 284 51.80 1.70 28.75
CA GLN U 284 51.65 1.89 30.19
C GLN U 284 50.23 2.30 30.55
N ARG U 285 49.53 2.96 29.63
CA ARG U 285 48.17 3.43 29.90
C ARG U 285 47.18 2.27 29.93
N ILE U 286 47.30 1.33 28.99
CA ILE U 286 46.37 0.20 28.99
C ILE U 286 46.62 -0.68 30.21
N LEU U 287 47.86 -0.76 30.68
CA LEU U 287 48.15 -1.54 31.88
C LEU U 287 47.40 -0.98 33.07
N GLU U 288 47.49 0.34 33.27
CA GLU U 288 46.76 1.00 34.35
C GLU U 288 45.26 0.79 34.20
N GLU U 289 44.75 0.85 32.98
CA GLU U 289 43.32 0.66 32.73
C GLU U 289 42.88 -0.74 33.14
N ALA U 290 43.66 -1.76 32.78
CA ALA U 290 43.30 -3.11 33.16
C ALA U 290 43.34 -3.29 34.67
N ARG U 291 44.30 -2.63 35.32
CA ARG U 291 44.38 -2.69 36.78
C ARG U 291 43.12 -2.11 37.40
N ALA U 292 42.68 -0.94 36.92
CA ALA U 292 41.48 -0.30 37.42
C ALA U 292 40.27 -1.22 37.31
N TYR U 293 40.14 -1.92 36.18
CA TYR U 293 39.03 -2.85 36.00
C TYR U 293 39.02 -3.90 37.10
N LYS U 294 40.18 -4.54 37.33
CA LYS U 294 40.32 -5.52 38.40
C LYS U 294 39.84 -4.95 39.73
N ALA U 295 40.40 -3.79 40.12
CA ALA U 295 40.01 -3.12 41.36
C ALA U 295 38.50 -2.90 41.42
N GLN U 296 37.94 -2.29 40.37
CA GLN U 296 36.50 -2.04 40.34
C GLN U 296 35.71 -3.32 40.50
N THR U 297 36.01 -4.33 39.67
CA THR U 297 35.37 -5.64 39.73
C THR U 297 35.29 -6.16 41.17
N ILE U 298 36.45 -6.25 41.83
CA ILE U 298 36.53 -6.71 43.22
C ILE U 298 35.56 -5.92 44.10
N LEU U 299 35.69 -4.60 44.10
CA LEU U 299 34.82 -3.75 44.92
C LEU U 299 33.36 -3.93 44.52
N GLU U 300 33.07 -3.92 43.23
CA GLU U 300 31.69 -4.10 42.77
C GLU U 300 31.14 -5.45 43.23
N ALA U 301 31.96 -6.51 43.12
CA ALA U 301 31.55 -7.83 43.58
C ALA U 301 31.12 -7.80 45.03
N GLN U 302 31.97 -7.27 45.90
CA GLN U 302 31.69 -7.15 47.33
C GLN U 302 30.33 -6.52 47.59
N GLY U 303 30.06 -5.38 46.96
CA GLY U 303 28.78 -4.70 47.15
C GLY U 303 27.60 -5.60 46.82
N GLU U 304 27.64 -6.25 45.65
CA GLU U 304 26.56 -7.16 45.28
C GLU U 304 26.40 -8.27 46.31
N VAL U 305 27.53 -8.86 46.73
CA VAL U 305 27.51 -9.91 47.75
C VAL U 305 26.84 -9.40 49.02
N ALA U 306 27.22 -8.20 49.46
CA ALA U 306 26.66 -7.59 50.66
C ALA U 306 25.13 -7.55 50.60
N ARG U 307 24.58 -7.01 49.51
CA ARG U 307 23.13 -6.94 49.37
C ARG U 307 22.50 -8.33 49.44
N PHE U 308 23.11 -9.31 48.78
CA PHE U 308 22.59 -10.67 48.81
C PHE U 308 22.54 -11.20 50.24
N ALA U 309 23.66 -11.07 50.97
CA ALA U 309 23.73 -11.49 52.36
C ALA U 309 22.56 -10.98 53.18
N LYS U 310 22.33 -9.66 53.17
CA LYS U 310 21.22 -9.06 53.89
C LYS U 310 19.88 -9.69 53.52
N LEU U 311 19.60 -9.74 52.21
CA LEU U 311 18.34 -10.30 51.71
C LEU U 311 18.05 -11.69 52.26
N LEU U 312 19.08 -12.54 52.37
CA LEU U 312 18.94 -13.94 52.78
C LEU U 312 18.18 -14.13 54.09
N PRO U 313 18.60 -13.61 55.25
CA PRO U 313 17.78 -13.81 56.48
C PRO U 313 16.35 -13.28 56.39
N GLU U 314 16.02 -12.47 55.38
CA GLU U 314 14.67 -11.96 55.19
C GLU U 314 13.83 -12.88 54.30
N TYR U 315 14.45 -13.88 53.68
CA TYR U 315 13.80 -14.84 52.80
C TYR U 315 13.43 -16.12 53.52
N LYS U 316 14.31 -16.61 54.41
CA LYS U 316 14.02 -17.83 55.16
C LYS U 316 12.82 -17.65 56.08
N ALA U 317 12.60 -16.43 56.58
CA ALA U 317 11.46 -16.19 57.46
C ALA U 317 10.15 -16.32 56.71
N ALA U 318 10.02 -15.61 55.58
CA ALA U 318 8.82 -15.66 54.75
C ALA U 318 9.24 -15.80 53.30
N PRO U 319 9.54 -17.03 52.86
CA PRO U 319 9.93 -17.21 51.45
C PRO U 319 8.80 -16.98 50.47
N GLU U 320 7.61 -17.50 50.77
CA GLU U 320 6.47 -17.38 49.88
C GLU U 320 6.09 -15.93 49.62
N ILE U 321 5.96 -15.13 50.69
CA ILE U 321 5.52 -13.75 50.54
C ILE U 321 6.56 -12.92 49.78
N THR U 322 7.83 -13.03 50.14
CA THR U 322 8.85 -12.23 49.46
C THR U 322 9.04 -12.69 48.02
N ARG U 323 8.97 -14.00 47.76
CA ARG U 323 9.13 -14.50 46.40
C ARG U 323 8.04 -13.96 45.49
N GLU U 324 6.78 -13.97 45.96
CA GLU U 324 5.67 -13.47 45.15
C GLU U 324 5.84 -11.98 44.84
N ARG U 325 6.22 -11.18 45.85
CA ARG U 325 6.42 -9.75 45.65
C ARG U 325 7.43 -9.48 44.55
N LEU U 326 8.63 -10.06 44.69
CA LEU U 326 9.69 -9.90 43.69
C LEU U 326 9.20 -10.27 42.30
N TYR U 327 8.54 -11.42 42.17
CA TYR U 327 8.00 -11.87 40.89
C TYR U 327 7.07 -10.84 40.28
N ILE U 328 6.00 -10.49 41.01
CA ILE U 328 5.04 -9.49 40.53
C ILE U 328 5.75 -8.18 40.22
N GLU U 329 6.64 -7.73 41.11
CA GLU U 329 7.38 -6.50 40.89
C GLU U 329 8.14 -6.53 39.58
N THR U 330 9.06 -7.49 39.43
CA THR U 330 9.84 -7.62 38.20
C THR U 330 8.94 -7.74 36.97
N MET U 331 8.02 -8.70 36.99
CA MET U 331 7.07 -8.91 35.90
C MET U 331 6.43 -7.59 35.46
N GLU U 332 5.80 -6.88 36.40
CA GLU U 332 5.17 -5.58 36.13
C GLU U 332 6.08 -4.68 35.30
N LYS U 333 7.35 -4.56 35.70
CA LYS U 333 8.30 -3.71 34.98
C LYS U 333 8.45 -4.14 33.52
N VAL U 334 8.90 -5.37 33.30
CA VAL U 334 9.09 -5.89 31.94
C VAL U 334 7.80 -5.82 31.14
N LEU U 335 6.69 -6.30 31.73
CA LEU U 335 5.41 -6.28 31.05
C LEU U 335 5.02 -4.86 30.63
N GLY U 336 5.23 -3.90 31.51
CA GLY U 336 4.87 -2.52 31.20
C GLY U 336 5.78 -1.84 30.20
N ASN U 337 6.96 -2.41 29.93
CA ASN U 337 7.91 -1.84 28.98
C ASN U 337 8.03 -2.66 27.70
N THR U 338 7.07 -3.54 27.42
CA THR U 338 7.09 -4.37 26.22
C THR U 338 5.69 -4.54 25.67
N ARG U 339 5.61 -4.68 24.35
CA ARG U 339 4.34 -4.90 23.67
C ARG U 339 3.78 -6.28 24.03
N LYS U 340 2.46 -6.36 24.13
CA LYS U 340 1.78 -7.60 24.49
C LYS U 340 0.58 -7.83 23.60
N VAL U 341 0.21 -9.10 23.47
CA VAL U 341 -0.91 -9.55 22.63
C VAL U 341 -2.07 -10.07 23.46
N LEU U 342 -1.82 -11.09 24.30
CA LEU U 342 -2.81 -11.69 25.19
C LEU U 342 -3.85 -12.53 24.43
N VAL U 343 -3.55 -12.92 23.19
CA VAL U 343 -4.51 -13.70 22.42
C VAL U 343 -4.62 -15.10 23.00
N ASN U 344 -5.84 -15.67 22.90
CA ASN U 344 -6.15 -16.99 23.41
C ASN U 344 -5.10 -18.04 23.06
N ASP U 345 -4.77 -18.87 24.06
CA ASP U 345 -3.80 -19.94 23.87
C ASP U 345 -4.17 -20.89 22.75
N LYS U 346 -5.48 -21.04 22.47
CA LYS U 346 -5.92 -21.95 21.42
C LYS U 346 -5.33 -21.58 20.06
N GLY U 347 -5.16 -20.27 19.81
CA GLY U 347 -4.55 -19.77 18.59
C GLY U 347 -3.29 -20.51 18.20
N GLY U 348 -3.23 -20.98 16.95
CA GLY U 348 -2.09 -21.76 16.49
C GLY U 348 -1.30 -21.11 15.35
N ASN U 349 -1.82 -20.03 14.78
CA ASN U 349 -1.12 -19.30 13.73
C ASN U 349 -0.82 -17.89 14.21
N LEU U 350 0.32 -17.36 13.77
CA LEU U 350 0.80 -16.03 14.11
C LEU U 350 1.98 -15.72 13.20
N MET U 351 2.09 -14.45 12.78
CA MET U 351 3.13 -14.00 11.86
C MET U 351 3.99 -12.95 12.54
N VAL U 352 5.31 -13.18 12.56
CA VAL U 352 6.21 -12.26 13.25
C VAL U 352 6.40 -10.95 12.47
N LEU U 353 6.62 -11.02 11.16
CA LEU U 353 6.85 -9.83 10.34
C LEU U 353 7.91 -8.87 10.90
N PRO U 354 9.17 -9.30 11.02
CA PRO U 354 10.20 -8.38 11.54
C PRO U 354 10.81 -7.55 10.42
N LEU U 355 11.77 -6.70 10.74
CA LEU U 355 12.41 -5.85 9.74
C LEU U 355 13.18 -6.71 8.74
N GLU V 244 68.58 1.78 2.64
CA GLU V 244 68.80 0.37 3.00
C GLU V 244 69.08 0.25 4.49
N GLU V 245 70.07 1.01 4.97
CA GLU V 245 70.42 0.97 6.39
C GLU V 245 69.25 1.45 7.26
N ALA V 246 68.58 2.52 6.84
CA ALA V 246 67.45 3.05 7.60
C ALA V 246 66.34 2.02 7.70
N GLU V 247 66.02 1.37 6.57
CA GLU V 247 65.00 0.33 6.55
C GLU V 247 65.24 -0.73 7.62
N LYS V 248 66.44 -1.31 7.64
CA LYS V 248 66.76 -2.37 8.60
C LYS V 248 66.55 -1.94 10.04
N LEU V 249 67.17 -0.83 10.46
CA LEU V 249 66.99 -0.36 11.83
C LEU V 249 65.51 -0.07 12.11
N ARG V 250 64.84 0.61 11.18
CA ARG V 250 63.42 0.90 11.34
C ARG V 250 62.61 -0.38 11.53
N ALA V 251 62.82 -1.36 10.64
CA ALA V 251 62.09 -2.62 10.69
C ALA V 251 62.22 -3.31 12.04
N THR V 252 63.45 -3.51 12.51
CA THR V 252 63.64 -4.17 13.81
C THR V 252 63.08 -3.33 14.93
N ALA V 253 63.22 -2.00 14.84
CA ALA V 253 62.67 -1.12 15.86
C ALA V 253 61.16 -1.16 15.87
N ASP V 254 60.53 -1.23 14.69
CA ASP V 254 59.07 -1.30 14.60
C ASP V 254 58.56 -2.56 15.27
N TYR V 255 59.29 -3.67 15.12
CA TYR V 255 58.91 -4.92 15.75
C TYR V 255 58.81 -4.76 17.27
N GLU V 256 59.83 -4.12 17.86
CA GLU V 256 59.83 -3.89 19.30
C GLU V 256 58.67 -3.01 19.73
N VAL V 257 58.31 -2.03 18.90
CA VAL V 257 57.18 -1.15 19.22
C VAL V 257 55.91 -1.97 19.39
N THR V 258 55.57 -2.76 18.37
CA THR V 258 54.39 -3.62 18.45
C THR V 258 54.53 -4.62 19.60
N ARG V 259 55.75 -5.09 19.85
CA ARG V 259 56.01 -6.02 20.94
C ARG V 259 55.59 -5.43 22.28
N THR V 260 56.12 -4.25 22.60
CA THR V 260 55.79 -3.60 23.87
C THR V 260 54.29 -3.36 23.99
N LEU V 261 53.64 -2.94 22.90
CA LEU V 261 52.20 -2.72 22.93
C LEU V 261 51.47 -4.02 23.26
N ALA V 262 51.83 -5.10 22.55
CA ALA V 262 51.22 -6.40 22.82
C ALA V 262 51.66 -6.95 24.17
N GLU V 263 52.87 -6.62 24.61
CA GLU V 263 53.37 -7.10 25.89
C GLU V 263 52.49 -6.59 27.04
N ALA V 264 52.18 -5.29 27.03
CA ALA V 264 51.35 -4.73 28.08
C ALA V 264 49.93 -5.29 28.01
N GLU V 265 49.43 -5.55 26.80
CA GLU V 265 48.10 -6.13 26.66
C GLU V 265 48.03 -7.48 27.34
N ARG V 266 49.11 -8.26 27.26
CA ARG V 266 49.15 -9.54 27.95
C ARG V 266 49.19 -9.34 29.46
N GLN V 267 50.00 -8.39 29.92
CA GLN V 267 50.06 -8.08 31.34
C GLN V 267 48.70 -7.61 31.86
N GLY V 268 47.98 -6.85 31.04
CA GLY V 268 46.67 -6.38 31.44
C GLY V 268 45.68 -7.53 31.58
N ARG V 269 45.72 -8.47 30.64
CA ARG V 269 44.84 -9.64 30.72
C ARG V 269 45.04 -10.38 32.04
N ILE V 270 46.29 -10.49 32.49
CA ILE V 270 46.58 -11.14 33.76
C ILE V 270 45.85 -10.43 34.89
N MET V 271 45.97 -9.10 34.93
CA MET V 271 45.26 -8.30 35.93
C MET V 271 43.76 -8.56 35.87
N ARG V 272 43.19 -8.48 34.68
CA ARG V 272 41.76 -8.73 34.51
C ARG V 272 41.40 -10.14 34.94
N GLY V 273 42.24 -11.13 34.59
CA GLY V 273 41.98 -12.49 35.02
C GLY V 273 41.98 -12.62 36.53
N GLU V 274 43.01 -12.08 37.17
CA GLU V 274 43.10 -12.10 38.63
C GLU V 274 41.85 -11.49 39.26
N GLY V 275 41.46 -10.31 38.78
CA GLY V 275 40.26 -9.65 39.31
C GLY V 275 39.03 -10.52 39.19
N ASP V 276 38.82 -11.11 38.02
CA ASP V 276 37.66 -11.97 37.82
C ASP V 276 37.73 -13.20 38.72
N ALA V 277 38.91 -13.80 38.84
CA ALA V 277 39.08 -14.96 39.72
C ALA V 277 38.71 -14.61 41.16
N GLU V 278 39.23 -13.47 41.64
CA GLU V 278 38.90 -13.02 42.99
C GLU V 278 37.40 -12.80 43.13
N ALA V 279 36.80 -12.09 42.17
CA ALA V 279 35.37 -11.84 42.20
C ALA V 279 34.56 -13.13 42.24
N ALA V 280 34.97 -14.12 41.45
CA ALA V 280 34.27 -15.40 41.42
C ALA V 280 34.23 -16.04 42.81
N LYS V 281 35.40 -16.18 43.44
CA LYS V 281 35.52 -16.71 44.80
C LYS V 281 34.47 -16.11 45.73
N LEU V 282 34.45 -14.79 45.82
CA LEU V 282 33.48 -14.07 46.65
C LEU V 282 32.05 -14.48 46.31
N PHE V 283 31.65 -14.29 45.03
CA PHE V 283 30.32 -14.66 44.57
C PHE V 283 29.95 -16.09 44.94
N ALA V 284 30.87 -17.03 44.71
CA ALA V 284 30.60 -18.45 44.96
C ALA V 284 30.19 -18.71 46.40
N ASP V 285 31.06 -18.40 47.36
CA ASP V 285 30.75 -18.62 48.78
C ASP V 285 29.42 -18.00 49.18
N ALA V 286 29.22 -16.72 48.85
CA ALA V 286 27.97 -16.01 49.14
C ALA V 286 26.75 -16.77 48.66
N PHE V 287 26.68 -17.04 47.36
CA PHE V 287 25.52 -17.71 46.78
C PHE V 287 25.46 -19.18 47.17
N SER V 288 26.61 -19.83 47.43
CA SER V 288 26.64 -21.24 47.84
C SER V 288 25.63 -21.55 48.94
N LYS V 289 25.50 -20.63 49.91
CA LYS V 289 24.53 -20.78 51.00
C LYS V 289 23.15 -21.21 50.48
N ASP V 290 22.57 -20.40 49.60
CA ASP V 290 21.27 -20.69 49.00
C ASP V 290 21.42 -20.60 47.48
N PRO V 291 21.67 -21.73 46.80
CA PRO V 291 21.80 -21.66 45.34
C PRO V 291 20.49 -21.34 44.63
N ASP V 292 19.39 -21.93 45.07
CA ASP V 292 18.10 -21.71 44.43
C ASP V 292 17.67 -20.25 44.51
N PHE V 293 17.85 -19.61 45.67
CA PHE V 293 17.45 -18.22 45.81
C PHE V 293 18.26 -17.30 44.91
N TYR V 294 19.56 -17.60 44.74
CA TYR V 294 20.39 -16.77 43.87
C TYR V 294 19.90 -16.83 42.43
N ALA V 295 19.43 -18.00 41.99
CA ALA V 295 18.92 -18.15 40.64
C ALA V 295 17.69 -17.29 40.42
N PHE V 296 16.81 -17.24 41.43
CA PHE V 296 15.58 -16.46 41.34
C PHE V 296 15.85 -14.98 41.11
N ILE V 297 16.60 -14.36 42.01
CA ILE V 297 16.87 -12.92 41.91
C ILE V 297 17.69 -12.62 40.67
N ARG V 298 18.82 -13.30 40.49
CA ARG V 298 19.68 -13.10 39.33
C ARG V 298 18.91 -13.22 38.02
N SER V 299 18.09 -14.26 37.89
CA SER V 299 17.31 -14.46 36.67
C SER V 299 16.33 -13.30 36.45
N LEU V 300 15.61 -12.92 37.51
CA LEU V 300 14.67 -11.80 37.40
C LEU V 300 15.39 -10.53 36.97
N ARG V 301 16.51 -10.23 37.61
CA ARG V 301 17.33 -9.07 37.25
C ARG V 301 17.66 -9.09 35.75
N ALA V 302 18.09 -10.24 35.25
CA ALA V 302 18.44 -10.38 33.84
C ALA V 302 17.27 -10.00 32.94
N TYR V 303 16.06 -10.43 33.29
CA TYR V 303 14.89 -10.10 32.48
C TYR V 303 14.73 -8.59 32.34
N GLU V 304 14.77 -7.88 33.48
CA GLU V 304 14.65 -6.42 33.46
C GLU V 304 15.73 -5.79 32.59
N ASN V 305 16.97 -6.25 32.73
CA ASN V 305 18.09 -5.72 31.96
C ASN V 305 18.05 -6.14 30.50
N SER V 306 17.31 -7.19 30.17
CA SER V 306 17.24 -7.71 28.81
C SER V 306 16.05 -7.14 28.03
N PHE V 307 14.85 -7.24 28.61
CA PHE V 307 13.64 -6.75 27.96
C PHE V 307 13.41 -5.25 28.13
N SER V 308 14.35 -4.54 28.77
CA SER V 308 14.27 -3.09 28.97
C SER V 308 13.84 -2.36 27.70
N GLY V 309 14.53 -2.62 26.60
CA GLY V 309 14.21 -1.97 25.34
C GLY V 309 12.78 -2.23 24.91
N ASN V 310 12.28 -1.33 24.07
CA ASN V 310 10.91 -1.36 23.56
C ASN V 310 10.84 -1.84 22.12
N GLN V 311 11.72 -2.79 21.77
CA GLN V 311 11.80 -3.38 20.44
C GLN V 311 11.57 -4.88 20.50
N ASP V 312 10.79 -5.32 21.49
CA ASP V 312 10.47 -6.73 21.71
C ASP V 312 8.98 -6.86 21.98
N VAL V 313 8.49 -8.09 21.85
CA VAL V 313 7.08 -8.42 22.03
C VAL V 313 6.98 -9.65 22.93
N MET V 314 5.87 -9.73 23.67
CA MET V 314 5.59 -10.86 24.56
C MET V 314 4.17 -11.31 24.29
N VAL V 315 4.02 -12.39 23.52
CA VAL V 315 2.71 -12.91 23.15
C VAL V 315 2.28 -13.87 24.26
N MET V 316 1.60 -13.33 25.28
CA MET V 316 1.10 -14.15 26.36
C MET V 316 -0.31 -14.63 26.00
N SER V 317 -0.93 -15.36 26.92
CA SER V 317 -2.29 -15.86 26.78
C SER V 317 -3.10 -15.47 27.99
N PRO V 318 -4.44 -15.70 27.98
CA PRO V 318 -5.22 -15.42 29.19
C PRO V 318 -5.18 -16.61 30.14
N ASP V 319 -4.88 -17.79 29.60
CA ASP V 319 -4.76 -19.02 30.37
C ASP V 319 -3.46 -19.07 31.17
N SER V 320 -2.54 -18.13 30.96
CA SER V 320 -1.27 -18.13 31.66
C SER V 320 -1.50 -17.97 33.16
N ASP V 321 -0.61 -18.59 33.94
CA ASP V 321 -0.73 -18.56 35.39
C ASP V 321 -0.57 -17.17 35.96
N PHE V 322 0.13 -16.28 35.25
CA PHE V 322 0.28 -14.91 35.74
C PHE V 322 -1.06 -14.18 35.73
N PHE V 323 -1.87 -14.43 34.70
CA PHE V 323 -3.18 -13.82 34.54
C PHE V 323 -4.31 -14.64 35.14
N ARG V 324 -4.00 -15.48 36.14
CA ARG V 324 -5.03 -16.31 36.76
C ARG V 324 -6.10 -15.46 37.44
N TYR V 325 -5.73 -14.27 37.91
CA TYR V 325 -6.68 -13.39 38.58
C TYR V 325 -7.46 -12.52 37.61
N MET V 326 -7.13 -12.54 36.31
CA MET V 326 -7.88 -11.78 35.32
C MET V 326 -9.27 -12.38 35.08
N LYS V 327 -9.52 -13.58 35.58
CA LYS V 327 -10.80 -14.26 35.42
C LYS V 327 -11.65 -13.97 36.64
N THR V 328 -12.97 -13.79 36.41
CA THR V 328 -13.96 -13.44 37.43
C THR V 328 -13.79 -14.23 38.72
N PRO V 329 -13.83 -13.59 39.90
CA PRO V 329 -13.65 -14.37 41.13
C PRO V 329 -14.80 -15.34 41.39
N GLN W 282 64.99 -4.21 2.52
CA GLN W 282 64.10 -5.07 1.75
C GLN W 282 63.86 -6.38 2.47
N ALA W 283 64.90 -7.21 2.53
CA ALA W 283 64.79 -8.51 3.20
C ALA W 283 64.41 -8.33 4.67
N GLN W 284 65.26 -7.63 5.43
CA GLN W 284 64.99 -7.36 6.85
C GLN W 284 63.59 -6.77 7.06
N ARG W 285 63.20 -5.83 6.20
CA ARG W 285 61.88 -5.19 6.29
C ARG W 285 60.76 -6.21 6.41
N ILE W 286 60.63 -7.10 5.42
CA ILE W 286 59.55 -8.08 5.47
C ILE W 286 59.79 -9.11 6.57
N LEU W 287 61.05 -9.33 6.96
CA LEU W 287 61.34 -10.28 8.03
C LEU W 287 60.73 -9.83 9.35
N GLU W 288 61.12 -8.63 9.81
CA GLU W 288 60.61 -8.10 11.07
C GLU W 288 59.09 -7.90 11.02
N GLU W 289 58.55 -7.57 9.84
CA GLU W 289 57.11 -7.38 9.72
C GLU W 289 56.34 -8.62 10.16
N ALA W 290 56.66 -9.78 9.58
CA ALA W 290 56.00 -11.02 9.96
C ALA W 290 56.27 -11.35 11.42
N ARG W 291 57.54 -11.25 11.83
CA ARG W 291 57.95 -11.51 13.22
C ARG W 291 57.06 -10.82 14.25
N ALA W 292 56.50 -9.66 13.92
CA ALA W 292 55.66 -8.95 14.87
C ALA W 292 54.32 -9.66 15.04
N TYR W 293 53.70 -10.06 13.93
CA TYR W 293 52.45 -10.82 14.00
C TYR W 293 52.63 -12.07 14.86
N LYS W 294 53.72 -12.80 14.61
CA LYS W 294 54.02 -14.00 15.40
C LYS W 294 54.12 -13.67 16.88
N ALA W 295 54.82 -12.57 17.21
CA ALA W 295 54.97 -12.18 18.61
C ALA W 295 53.63 -11.80 19.22
N GLN W 296 52.79 -11.08 18.46
CA GLN W 296 51.48 -10.70 18.95
C GLN W 296 50.65 -11.92 19.33
N THR W 297 50.59 -12.90 18.43
CA THR W 297 49.86 -14.14 18.69
C THR W 297 50.31 -14.79 20.01
N ILE W 298 51.62 -14.99 20.16
CA ILE W 298 52.17 -15.58 21.37
C ILE W 298 51.74 -14.78 22.60
N LEU W 299 51.94 -13.46 22.56
CA LEU W 299 51.56 -12.62 23.68
C LEU W 299 50.07 -12.69 23.95
N GLU W 300 49.25 -12.63 22.89
CA GLU W 300 47.80 -12.72 23.07
C GLU W 300 47.41 -14.09 23.62
N ALA W 301 48.05 -15.14 23.11
CA ALA W 301 47.77 -16.50 23.59
C ALA W 301 48.10 -16.62 25.08
N GLN W 302 49.29 -16.15 25.46
CA GLN W 302 49.73 -16.18 26.86
C GLN W 302 48.70 -15.54 27.78
N GLY W 303 48.29 -14.31 27.46
CA GLY W 303 47.30 -13.61 28.27
C GLY W 303 46.02 -14.40 28.46
N GLU W 304 45.44 -14.89 27.35
CA GLU W 304 44.23 -15.69 27.43
C GLU W 304 44.45 -16.94 28.28
N VAL W 305 45.59 -17.61 28.10
CA VAL W 305 45.91 -18.79 28.89
C VAL W 305 45.95 -18.44 30.38
N ALA W 306 46.61 -17.34 30.72
CA ALA W 306 46.72 -16.92 32.12
C ALA W 306 45.35 -16.61 32.71
N ARG W 307 44.44 -16.05 31.91
CA ARG W 307 43.10 -15.75 32.43
C ARG W 307 42.34 -17.02 32.72
N PHE W 308 42.36 -17.98 31.78
CA PHE W 308 41.67 -19.25 31.99
C PHE W 308 42.35 -20.09 33.06
N ALA W 309 43.63 -19.84 33.36
CA ALA W 309 44.34 -20.60 34.37
C ALA W 309 43.83 -20.25 35.77
N LYS W 310 43.93 -18.97 36.15
CA LYS W 310 43.48 -18.52 37.46
C LYS W 310 41.99 -18.80 37.69
N LEU W 311 41.19 -18.83 36.63
CA LEU W 311 39.75 -19.05 36.76
C LEU W 311 39.39 -20.52 36.93
N LEU W 312 40.20 -21.43 36.39
CA LEU W 312 39.90 -22.87 36.47
C LEU W 312 39.73 -23.35 37.91
N PRO W 313 40.62 -23.05 38.86
CA PRO W 313 40.38 -23.53 40.24
C PRO W 313 39.09 -22.99 40.85
N GLU W 314 38.72 -21.75 40.52
CA GLU W 314 37.48 -21.20 41.05
C GLU W 314 36.28 -21.99 40.57
N TYR W 315 36.26 -22.37 39.29
CA TYR W 315 35.16 -23.16 38.75
C TYR W 315 35.08 -24.52 39.43
N LYS W 316 36.23 -25.16 39.65
CA LYS W 316 36.24 -26.46 40.30
C LYS W 316 35.73 -26.37 41.74
N ALA W 317 35.93 -25.22 42.39
CA ALA W 317 35.47 -25.06 43.76
C ALA W 317 33.94 -25.03 43.82
N ALA W 318 33.33 -24.21 42.96
CA ALA W 318 31.87 -24.08 42.88
C ALA W 318 31.48 -24.15 41.41
N PRO W 319 31.35 -25.36 40.85
CA PRO W 319 30.97 -25.47 39.43
C PRO W 319 29.57 -24.96 39.12
N GLU W 320 28.59 -25.40 39.92
CA GLU W 320 27.21 -25.02 39.68
C GLU W 320 27.00 -23.52 39.83
N ILE W 321 27.56 -22.92 40.88
CA ILE W 321 27.38 -21.48 41.10
C ILE W 321 28.04 -20.69 39.97
N THR W 322 29.26 -21.05 39.60
CA THR W 322 29.95 -20.36 38.51
C THR W 322 29.20 -20.52 37.20
N ARG W 323 28.73 -21.74 36.91
CA ARG W 323 27.98 -22.00 35.68
C ARG W 323 26.75 -21.11 35.59
N GLU W 324 25.96 -21.03 36.67
CA GLU W 324 24.74 -20.23 36.67
C GLU W 324 25.06 -18.75 36.47
N ARG W 325 26.05 -18.24 37.21
CA ARG W 325 26.44 -16.83 37.10
C ARG W 325 26.83 -16.49 35.66
N LEU W 326 27.86 -17.17 35.14
CA LEU W 326 28.32 -16.93 33.77
C LEU W 326 27.18 -17.11 32.77
N TYR W 327 26.39 -18.17 32.93
CA TYR W 327 25.27 -18.43 32.03
C TYR W 327 24.30 -17.25 31.99
N ILE W 328 23.88 -16.77 33.16
CA ILE W 328 22.94 -15.66 33.21
C ILE W 328 23.60 -14.38 32.70
N GLU W 329 24.83 -14.11 33.15
CA GLU W 329 25.56 -12.93 32.70
C GLU W 329 25.63 -12.87 31.18
N THR W 330 26.03 -13.98 30.56
CA THR W 330 26.10 -14.03 29.10
C THR W 330 24.71 -13.89 28.49
N MET W 331 23.72 -14.61 29.03
CA MET W 331 22.38 -14.57 28.46
C MET W 331 21.77 -13.18 28.50
N GLU W 332 21.98 -12.44 29.59
CA GLU W 332 21.40 -11.10 29.67
C GLU W 332 22.04 -10.16 28.65
N LYS W 333 23.31 -10.40 28.30
CA LYS W 333 24.00 -9.53 27.35
C LYS W 333 23.48 -9.76 25.93
N VAL W 334 23.36 -11.03 25.53
CA VAL W 334 22.88 -11.34 24.18
C VAL W 334 21.44 -10.89 24.01
N LEU W 335 20.55 -11.35 24.89
CA LEU W 335 19.14 -10.96 24.79
C LEU W 335 18.94 -9.45 24.99
N GLY W 336 19.92 -8.76 25.56
CA GLY W 336 19.78 -7.33 25.77
C GLY W 336 19.67 -6.52 24.49
N ASN W 337 20.20 -7.05 23.38
CA ASN W 337 20.19 -6.35 22.10
C ASN W 337 19.28 -7.00 21.06
N THR W 338 19.46 -8.29 20.80
CA THR W 338 18.63 -8.99 19.82
C THR W 338 17.15 -8.90 20.18
N ARG W 339 16.33 -8.58 19.18
CA ARG W 339 14.89 -8.53 19.37
C ARG W 339 14.37 -9.93 19.64
N LYS W 340 13.19 -10.01 20.28
CA LYS W 340 12.60 -11.29 20.63
C LYS W 340 11.10 -11.26 20.41
N VAL W 341 10.55 -12.44 20.13
CA VAL W 341 9.12 -12.62 19.85
C VAL W 341 8.37 -13.09 21.08
N LEU W 342 8.84 -14.17 21.73
CA LEU W 342 8.20 -14.72 22.94
C LEU W 342 6.81 -15.29 22.62
N VAL W 343 6.69 -15.99 21.49
CA VAL W 343 5.44 -16.60 21.05
C VAL W 343 5.42 -18.06 21.48
N ASN W 344 4.21 -18.58 21.65
CA ASN W 344 3.98 -19.93 22.11
C ASN W 344 4.23 -20.95 21.01
N ASP W 345 4.72 -22.12 21.43
CA ASP W 345 5.05 -23.23 20.55
C ASP W 345 3.75 -23.89 20.09
N LYS W 346 3.91 -25.00 19.36
CA LYS W 346 2.92 -25.90 18.75
C LYS W 346 2.30 -25.31 17.49
N GLY W 347 2.69 -24.11 17.06
CA GLY W 347 2.22 -23.54 15.81
C GLY W 347 3.40 -23.25 14.89
N GLY W 348 3.49 -23.97 13.78
CA GLY W 348 4.58 -23.82 12.83
C GLY W 348 4.41 -22.84 11.68
N ASN W 349 4.25 -21.54 11.94
CA ASN W 349 4.13 -20.58 10.85
C ASN W 349 4.82 -19.28 11.26
N LEU W 350 5.46 -18.62 10.30
CA LEU W 350 6.21 -17.38 10.54
C LEU W 350 6.56 -16.77 9.19
N MET W 351 7.00 -15.51 9.23
CA MET W 351 7.40 -14.75 8.05
C MET W 351 8.70 -14.02 8.38
N VAL W 352 9.84 -14.56 7.92
CA VAL W 352 11.14 -13.94 8.19
C VAL W 352 11.17 -12.50 7.71
N LEU W 353 10.60 -12.21 6.54
CA LEU W 353 10.55 -10.88 5.97
C LEU W 353 11.93 -10.20 5.90
N PRO W 354 12.89 -10.78 5.18
CA PRO W 354 14.23 -10.19 5.10
C PRO W 354 14.27 -9.09 4.04
N LEU W 355 15.47 -8.55 3.84
CA LEU W 355 15.68 -7.49 2.85
C LEU W 355 17.13 -7.50 2.39
N ASN X 225 48.82 16.16 -52.15
CA ASN X 225 48.15 15.45 -51.08
C ASN X 225 48.75 14.05 -50.88
N ARG X 226 49.36 13.51 -51.93
CA ARG X 226 49.99 12.20 -51.84
C ARG X 226 51.23 12.26 -50.95
N MET X 227 52.08 13.26 -51.16
CA MET X 227 53.29 13.42 -50.37
C MET X 227 52.96 13.55 -48.89
N ARG X 228 51.99 14.41 -48.56
CA ARG X 228 51.56 14.57 -47.17
C ARG X 228 51.17 13.22 -46.56
N ALA X 229 50.28 12.50 -47.23
CA ALA X 229 49.80 11.22 -46.72
C ALA X 229 50.93 10.24 -46.43
N GLU X 230 51.80 9.98 -47.42
CA GLU X 230 52.89 9.03 -47.21
C GLU X 230 53.81 9.48 -46.08
N ARG X 231 54.13 10.78 -46.03
CA ARG X 231 54.98 11.28 -44.96
C ARG X 231 54.28 11.15 -43.61
N GLU X 232 53.01 11.56 -43.55
CA GLU X 232 52.24 11.46 -42.32
C GLU X 232 52.15 10.02 -41.85
N ALA X 233 51.99 9.08 -42.78
CA ALA X 233 51.91 7.67 -42.42
C ALA X 233 53.20 7.21 -41.76
N VAL X 234 54.34 7.48 -42.41
CA VAL X 234 55.64 7.12 -41.86
C VAL X 234 55.80 7.73 -40.47
N ALA X 235 55.39 8.99 -40.31
CA ALA X 235 55.49 9.66 -39.01
C ALA X 235 54.70 8.90 -37.96
N ARG X 236 53.41 8.63 -38.22
CA ARG X 236 52.60 7.87 -37.28
C ARG X 236 53.21 6.49 -37.04
N ARG X 237 53.74 5.87 -38.09
CA ARG X 237 54.38 4.56 -37.95
C ARG X 237 55.54 4.65 -36.97
N HIS X 238 56.43 5.62 -37.17
CA HIS X 238 57.56 5.79 -36.27
C HIS X 238 57.09 6.06 -34.84
N ARG X 239 56.05 6.88 -34.69
CA ARG X 239 55.49 7.12 -33.37
C ARG X 239 54.96 5.83 -32.75
N SER X 240 54.24 5.02 -33.53
CA SER X 240 53.62 3.82 -33.01
C SER X 240 54.63 2.75 -32.61
N GLN X 241 55.74 2.62 -33.35
CA GLN X 241 56.76 1.63 -32.98
C GLN X 241 57.25 1.89 -31.55
N GLY X 242 57.55 3.15 -31.23
CA GLY X 242 57.95 3.48 -29.88
C GLY X 242 56.91 3.09 -28.84
N GLN X 243 55.62 3.30 -29.15
CA GLN X 243 54.55 3.00 -28.21
C GLN X 243 54.54 1.53 -27.78
N GLU X 244 54.76 0.60 -28.71
CA GLU X 244 54.74 -0.81 -28.32
C GLU X 244 55.93 -1.14 -27.43
N GLU X 245 57.12 -0.61 -27.74
CA GLU X 245 58.28 -0.83 -26.88
C GLU X 245 57.98 -0.36 -25.46
N ALA X 246 57.35 0.80 -25.32
CA ALA X 246 56.96 1.32 -24.01
C ALA X 246 56.12 0.31 -23.24
N GLU X 247 55.03 -0.15 -23.85
CA GLU X 247 54.16 -1.13 -23.21
C GLU X 247 54.93 -2.39 -22.83
N LYS X 248 55.79 -2.88 -23.73
CA LYS X 248 56.59 -4.07 -23.44
C LYS X 248 57.42 -3.87 -22.18
N LEU X 249 58.17 -2.75 -22.12
CA LEU X 249 58.96 -2.46 -20.92
C LEU X 249 58.05 -2.30 -19.71
N ARG X 250 56.88 -1.67 -19.89
CA ARG X 250 55.93 -1.50 -18.80
C ARG X 250 55.50 -2.85 -18.24
N ALA X 251 55.16 -3.79 -19.13
CA ALA X 251 54.72 -5.11 -18.68
C ALA X 251 55.85 -5.85 -17.96
N THR X 252 57.09 -5.68 -18.43
CA THR X 252 58.22 -6.31 -17.75
C THR X 252 58.32 -5.85 -16.30
N ALA X 253 58.14 -4.55 -16.07
CA ALA X 253 58.17 -4.01 -14.71
C ALA X 253 57.13 -4.69 -13.83
N ASP X 254 55.90 -4.81 -14.34
CA ASP X 254 54.81 -5.45 -13.60
C ASP X 254 55.19 -6.84 -13.10
N TYR X 255 55.72 -7.67 -14.00
CA TYR X 255 56.14 -9.02 -13.63
C TYR X 255 57.11 -9.01 -12.44
N GLU X 256 58.22 -8.28 -12.58
CA GLU X 256 59.24 -8.26 -11.52
C GLU X 256 58.68 -7.77 -10.17
N VAL X 257 57.90 -6.69 -10.17
CA VAL X 257 57.33 -6.21 -8.91
C VAL X 257 56.47 -7.30 -8.26
N THR X 258 55.63 -7.96 -9.06
CA THR X 258 54.76 -9.02 -8.54
C THR X 258 55.58 -10.16 -7.97
N ARG X 259 56.68 -10.53 -8.66
CA ARG X 259 57.57 -11.56 -8.16
C ARG X 259 58.05 -11.24 -6.75
N THR X 260 58.61 -10.04 -6.56
CA THR X 260 59.08 -9.62 -5.25
C THR X 260 57.93 -9.62 -4.24
N LEU X 261 56.76 -9.09 -4.61
CA LEU X 261 55.62 -9.08 -3.71
C LEU X 261 55.27 -10.50 -3.29
N ALA X 262 55.20 -11.43 -4.25
CA ALA X 262 54.89 -12.81 -3.92
C ALA X 262 56.00 -13.42 -3.05
N GLU X 263 57.26 -13.16 -3.41
CA GLU X 263 58.39 -13.63 -2.63
C GLU X 263 58.24 -13.24 -1.17
N ALA X 264 57.92 -11.97 -0.92
CA ALA X 264 57.72 -11.49 0.44
C ALA X 264 56.56 -12.23 1.12
N GLU X 265 55.45 -12.40 0.39
CA GLU X 265 54.30 -13.10 0.96
C GLU X 265 54.66 -14.52 1.38
N ARG X 266 55.56 -15.18 0.64
CA ARG X 266 55.98 -16.52 1.01
C ARG X 266 56.69 -16.51 2.35
N GLN X 267 57.68 -15.64 2.51
CA GLN X 267 58.40 -15.53 3.78
C GLN X 267 57.45 -15.18 4.93
N GLY X 268 56.41 -14.40 4.66
CA GLY X 268 55.48 -14.03 5.72
C GLY X 268 54.70 -15.23 6.24
N ARG X 269 54.15 -16.03 5.32
CA ARG X 269 53.39 -17.21 5.72
C ARG X 269 54.24 -18.14 6.57
N ILE X 270 55.49 -18.38 6.15
CA ILE X 270 56.44 -19.22 6.91
C ILE X 270 56.48 -18.77 8.36
N MET X 271 56.77 -17.49 8.58
CA MET X 271 56.83 -16.96 9.94
C MET X 271 55.44 -16.94 10.57
N ARG X 272 54.43 -16.54 9.79
CA ARG X 272 53.06 -16.49 10.30
C ARG X 272 52.54 -17.86 10.70
N GLY X 273 53.14 -18.94 10.19
CA GLY X 273 52.71 -20.27 10.56
C GLY X 273 53.31 -20.66 11.89
N GLU X 274 54.64 -20.45 12.03
CA GLU X 274 55.34 -20.70 13.27
C GLU X 274 54.61 -20.09 14.47
N GLY X 275 54.03 -18.90 14.27
CA GLY X 275 53.28 -18.22 15.31
C GLY X 275 52.12 -19.04 15.83
N ASP X 276 51.14 -19.31 14.97
CA ASP X 276 49.98 -20.08 15.40
C ASP X 276 50.38 -21.51 15.77
N ALA X 277 51.38 -22.07 15.08
CA ALA X 277 51.82 -23.42 15.42
C ALA X 277 52.43 -23.45 16.83
N GLU X 278 53.19 -22.41 17.18
CA GLU X 278 53.77 -22.33 18.51
C GLU X 278 52.69 -22.10 19.56
N ALA X 279 51.72 -21.23 19.26
CA ALA X 279 50.65 -20.94 20.20
C ALA X 279 49.70 -22.12 20.35
N ALA X 280 49.57 -22.96 19.32
CA ALA X 280 48.67 -24.10 19.39
C ALA X 280 49.04 -25.04 20.53
N LYS X 281 50.33 -25.17 20.82
CA LYS X 281 50.75 -26.02 21.94
C LYS X 281 50.29 -25.42 23.26
N LEU X 282 50.37 -24.09 23.39
CA LEU X 282 49.93 -23.43 24.62
C LEU X 282 48.44 -23.64 24.85
N PHE X 283 47.63 -23.44 23.80
CA PHE X 283 46.19 -23.67 23.92
C PHE X 283 45.89 -25.12 24.28
N ALA X 284 46.55 -26.06 23.61
CA ALA X 284 46.28 -27.48 23.81
C ALA X 284 46.63 -27.94 25.22
N ASP X 285 47.88 -27.76 25.65
CA ASP X 285 48.28 -28.25 26.97
C ASP X 285 47.54 -27.51 28.09
N ALA X 286 47.31 -26.20 27.91
CA ALA X 286 46.59 -25.43 28.91
C ALA X 286 45.15 -25.91 29.04
N PHE X 287 44.40 -25.88 27.94
CA PHE X 287 43.00 -26.28 27.96
C PHE X 287 42.79 -27.78 28.05
N SER X 288 43.85 -28.59 27.96
CA SER X 288 43.67 -30.04 28.07
C SER X 288 43.36 -30.50 29.49
N LYS X 289 43.27 -29.59 30.46
CA LYS X 289 42.93 -29.94 31.83
C LYS X 289 41.44 -30.22 31.97
N ASP X 290 40.61 -29.39 31.35
CA ASP X 290 39.15 -29.54 31.42
C ASP X 290 38.57 -29.04 30.10
N PRO X 291 38.36 -29.94 29.13
CA PRO X 291 37.78 -29.48 27.84
C PRO X 291 36.36 -28.96 27.98
N ASP X 292 35.50 -29.68 28.69
CA ASP X 292 34.10 -29.26 28.87
C ASP X 292 34.01 -27.87 29.46
N PHE X 293 34.84 -27.57 30.47
CA PHE X 293 34.81 -26.24 31.07
C PHE X 293 35.28 -25.18 30.08
N TYR X 294 36.38 -25.46 29.36
CA TYR X 294 36.86 -24.50 28.36
C TYR X 294 35.83 -24.27 27.28
N ALA X 295 35.08 -25.32 26.91
CA ALA X 295 34.05 -25.19 25.89
C ALA X 295 32.95 -24.23 26.36
N PHE X 296 32.61 -24.30 27.65
CA PHE X 296 31.58 -23.45 28.21
C PHE X 296 31.99 -21.98 28.14
N ILE X 297 33.15 -21.66 28.73
CA ILE X 297 33.67 -20.28 28.75
C ILE X 297 33.77 -19.73 27.34
N ARG X 298 34.46 -20.44 26.45
CA ARG X 298 34.65 -19.99 25.08
C ARG X 298 33.34 -19.84 24.32
N SER X 299 32.50 -20.89 24.36
CA SER X 299 31.23 -20.85 23.64
C SER X 299 30.36 -19.66 24.06
N LEU X 300 30.38 -19.31 25.35
CA LEU X 300 29.58 -18.18 25.81
C LEU X 300 30.08 -16.88 25.17
N ARG X 301 31.39 -16.66 25.19
CA ARG X 301 31.99 -15.48 24.57
C ARG X 301 31.53 -15.34 23.12
N ALA X 302 31.63 -16.42 22.34
CA ALA X 302 31.21 -16.44 20.94
C ALA X 302 29.82 -15.85 20.75
N TYR X 303 28.86 -16.31 21.56
CA TYR X 303 27.49 -15.81 21.45
C TYR X 303 27.43 -14.28 21.60
N GLU X 304 28.06 -13.75 22.65
CA GLU X 304 28.09 -12.31 22.88
C GLU X 304 28.61 -11.56 21.66
N ASN X 305 29.63 -12.10 21.00
CA ASN X 305 30.21 -11.46 19.82
C ASN X 305 29.35 -11.68 18.59
N SER X 306 28.76 -12.86 18.44
CA SER X 306 27.95 -13.16 17.26
C SER X 306 26.64 -12.38 17.25
N PHE X 307 25.98 -12.28 18.40
CA PHE X 307 24.71 -11.56 18.50
C PHE X 307 24.89 -10.09 18.90
N SER X 308 26.13 -9.60 18.94
CA SER X 308 26.40 -8.20 19.30
C SER X 308 25.53 -7.22 18.51
N GLY X 309 25.48 -7.38 17.20
CA GLY X 309 24.69 -6.49 16.38
C GLY X 309 23.20 -6.73 16.52
N ASN X 310 22.43 -5.63 16.45
CA ASN X 310 20.97 -5.70 16.56
C ASN X 310 20.36 -5.96 15.19
N GLN X 311 20.69 -7.13 14.64
CA GLN X 311 20.19 -7.57 13.35
C GLN X 311 19.61 -8.98 13.42
N ASP X 312 19.24 -9.45 14.61
CA ASP X 312 18.69 -10.78 14.80
C ASP X 312 17.35 -10.69 15.51
N VAL X 313 16.59 -11.78 15.42
CA VAL X 313 15.28 -11.89 16.07
C VAL X 313 15.20 -13.28 16.69
N MET X 314 15.36 -13.35 18.01
CA MET X 314 15.34 -14.63 18.74
C MET X 314 13.91 -14.96 19.11
N VAL X 315 13.30 -15.88 18.34
CA VAL X 315 11.91 -16.28 18.58
C VAL X 315 11.95 -17.43 19.58
N MET X 316 11.97 -17.09 20.87
CA MET X 316 11.96 -18.07 21.94
C MET X 316 10.52 -18.40 22.33
N SER X 317 10.37 -19.43 23.16
CA SER X 317 9.08 -19.87 23.66
C SER X 317 8.91 -19.51 25.14
N PRO X 318 7.68 -19.39 25.63
CA PRO X 318 7.50 -19.11 27.06
C PRO X 318 7.95 -20.27 27.95
N ASP X 319 7.97 -21.48 27.41
CA ASP X 319 8.39 -22.67 28.15
C ASP X 319 9.92 -22.80 28.25
N SER X 320 10.66 -22.01 27.48
CA SER X 320 12.12 -22.00 27.48
C SER X 320 12.70 -22.04 28.88
N ASP X 321 13.76 -22.84 29.04
CA ASP X 321 14.42 -23.01 30.33
C ASP X 321 14.86 -21.68 30.93
N PHE X 322 15.43 -20.78 30.11
CA PHE X 322 15.88 -19.49 30.64
C PHE X 322 14.72 -18.69 31.24
N PHE X 323 13.49 -18.95 30.78
CA PHE X 323 12.30 -18.29 31.31
C PHE X 323 11.58 -19.16 32.34
N ARG X 324 12.33 -20.04 33.02
CA ARG X 324 11.78 -20.90 34.05
C ARG X 324 11.27 -20.10 35.24
N TYR X 325 11.82 -18.91 35.46
CA TYR X 325 11.47 -18.05 36.60
C TYR X 325 10.55 -16.91 36.17
N MET X 326 9.67 -17.21 35.23
CA MET X 326 8.65 -16.29 34.73
C MET X 326 7.26 -16.90 34.87
N LYS X 327 7.14 -18.02 35.59
CA LYS X 327 5.91 -18.72 35.88
C LYS X 327 5.66 -18.58 37.37
N THR X 328 4.42 -18.23 37.76
CA THR X 328 4.02 -17.95 39.14
C THR X 328 4.62 -18.95 40.14
N PRO X 329 5.36 -18.48 41.17
CA PRO X 329 5.92 -19.45 42.12
C PRO X 329 4.85 -20.25 42.86
#